data_2DN7
#
_entry.id   2DN7
#
_entity_poly.entity_id   1
_entity_poly.type   'polypeptide(L)'
_entity_poly.pdbx_seq_one_letter_code
;GSSGSSGPGRPTMMISTTAMNTALLQWHPPKELPGELLGYRLQYCRADEARPNTIDFGKDDQHFTVTGLHKGTTYIFRLA
AKNRAGLGEEFEKEIRTPEDLSGPSSG
;
_entity_poly.pdbx_strand_id   A
#
# COMPACT_ATOMS: atom_id res chain seq x y z
N GLY A 1 -14.19 17.13 -18.11
CA GLY A 1 -15.13 16.18 -18.68
C GLY A 1 -14.44 15.00 -19.34
N SER A 2 -13.91 15.22 -20.54
CA SER A 2 -13.23 14.16 -21.28
C SER A 2 -14.10 12.92 -21.37
N SER A 3 -15.37 13.12 -21.68
CA SER A 3 -16.32 12.02 -21.81
C SER A 3 -16.13 11.01 -20.67
N GLY A 4 -15.99 11.51 -19.45
CA GLY A 4 -15.80 10.65 -18.30
C GLY A 4 -14.35 10.50 -17.93
N SER A 5 -13.78 9.33 -18.20
CA SER A 5 -12.38 9.05 -17.89
C SER A 5 -12.14 9.17 -16.38
N SER A 6 -13.18 8.92 -15.60
CA SER A 6 -13.08 9.01 -14.15
C SER A 6 -12.10 7.97 -13.61
N GLY A 7 -12.43 6.70 -13.77
CA GLY A 7 -11.57 5.64 -13.30
C GLY A 7 -12.20 4.83 -12.19
N PRO A 8 -11.52 3.75 -11.78
CA PRO A 8 -12.00 2.87 -10.70
C PRO A 8 -11.96 3.55 -9.34
N GLY A 9 -12.51 2.86 -8.34
CA GLY A 9 -12.52 3.41 -6.99
C GLY A 9 -11.23 3.14 -6.24
N ARG A 10 -11.31 3.14 -4.92
CA ARG A 10 -10.14 2.89 -4.09
C ARG A 10 -10.18 1.48 -3.49
N PRO A 11 -9.10 0.71 -3.71
CA PRO A 11 -9.00 -0.65 -3.19
C PRO A 11 -8.84 -0.70 -1.68
N THR A 12 -9.22 -1.83 -1.09
CA THR A 12 -9.14 -2.00 0.36
C THR A 12 -7.79 -2.59 0.76
N MET A 13 -6.91 -1.74 1.28
CA MET A 13 -5.58 -2.18 1.70
C MET A 13 -5.57 -2.50 3.19
N MET A 14 -4.92 -3.60 3.56
CA MET A 14 -4.83 -4.01 4.95
C MET A 14 -3.39 -4.35 5.33
N ILE A 15 -2.77 -3.47 6.12
CA ILE A 15 -1.39 -3.67 6.55
C ILE A 15 -1.34 -4.28 7.95
N SER A 16 -0.59 -5.36 8.08
CA SER A 16 -0.45 -6.05 9.37
C SER A 16 1.01 -6.39 9.66
N THR A 17 1.51 -5.94 10.80
CA THR A 17 2.88 -6.20 11.18
C THR A 17 3.01 -7.56 11.87
N THR A 18 3.83 -8.43 11.30
CA THR A 18 4.05 -9.77 11.85
C THR A 18 5.47 -9.93 12.36
N ALA A 19 6.42 -10.04 11.44
CA ALA A 19 7.82 -10.20 11.79
C ALA A 19 8.44 -8.87 12.19
N MET A 20 9.58 -8.92 12.86
CA MET A 20 10.27 -7.70 13.30
C MET A 20 10.79 -6.92 12.10
N ASN A 21 10.37 -5.66 12.01
CA ASN A 21 10.78 -4.80 10.91
C ASN A 21 10.21 -5.29 9.58
N THR A 22 9.00 -5.84 9.63
CA THR A 22 8.34 -6.35 8.44
C THR A 22 6.85 -6.04 8.46
N ALA A 23 6.32 -5.55 7.34
CA ALA A 23 4.91 -5.21 7.23
C ALA A 23 4.25 -5.99 6.10
N LEU A 24 3.26 -6.81 6.44
CA LEU A 24 2.55 -7.60 5.45
C LEU A 24 1.49 -6.77 4.74
N LEU A 25 1.54 -6.77 3.41
CA LEU A 25 0.59 -6.01 2.60
C LEU A 25 -0.46 -6.93 1.98
N GLN A 26 -1.73 -6.62 2.23
CA GLN A 26 -2.82 -7.41 1.69
C GLN A 26 -4.01 -6.53 1.33
N TRP A 27 -4.35 -6.51 0.04
CA TRP A 27 -5.46 -5.70 -0.44
C TRP A 27 -6.41 -6.54 -1.30
N HIS A 28 -7.50 -5.93 -1.74
CA HIS A 28 -8.48 -6.62 -2.58
C HIS A 28 -8.99 -5.71 -3.69
N PRO A 29 -9.55 -6.33 -4.73
CA PRO A 29 -10.08 -5.59 -5.88
C PRO A 29 -11.35 -4.81 -5.55
N PRO A 30 -11.44 -3.58 -6.06
CA PRO A 30 -12.59 -2.71 -5.83
C PRO A 30 -13.86 -3.20 -6.52
N LYS A 31 -14.99 -2.62 -6.17
CA LYS A 31 -16.27 -2.99 -6.77
C LYS A 31 -16.78 -1.91 -7.72
N GLU A 32 -16.35 -0.67 -7.48
CA GLU A 32 -16.76 0.45 -8.31
C GLU A 32 -15.84 0.61 -9.51
N LEU A 33 -15.20 -0.49 -9.90
CA LEU A 33 -14.28 -0.48 -11.04
C LEU A 33 -15.01 -0.84 -12.32
N PRO A 34 -15.20 0.16 -13.19
CA PRO A 34 -15.88 -0.02 -14.47
C PRO A 34 -15.05 -0.83 -15.46
N GLY A 35 -15.32 -2.14 -15.52
CA GLY A 35 -14.57 -3.01 -16.42
C GLY A 35 -14.07 -4.26 -15.73
N GLU A 36 -12.76 -4.51 -15.86
CA GLU A 36 -12.15 -5.68 -15.25
C GLU A 36 -10.77 -5.35 -14.69
N LEU A 37 -10.41 -6.00 -13.58
CA LEU A 37 -9.12 -5.77 -12.95
C LEU A 37 -7.97 -6.25 -13.85
N LEU A 38 -7.05 -5.33 -14.16
CA LEU A 38 -5.91 -5.66 -15.01
C LEU A 38 -4.61 -5.51 -14.23
N GLY A 39 -4.59 -4.59 -13.28
CA GLY A 39 -3.40 -4.36 -12.47
C GLY A 39 -3.54 -3.20 -11.51
N TYR A 40 -2.49 -2.93 -10.77
CA TYR A 40 -2.52 -1.83 -9.80
C TYR A 40 -1.09 -1.45 -9.37
N ARG A 41 -0.91 -0.20 -8.97
CA ARG A 41 0.39 0.28 -8.53
C ARG A 41 0.42 0.45 -7.02
N LEU A 42 1.60 0.29 -6.43
CA LEU A 42 1.77 0.43 -4.99
C LEU A 42 2.79 1.52 -4.66
N GLN A 43 2.40 2.45 -3.79
CA GLN A 43 3.28 3.54 -3.40
C GLN A 43 3.35 3.66 -1.88
N TYR A 44 4.56 3.57 -1.34
CA TYR A 44 4.76 3.67 0.10
C TYR A 44 6.13 4.25 0.42
N CYS A 45 6.16 5.23 1.32
CA CYS A 45 7.40 5.88 1.71
C CYS A 45 7.29 6.45 3.12
N ARG A 46 8.37 7.09 3.58
CA ARG A 46 8.39 7.69 4.91
C ARG A 46 7.49 8.92 4.97
N ALA A 47 7.13 9.31 6.19
CA ALA A 47 6.27 10.47 6.39
C ALA A 47 7.05 11.77 6.19
N ASP A 48 8.34 11.64 5.90
CA ASP A 48 9.19 12.81 5.68
C ASP A 48 9.76 12.80 4.26
N GLU A 49 9.43 11.77 3.50
CA GLU A 49 9.91 11.64 2.13
C GLU A 49 8.87 12.14 1.14
N ALA A 50 9.33 12.78 0.07
CA ALA A 50 8.44 13.31 -0.96
C ALA A 50 8.45 12.44 -2.21
N ARG A 51 9.38 11.49 -2.24
CA ARG A 51 9.51 10.59 -3.38
C ARG A 51 8.99 9.20 -3.04
N PRO A 52 7.71 8.94 -3.41
CA PRO A 52 7.06 7.66 -3.15
C PRO A 52 7.64 6.54 -4.01
N ASN A 53 7.88 5.39 -3.38
CA ASN A 53 8.43 4.23 -4.09
C ASN A 53 7.36 3.55 -4.94
N THR A 54 7.39 3.83 -6.25
CA THR A 54 6.43 3.26 -7.17
C THR A 54 6.73 1.78 -7.43
N ILE A 55 5.68 0.97 -7.47
CA ILE A 55 5.83 -0.46 -7.71
C ILE A 55 4.69 -1.00 -8.57
N ASP A 56 5.03 -1.89 -9.50
CA ASP A 56 4.03 -2.48 -10.39
C ASP A 56 3.56 -3.82 -9.84
N PHE A 57 2.24 -4.02 -9.83
CA PHE A 57 1.66 -5.26 -9.34
C PHE A 57 0.59 -5.78 -10.29
N GLY A 58 0.56 -7.10 -10.47
CA GLY A 58 -0.40 -7.70 -11.37
C GLY A 58 -1.71 -8.05 -10.66
N LYS A 59 -2.80 -8.03 -11.41
CA LYS A 59 -4.11 -8.35 -10.85
C LYS A 59 -4.02 -9.51 -9.86
N ASP A 60 -3.01 -10.36 -10.05
CA ASP A 60 -2.81 -11.51 -9.19
C ASP A 60 -2.20 -11.09 -7.86
N ASP A 61 -1.24 -10.18 -7.91
CA ASP A 61 -0.58 -9.68 -6.71
C ASP A 61 -1.57 -8.97 -5.80
N GLN A 62 -2.13 -9.70 -4.85
CA GLN A 62 -3.09 -9.14 -3.90
C GLN A 62 -2.43 -8.82 -2.57
N HIS A 63 -1.14 -9.10 -2.47
CA HIS A 63 -0.39 -8.84 -1.25
C HIS A 63 1.12 -8.75 -1.54
N PHE A 64 1.86 -8.20 -0.59
CA PHE A 64 3.30 -8.06 -0.73
C PHE A 64 4.00 -8.20 0.61
N THR A 65 5.27 -8.62 0.57
CA THR A 65 6.05 -8.80 1.79
C THR A 65 7.17 -7.76 1.88
N VAL A 66 7.09 -6.90 2.89
CA VAL A 66 8.09 -5.86 3.08
C VAL A 66 8.90 -6.11 4.35
N THR A 67 10.21 -6.21 4.20
CA THR A 67 11.09 -6.44 5.35
C THR A 67 12.21 -5.42 5.39
N GLY A 68 12.70 -5.13 6.59
CA GLY A 68 13.77 -4.17 6.76
C GLY A 68 13.26 -2.78 7.07
N LEU A 69 11.96 -2.66 7.27
CA LEU A 69 11.34 -1.38 7.60
C LEU A 69 11.97 -0.77 8.84
N HIS A 70 12.19 0.54 8.80
CA HIS A 70 12.78 1.25 9.93
C HIS A 70 11.84 1.25 11.12
N LYS A 71 12.28 0.65 12.23
CA LYS A 71 11.47 0.59 13.44
C LYS A 71 11.25 1.98 14.03
N GLY A 72 10.14 2.16 14.73
CA GLY A 72 9.83 3.44 15.33
C GLY A 72 9.71 4.54 14.30
N THR A 73 9.22 4.20 13.12
CA THR A 73 9.06 5.16 12.04
C THR A 73 7.68 5.04 11.38
N THR A 74 7.02 6.18 11.17
CA THR A 74 5.70 6.18 10.55
C THR A 74 5.80 6.13 9.04
N TYR A 75 4.99 5.27 8.43
CA TYR A 75 5.00 5.12 6.98
C TYR A 75 3.62 5.41 6.40
N ILE A 76 3.57 5.64 5.09
CA ILE A 76 2.30 5.93 4.42
C ILE A 76 2.16 5.09 3.15
N PHE A 77 1.36 4.03 3.23
CA PHE A 77 1.14 3.15 2.10
C PHE A 77 -0.04 3.65 1.24
N ARG A 78 0.08 3.48 -0.06
CA ARG A 78 -0.96 3.92 -0.98
C ARG A 78 -1.13 2.92 -2.13
N LEU A 79 -2.38 2.59 -2.44
CA LEU A 79 -2.68 1.64 -3.51
C LEU A 79 -3.78 2.19 -4.42
N ALA A 80 -3.78 1.73 -5.67
CA ALA A 80 -4.77 2.17 -6.64
C ALA A 80 -5.11 1.04 -7.61
N ALA A 81 -6.36 1.03 -8.07
CA ALA A 81 -6.82 0.00 -9.01
C ALA A 81 -6.67 0.47 -10.45
N LYS A 82 -6.35 -0.46 -11.34
CA LYS A 82 -6.17 -0.15 -12.75
C LYS A 82 -7.11 -0.99 -13.61
N ASN A 83 -7.96 -0.32 -14.38
CA ASN A 83 -8.91 -1.00 -15.26
C ASN A 83 -8.59 -0.72 -16.72
N ARG A 84 -9.41 -1.28 -17.61
CA ARG A 84 -9.22 -1.10 -19.05
C ARG A 84 -9.10 0.39 -19.39
N ALA A 85 -9.52 1.24 -18.47
CA ALA A 85 -9.45 2.68 -18.66
C ALA A 85 -8.18 3.27 -18.06
N GLY A 86 -7.73 2.67 -16.97
CA GLY A 86 -6.52 3.14 -16.31
C GLY A 86 -6.63 3.13 -14.80
N LEU A 87 -5.77 3.88 -14.14
CA LEU A 87 -5.78 3.96 -12.68
C LEU A 87 -6.91 4.87 -12.19
N GLY A 88 -7.42 4.57 -11.00
CA GLY A 88 -8.49 5.37 -10.44
C GLY A 88 -8.14 5.94 -9.08
N GLU A 89 -9.12 5.99 -8.19
CA GLU A 89 -8.91 6.51 -6.84
C GLU A 89 -7.77 5.77 -6.14
N GLU A 90 -7.22 6.40 -5.11
CA GLU A 90 -6.12 5.79 -4.36
C GLU A 90 -6.44 5.75 -2.87
N PHE A 91 -6.07 4.65 -2.22
CA PHE A 91 -6.32 4.48 -0.80
C PHE A 91 -5.10 4.90 0.03
N GLU A 92 -5.36 5.48 1.19
CA GLU A 92 -4.29 5.93 2.08
C GLU A 92 -4.32 5.17 3.40
N LYS A 93 -3.14 4.82 3.90
CA LYS A 93 -3.01 4.10 5.15
C LYS A 93 -1.77 4.53 5.92
N GLU A 94 -1.95 4.89 7.19
CA GLU A 94 -0.84 5.32 8.02
C GLU A 94 -0.58 4.32 9.13
N ILE A 95 0.68 3.89 9.25
CA ILE A 95 1.06 2.92 10.27
C ILE A 95 2.35 3.35 10.98
N ARG A 96 2.80 2.53 11.92
CA ARG A 96 4.02 2.82 12.66
C ARG A 96 4.67 1.54 13.15
N THR A 97 5.88 1.26 12.65
CA THR A 97 6.61 0.07 13.05
C THR A 97 6.94 0.08 14.53
N PRO A 98 6.96 -1.11 15.14
CA PRO A 98 7.25 -1.27 16.57
C PRO A 98 8.71 -0.98 16.89
N GLU A 99 8.93 0.03 17.73
CA GLU A 99 10.29 0.41 18.12
C GLU A 99 10.89 -0.62 19.06
N ASP A 100 12.20 -0.50 19.31
CA ASP A 100 12.89 -1.43 20.20
C ASP A 100 12.44 -1.24 21.64
N LEU A 101 12.55 -2.30 22.44
CA LEU A 101 12.15 -2.26 23.84
C LEU A 101 13.37 -2.27 24.75
N SER A 102 14.32 -3.14 24.44
CA SER A 102 15.54 -3.25 25.24
C SER A 102 15.21 -3.48 26.70
N GLY A 103 14.21 -4.32 26.95
CA GLY A 103 13.80 -4.62 28.32
C GLY A 103 14.88 -5.37 29.09
N PRO A 104 14.68 -5.49 30.41
CA PRO A 104 15.62 -6.19 31.29
C PRO A 104 15.64 -7.69 31.04
N SER A 105 16.83 -8.24 30.88
CA SER A 105 16.99 -9.67 30.63
C SER A 105 17.37 -10.41 31.92
N SER A 106 16.75 -10.01 33.02
CA SER A 106 17.03 -10.62 34.32
C SER A 106 16.68 -12.11 34.31
N GLY A 107 17.33 -12.87 35.18
CA GLY A 107 17.08 -14.29 35.25
C GLY A 107 17.09 -14.81 36.68
N GLY A 1 -16.04 19.56 -11.23
CA GLY A 1 -15.76 18.50 -12.19
C GLY A 1 -16.28 18.83 -13.58
N SER A 2 -15.68 18.21 -14.59
CA SER A 2 -16.08 18.44 -15.97
C SER A 2 -16.95 17.29 -16.49
N SER A 3 -16.41 16.08 -16.42
CA SER A 3 -17.14 14.90 -16.87
C SER A 3 -17.51 14.00 -15.70
N GLY A 4 -16.51 13.66 -14.89
CA GLY A 4 -16.76 12.81 -13.74
C GLY A 4 -15.55 11.95 -13.39
N SER A 5 -15.81 10.76 -12.86
CA SER A 5 -14.73 9.85 -12.48
C SER A 5 -14.69 8.64 -13.40
N SER A 6 -14.00 8.78 -14.53
CA SER A 6 -13.89 7.70 -15.49
C SER A 6 -12.82 6.70 -15.07
N GLY A 7 -12.85 6.30 -13.81
CA GLY A 7 -11.88 5.36 -13.30
C GLY A 7 -12.39 4.61 -12.08
N PRO A 8 -11.65 3.56 -11.67
CA PRO A 8 -12.01 2.75 -10.51
C PRO A 8 -11.84 3.50 -9.19
N GLY A 9 -12.49 2.99 -8.14
CA GLY A 9 -12.40 3.63 -6.85
C GLY A 9 -11.12 3.28 -6.12
N ARG A 10 -11.15 3.40 -4.79
CA ARG A 10 -9.97 3.10 -3.98
C ARG A 10 -10.06 1.69 -3.40
N PRO A 11 -9.01 0.89 -3.66
CA PRO A 11 -8.94 -0.50 -3.18
C PRO A 11 -8.75 -0.58 -1.67
N THR A 12 -9.17 -1.70 -1.09
CA THR A 12 -9.05 -1.90 0.36
C THR A 12 -7.71 -2.51 0.72
N MET A 13 -6.81 -1.70 1.26
CA MET A 13 -5.49 -2.16 1.65
C MET A 13 -5.46 -2.54 3.13
N MET A 14 -4.82 -3.66 3.44
CA MET A 14 -4.71 -4.13 4.81
C MET A 14 -3.26 -4.40 5.19
N ILE A 15 -2.67 -3.50 5.97
CA ILE A 15 -1.29 -3.64 6.40
C ILE A 15 -1.21 -4.17 7.82
N SER A 16 -0.50 -5.29 8.00
CA SER A 16 -0.34 -5.89 9.31
C SER A 16 1.12 -6.29 9.57
N THR A 17 1.61 -5.95 10.76
CA THR A 17 2.98 -6.28 11.12
C THR A 17 3.08 -7.65 11.77
N THR A 18 4.00 -8.47 11.27
CA THR A 18 4.19 -9.81 11.80
C THR A 18 5.62 -10.02 12.28
N ALA A 19 6.55 -10.15 11.32
CA ALA A 19 7.95 -10.34 11.64
C ALA A 19 8.60 -9.04 12.11
N MET A 20 9.89 -9.10 12.40
CA MET A 20 10.63 -7.93 12.85
C MET A 20 11.00 -7.03 11.67
N ASN A 21 10.60 -5.77 11.74
CA ASN A 21 10.90 -4.81 10.68
C ASN A 21 10.29 -5.26 9.36
N THR A 22 9.11 -5.86 9.43
CA THR A 22 8.42 -6.34 8.24
C THR A 22 6.92 -6.02 8.30
N ALA A 23 6.39 -5.54 7.19
CA ALA A 23 4.97 -5.20 7.12
C ALA A 23 4.26 -6.00 6.02
N LEU A 24 3.29 -6.80 6.41
CA LEU A 24 2.54 -7.62 5.46
C LEU A 24 1.49 -6.78 4.73
N LEU A 25 1.55 -6.79 3.41
CA LEU A 25 0.60 -6.04 2.60
C LEU A 25 -0.47 -6.95 2.00
N GLN A 26 -1.73 -6.64 2.25
CA GLN A 26 -2.83 -7.43 1.74
C GLN A 26 -4.02 -6.55 1.37
N TRP A 27 -4.36 -6.52 0.09
CA TRP A 27 -5.49 -5.71 -0.38
C TRP A 27 -6.44 -6.55 -1.23
N HIS A 28 -7.53 -5.93 -1.66
CA HIS A 28 -8.52 -6.62 -2.48
C HIS A 28 -9.07 -5.70 -3.57
N PRO A 29 -9.60 -6.31 -4.64
CA PRO A 29 -10.17 -5.56 -5.77
C PRO A 29 -11.46 -4.83 -5.41
N PRO A 30 -11.61 -3.61 -5.92
CA PRO A 30 -12.79 -2.78 -5.67
C PRO A 30 -14.05 -3.32 -6.34
N LYS A 31 -15.18 -2.68 -6.09
CA LYS A 31 -16.44 -3.10 -6.67
C LYS A 31 -17.00 -2.02 -7.61
N GLU A 32 -16.48 -0.80 -7.47
CA GLU A 32 -16.92 0.31 -8.31
C GLU A 32 -15.97 0.52 -9.48
N LEU A 33 -15.29 -0.55 -9.88
CA LEU A 33 -14.35 -0.48 -11.00
C LEU A 33 -15.06 -0.75 -12.32
N PRO A 34 -15.16 0.29 -13.16
CA PRO A 34 -15.81 0.19 -14.47
C PRO A 34 -15.00 -0.65 -15.45
N GLY A 35 -15.35 -1.92 -15.56
CA GLY A 35 -14.64 -2.81 -16.47
C GLY A 35 -14.15 -4.07 -15.78
N GLU A 36 -12.85 -4.33 -15.88
CA GLU A 36 -12.27 -5.52 -15.26
C GLU A 36 -10.89 -5.21 -14.69
N LEU A 37 -10.53 -5.89 -13.61
CA LEU A 37 -9.24 -5.70 -12.97
C LEU A 37 -8.10 -6.21 -13.85
N LEU A 38 -7.11 -5.36 -14.09
CA LEU A 38 -5.97 -5.73 -14.91
C LEU A 38 -4.67 -5.59 -14.13
N GLY A 39 -4.64 -4.66 -13.19
CA GLY A 39 -3.45 -4.46 -12.37
C GLY A 39 -3.59 -3.26 -11.45
N TYR A 40 -2.55 -3.02 -10.66
CA TYR A 40 -2.55 -1.90 -9.72
C TYR A 40 -1.13 -1.54 -9.29
N ARG A 41 -0.94 -0.28 -8.92
CA ARG A 41 0.37 0.20 -8.50
C ARG A 41 0.41 0.42 -6.99
N LEU A 42 1.59 0.24 -6.40
CA LEU A 42 1.75 0.42 -4.96
C LEU A 42 2.75 1.53 -4.67
N GLN A 43 2.38 2.44 -3.76
CA GLN A 43 3.25 3.55 -3.40
C GLN A 43 3.27 3.73 -1.88
N TYR A 44 4.45 3.64 -1.29
CA TYR A 44 4.61 3.80 0.15
C TYR A 44 5.98 4.38 0.48
N CYS A 45 6.00 5.32 1.42
CA CYS A 45 7.25 5.95 1.83
C CYS A 45 7.15 6.45 3.28
N ARG A 46 8.27 6.96 3.79
CA ARG A 46 8.31 7.46 5.16
C ARG A 46 7.47 8.73 5.30
N ALA A 47 7.16 9.09 6.53
CA ALA A 47 6.36 10.29 6.81
C ALA A 47 7.18 11.55 6.61
N ASP A 48 8.45 11.39 6.23
CA ASP A 48 9.34 12.51 6.00
C ASP A 48 9.92 12.47 4.60
N GLU A 49 9.28 11.70 3.72
CA GLU A 49 9.74 11.57 2.34
C GLU A 49 8.73 12.20 1.38
N ALA A 50 9.24 12.80 0.31
CA ALA A 50 8.38 13.43 -0.69
C ALA A 50 8.31 12.59 -1.96
N ARG A 51 9.22 11.62 -2.07
CA ARG A 51 9.25 10.75 -3.24
C ARG A 51 8.86 9.31 -2.86
N PRO A 52 7.59 8.96 -3.12
CA PRO A 52 7.07 7.63 -2.81
C PRO A 52 7.66 6.55 -3.72
N ASN A 53 7.79 5.33 -3.19
CA ASN A 53 8.34 4.22 -3.95
C ASN A 53 7.25 3.56 -4.81
N THR A 54 7.30 3.82 -6.10
CA THR A 54 6.33 3.25 -7.03
C THR A 54 6.64 1.79 -7.34
N ILE A 55 5.62 0.95 -7.31
CA ILE A 55 5.79 -0.47 -7.59
C ILE A 55 4.65 -1.00 -8.45
N ASP A 56 4.98 -1.93 -9.34
CA ASP A 56 3.99 -2.52 -10.23
C ASP A 56 3.50 -3.86 -9.68
N PHE A 57 2.19 -4.09 -9.76
CA PHE A 57 1.59 -5.33 -9.27
C PHE A 57 0.52 -5.83 -10.23
N GLY A 58 0.47 -7.14 -10.41
CA GLY A 58 -0.51 -7.74 -11.30
C GLY A 58 -1.80 -8.09 -10.60
N LYS A 59 -2.90 -8.07 -11.33
CA LYS A 59 -4.21 -8.39 -10.78
C LYS A 59 -4.11 -9.55 -9.80
N ASP A 60 -3.10 -10.39 -9.98
CA ASP A 60 -2.90 -11.55 -9.11
C ASP A 60 -2.26 -11.13 -7.79
N ASP A 61 -1.30 -10.21 -7.86
CA ASP A 61 -0.62 -9.73 -6.67
C ASP A 61 -1.57 -8.98 -5.76
N GLN A 62 -2.16 -9.71 -4.81
CA GLN A 62 -3.10 -9.11 -3.86
C GLN A 62 -2.42 -8.82 -2.53
N HIS A 63 -1.14 -9.15 -2.44
CA HIS A 63 -0.38 -8.93 -1.21
C HIS A 63 1.12 -8.86 -1.50
N PHE A 64 1.86 -8.23 -0.60
CA PHE A 64 3.30 -8.10 -0.76
C PHE A 64 4.01 -8.16 0.58
N THR A 65 5.23 -8.70 0.59
CA THR A 65 6.01 -8.82 1.81
C THR A 65 7.14 -7.80 1.84
N VAL A 66 7.05 -6.83 2.74
CA VAL A 66 8.07 -5.80 2.87
C VAL A 66 8.92 -6.02 4.12
N THR A 67 10.23 -6.11 3.92
CA THR A 67 11.16 -6.31 5.03
C THR A 67 12.23 -5.24 5.06
N GLY A 68 12.76 -4.97 6.25
CA GLY A 68 13.79 -3.96 6.40
C GLY A 68 13.23 -2.61 6.81
N LEU A 69 11.94 -2.58 7.10
CA LEU A 69 11.28 -1.34 7.51
C LEU A 69 11.84 -0.83 8.83
N HIS A 70 12.27 0.42 8.85
CA HIS A 70 12.83 1.02 10.06
C HIS A 70 11.82 0.97 11.20
N LYS A 71 12.20 0.29 12.28
CA LYS A 71 11.33 0.16 13.44
C LYS A 71 11.13 1.51 14.12
N GLY A 72 9.96 1.69 14.74
CA GLY A 72 9.66 2.94 15.41
C GLY A 72 9.56 4.11 14.45
N THR A 73 9.11 3.83 13.23
CA THR A 73 8.98 4.87 12.21
C THR A 73 7.61 4.80 11.54
N THR A 74 7.03 5.97 11.29
CA THR A 74 5.73 6.06 10.65
C THR A 74 5.85 5.99 9.13
N TYR A 75 4.93 5.27 8.50
CA TYR A 75 4.94 5.14 7.05
C TYR A 75 3.56 5.44 6.46
N ILE A 76 3.52 5.65 5.15
CA ILE A 76 2.26 5.96 4.47
C ILE A 76 2.13 5.14 3.19
N PHE A 77 1.30 4.10 3.24
CA PHE A 77 1.09 3.24 2.08
C PHE A 77 -0.08 3.75 1.24
N ARG A 78 0.03 3.57 -0.07
CA ARG A 78 -1.01 4.01 -0.99
C ARG A 78 -1.17 3.03 -2.15
N LEU A 79 -2.40 2.63 -2.41
CA LEU A 79 -2.69 1.69 -3.50
C LEU A 79 -3.74 2.26 -4.44
N ALA A 80 -3.76 1.75 -5.68
CA ALA A 80 -4.71 2.20 -6.67
C ALA A 80 -5.06 1.08 -7.65
N ALA A 81 -6.32 1.01 -8.04
CA ALA A 81 -6.78 -0.01 -8.97
C ALA A 81 -6.63 0.46 -10.42
N LYS A 82 -6.36 -0.49 -11.31
CA LYS A 82 -6.19 -0.18 -12.73
C LYS A 82 -7.12 -1.03 -13.58
N ASN A 83 -7.95 -0.36 -14.37
CA ASN A 83 -8.90 -1.05 -15.25
C ASN A 83 -8.59 -0.77 -16.72
N ARG A 84 -9.38 -1.36 -17.60
CA ARG A 84 -9.19 -1.19 -19.04
C ARG A 84 -9.01 0.29 -19.38
N ALA A 85 -9.56 1.16 -18.53
CA ALA A 85 -9.45 2.60 -18.75
C ALA A 85 -8.17 3.16 -18.14
N GLY A 86 -7.73 2.55 -17.04
CA GLY A 86 -6.51 3.01 -16.39
C GLY A 86 -6.65 3.04 -14.88
N LEU A 87 -5.70 3.69 -14.21
CA LEU A 87 -5.72 3.80 -12.76
C LEU A 87 -6.83 4.73 -12.30
N GLY A 88 -7.37 4.46 -11.10
CA GLY A 88 -8.43 5.28 -10.56
C GLY A 88 -8.04 5.96 -9.27
N GLU A 89 -8.96 5.98 -8.31
CA GLU A 89 -8.70 6.61 -7.02
C GLU A 89 -7.49 5.97 -6.33
N GLU A 90 -7.11 6.53 -5.19
CA GLU A 90 -5.98 6.02 -4.43
C GLU A 90 -6.31 5.93 -2.94
N PHE A 91 -5.95 4.81 -2.33
CA PHE A 91 -6.21 4.59 -0.91
C PHE A 91 -5.03 5.09 -0.06
N GLU A 92 -5.33 5.50 1.16
CA GLU A 92 -4.29 5.99 2.07
C GLU A 92 -4.36 5.27 3.41
N LYS A 93 -3.19 4.98 3.99
CA LYS A 93 -3.12 4.29 5.26
C LYS A 93 -1.85 4.67 6.01
N GLU A 94 -1.99 5.02 7.29
CA GLU A 94 -0.86 5.42 8.10
C GLU A 94 -0.60 4.38 9.20
N ILE A 95 0.64 3.89 9.26
CA ILE A 95 1.02 2.89 10.25
C ILE A 95 2.31 3.29 10.96
N ARG A 96 2.80 2.41 11.84
CA ARG A 96 4.02 2.67 12.57
C ARG A 96 4.65 1.36 13.06
N THR A 97 5.88 1.09 12.62
CA THR A 97 6.57 -0.13 13.01
C THR A 97 6.78 -0.18 14.52
N PRO A 98 6.68 -1.39 15.08
CA PRO A 98 6.85 -1.61 16.53
C PRO A 98 8.30 -1.42 16.97
N GLU A 99 8.48 -0.74 18.10
CA GLU A 99 9.83 -0.50 18.62
C GLU A 99 10.40 -1.76 19.26
N ASP A 100 11.72 -1.81 19.37
CA ASP A 100 12.38 -2.96 19.96
C ASP A 100 13.60 -2.52 20.78
N LEU A 101 14.02 -3.39 21.70
CA LEU A 101 15.17 -3.09 22.55
C LEU A 101 16.43 -3.80 22.05
N SER A 102 17.39 -3.02 21.57
CA SER A 102 18.64 -3.58 21.07
C SER A 102 19.26 -4.53 22.08
N GLY A 103 19.21 -5.83 21.77
CA GLY A 103 19.78 -6.82 22.66
C GLY A 103 19.07 -8.15 22.57
N PRO A 104 19.71 -9.22 23.09
CA PRO A 104 19.14 -10.57 23.08
C PRO A 104 17.93 -10.71 24.00
N SER A 105 16.75 -10.45 23.46
CA SER A 105 15.51 -10.54 24.23
C SER A 105 14.90 -11.93 24.11
N SER A 106 14.65 -12.56 25.25
CA SER A 106 14.07 -13.90 25.27
C SER A 106 12.97 -14.00 26.34
N GLY A 107 11.75 -14.26 25.89
CA GLY A 107 10.64 -14.38 26.81
C GLY A 107 10.90 -15.39 27.91
N GLY A 1 -17.41 6.61 -25.56
CA GLY A 1 -16.92 7.18 -24.31
C GLY A 1 -17.35 8.61 -24.12
N SER A 2 -18.25 8.85 -23.17
CA SER A 2 -18.74 10.20 -22.90
C SER A 2 -18.22 10.71 -21.56
N SER A 3 -16.98 10.34 -21.23
CA SER A 3 -16.36 10.76 -19.99
C SER A 3 -17.34 10.61 -18.82
N GLY A 4 -18.09 9.52 -18.82
CA GLY A 4 -19.05 9.28 -17.76
C GLY A 4 -18.41 8.70 -16.52
N SER A 5 -17.59 7.67 -16.69
CA SER A 5 -16.91 7.02 -15.58
C SER A 5 -15.54 7.62 -15.35
N SER A 6 -15.25 7.98 -14.11
CA SER A 6 -13.97 8.57 -13.76
C SER A 6 -13.04 7.54 -13.12
N GLY A 7 -12.54 6.62 -13.94
CA GLY A 7 -11.66 5.58 -13.44
C GLY A 7 -12.27 4.81 -12.28
N PRO A 8 -11.59 3.72 -11.88
CA PRO A 8 -12.07 2.87 -10.79
C PRO A 8 -11.95 3.56 -9.43
N GLY A 9 -12.47 2.90 -8.40
CA GLY A 9 -12.43 3.46 -7.06
C GLY A 9 -11.13 3.13 -6.34
N ARG A 10 -11.13 3.33 -5.02
CA ARG A 10 -9.94 3.06 -4.23
C ARG A 10 -9.98 1.65 -3.64
N PRO A 11 -8.90 0.88 -3.85
CA PRO A 11 -8.80 -0.49 -3.36
C PRO A 11 -8.67 -0.56 -1.84
N THR A 12 -9.09 -1.69 -1.27
CA THR A 12 -9.03 -1.88 0.18
C THR A 12 -7.70 -2.49 0.60
N MET A 13 -6.81 -1.66 1.12
CA MET A 13 -5.50 -2.12 1.56
C MET A 13 -5.50 -2.44 3.05
N MET A 14 -4.79 -3.49 3.44
CA MET A 14 -4.73 -3.90 4.83
C MET A 14 -3.29 -4.23 5.23
N ILE A 15 -2.68 -3.35 6.02
CA ILE A 15 -1.31 -3.55 6.48
C ILE A 15 -1.28 -4.18 7.86
N SER A 16 -0.48 -5.25 8.00
CA SER A 16 -0.35 -5.94 9.28
C SER A 16 1.09 -6.36 9.53
N THR A 17 1.62 -5.98 10.68
CA THR A 17 2.99 -6.32 11.04
C THR A 17 3.07 -7.69 11.69
N THR A 18 3.85 -8.59 11.10
CA THR A 18 4.01 -9.93 11.63
C THR A 18 5.37 -10.12 12.27
N ALA A 19 6.41 -10.24 11.45
CA ALA A 19 7.77 -10.42 11.94
C ALA A 19 8.38 -9.08 12.35
N MET A 20 9.62 -9.14 12.83
CA MET A 20 10.31 -7.93 13.26
C MET A 20 10.77 -7.10 12.07
N ASN A 21 10.36 -5.84 12.03
CA ASN A 21 10.73 -4.94 10.93
C ASN A 21 10.14 -5.43 9.62
N THR A 22 8.98 -6.09 9.69
CA THR A 22 8.31 -6.61 8.51
C THR A 22 6.83 -6.26 8.52
N ALA A 23 6.35 -5.68 7.43
CA ALA A 23 4.95 -5.30 7.31
C ALA A 23 4.28 -6.01 6.14
N LEU A 24 3.34 -6.90 6.45
CA LEU A 24 2.62 -7.65 5.43
C LEU A 24 1.56 -6.78 4.76
N LEU A 25 1.54 -6.81 3.43
CA LEU A 25 0.57 -6.03 2.67
C LEU A 25 -0.47 -6.94 2.02
N GLN A 26 -1.75 -6.63 2.26
CA GLN A 26 -2.83 -7.42 1.70
C GLN A 26 -4.01 -6.53 1.33
N TRP A 27 -4.32 -6.47 0.04
CA TRP A 27 -5.43 -5.65 -0.45
C TRP A 27 -6.38 -6.47 -1.31
N HIS A 28 -7.51 -5.87 -1.67
CA HIS A 28 -8.50 -6.55 -2.50
C HIS A 28 -8.98 -5.64 -3.63
N PRO A 29 -9.50 -6.26 -4.70
CA PRO A 29 -10.00 -5.52 -5.86
C PRO A 29 -11.30 -4.77 -5.56
N PRO A 30 -11.41 -3.54 -6.09
CA PRO A 30 -12.58 -2.69 -5.88
C PRO A 30 -13.82 -3.23 -6.62
N LYS A 31 -14.99 -2.77 -6.19
CA LYS A 31 -16.24 -3.21 -6.81
C LYS A 31 -16.81 -2.11 -7.70
N GLU A 32 -16.35 -0.87 -7.49
CA GLU A 32 -16.82 0.25 -8.28
C GLU A 32 -15.96 0.43 -9.52
N LEU A 33 -15.18 -0.59 -9.86
CA LEU A 33 -14.31 -0.55 -11.03
C LEU A 33 -15.08 -0.93 -12.29
N PRO A 34 -15.19 0.04 -13.22
CA PRO A 34 -15.90 -0.16 -14.49
C PRO A 34 -15.15 -1.11 -15.43
N GLY A 35 -15.53 -2.38 -15.40
CA GLY A 35 -14.89 -3.37 -16.25
C GLY A 35 -14.35 -4.55 -15.46
N GLU A 36 -13.03 -4.71 -15.46
CA GLU A 36 -12.40 -5.80 -14.75
C GLU A 36 -10.99 -5.41 -14.29
N LEU A 37 -10.53 -6.06 -13.22
CA LEU A 37 -9.20 -5.78 -12.68
C LEU A 37 -8.11 -6.30 -13.61
N LEU A 38 -7.17 -5.43 -13.96
CA LEU A 38 -6.07 -5.80 -14.84
C LEU A 38 -4.72 -5.58 -14.15
N GLY A 39 -4.70 -4.69 -13.18
CA GLY A 39 -3.48 -4.41 -12.46
C GLY A 39 -3.62 -3.24 -11.49
N TYR A 40 -2.56 -2.96 -10.74
CA TYR A 40 -2.57 -1.86 -9.78
C TYR A 40 -1.15 -1.50 -9.36
N ARG A 41 -0.97 -0.25 -8.94
CA ARG A 41 0.34 0.23 -8.50
C ARG A 41 0.37 0.43 -6.98
N LEU A 42 1.55 0.28 -6.40
CA LEU A 42 1.71 0.46 -4.96
C LEU A 42 2.74 1.54 -4.65
N GLN A 43 2.37 2.46 -3.76
CA GLN A 43 3.26 3.54 -3.38
C GLN A 43 3.29 3.71 -1.86
N TYR A 44 4.48 3.55 -1.27
CA TYR A 44 4.64 3.68 0.17
C TYR A 44 5.98 4.32 0.50
N CYS A 45 5.95 5.27 1.43
CA CYS A 45 7.17 5.97 1.84
C CYS A 45 7.04 6.49 3.27
N ARG A 46 8.12 7.06 3.79
CA ARG A 46 8.12 7.60 5.15
C ARG A 46 7.22 8.82 5.25
N ALA A 47 6.85 9.17 6.48
CA ALA A 47 5.99 10.33 6.71
C ALA A 47 6.76 11.63 6.55
N ASP A 48 8.02 11.52 6.15
CA ASP A 48 8.87 12.68 5.96
C ASP A 48 9.45 12.71 4.55
N GLU A 49 9.01 11.78 3.72
CA GLU A 49 9.48 11.69 2.34
C GLU A 49 8.44 12.21 1.37
N ALA A 50 8.89 12.87 0.31
CA ALA A 50 7.98 13.43 -0.70
C ALA A 50 8.03 12.60 -1.98
N ARG A 51 8.93 11.62 -2.02
CA ARG A 51 9.07 10.76 -3.18
C ARG A 51 8.69 9.32 -2.85
N PRO A 52 7.40 8.99 -3.07
CA PRO A 52 6.88 7.64 -2.79
C PRO A 52 7.42 6.60 -3.77
N ASN A 53 7.86 5.47 -3.24
CA ASN A 53 8.40 4.40 -4.06
C ASN A 53 7.30 3.75 -4.89
N THR A 54 7.36 3.94 -6.21
CA THR A 54 6.37 3.37 -7.11
C THR A 54 6.68 1.91 -7.42
N ILE A 55 5.66 1.07 -7.33
CA ILE A 55 5.83 -0.36 -7.61
C ILE A 55 4.69 -0.90 -8.47
N ASP A 56 5.01 -1.82 -9.37
CA ASP A 56 4.01 -2.41 -10.24
C ASP A 56 3.54 -3.75 -9.70
N PHE A 57 2.22 -3.99 -9.79
CA PHE A 57 1.64 -5.24 -9.30
C PHE A 57 0.58 -5.75 -10.27
N GLY A 58 0.53 -7.07 -10.45
CA GLY A 58 -0.44 -7.66 -11.34
C GLY A 58 -1.72 -8.03 -10.64
N LYS A 59 -2.82 -8.04 -11.38
CA LYS A 59 -4.13 -8.38 -10.82
C LYS A 59 -4.01 -9.55 -9.85
N ASP A 60 -2.98 -10.37 -10.03
CA ASP A 60 -2.75 -11.52 -9.18
C ASP A 60 -2.15 -11.10 -7.84
N ASP A 61 -1.21 -10.17 -7.90
CA ASP A 61 -0.56 -9.68 -6.69
C ASP A 61 -1.55 -8.95 -5.78
N GLN A 62 -2.10 -9.68 -4.82
CA GLN A 62 -3.07 -9.11 -3.90
C GLN A 62 -2.42 -8.81 -2.54
N HIS A 63 -1.12 -9.07 -2.45
CA HIS A 63 -0.38 -8.82 -1.22
C HIS A 63 1.11 -8.68 -1.50
N PHE A 64 1.85 -8.16 -0.52
CA PHE A 64 3.29 -7.97 -0.68
C PHE A 64 4.00 -8.10 0.68
N THR A 65 5.20 -8.66 0.66
CA THR A 65 5.98 -8.84 1.88
C THR A 65 7.13 -7.84 1.94
N VAL A 66 7.07 -6.93 2.91
CA VAL A 66 8.11 -5.92 3.08
C VAL A 66 8.94 -6.21 4.32
N THR A 67 10.25 -6.30 4.14
CA THR A 67 11.16 -6.57 5.24
C THR A 67 12.29 -5.55 5.28
N GLY A 68 12.69 -5.16 6.50
CA GLY A 68 13.76 -4.19 6.65
C GLY A 68 13.25 -2.81 7.01
N LEU A 69 11.95 -2.73 7.31
CA LEU A 69 11.33 -1.45 7.67
C LEU A 69 11.95 -0.90 8.96
N HIS A 70 12.35 0.37 8.91
CA HIS A 70 12.95 1.01 10.07
C HIS A 70 11.97 1.06 11.24
N LYS A 71 12.29 0.32 12.30
CA LYS A 71 11.43 0.28 13.47
C LYS A 71 11.26 1.67 14.07
N GLY A 72 10.12 1.89 14.74
CA GLY A 72 9.86 3.17 15.34
C GLY A 72 9.77 4.29 14.32
N THR A 73 9.29 3.97 13.12
CA THR A 73 9.17 4.95 12.05
C THR A 73 7.79 4.88 11.40
N THR A 74 7.16 6.04 11.23
CA THR A 74 5.84 6.11 10.61
C THR A 74 5.94 6.04 9.09
N TYR A 75 5.10 5.20 8.50
CA TYR A 75 5.09 5.05 7.05
C TYR A 75 3.69 5.28 6.49
N ILE A 76 3.62 5.60 5.20
CA ILE A 76 2.35 5.85 4.54
C ILE A 76 2.23 5.04 3.25
N PHE A 77 1.34 4.05 3.27
CA PHE A 77 1.11 3.20 2.10
C PHE A 77 -0.06 3.70 1.28
N ARG A 78 0.03 3.53 -0.04
CA ARG A 78 -1.03 3.96 -0.94
C ARG A 78 -1.18 2.99 -2.10
N LEU A 79 -2.42 2.59 -2.37
CA LEU A 79 -2.70 1.65 -3.45
C LEU A 79 -3.77 2.21 -4.39
N ALA A 80 -3.81 1.70 -5.61
CA ALA A 80 -4.80 2.13 -6.60
C ALA A 80 -5.14 1.01 -7.57
N ALA A 81 -6.38 1.01 -8.04
CA ALA A 81 -6.83 -0.02 -8.99
C ALA A 81 -6.64 0.45 -10.43
N LYS A 82 -6.40 -0.50 -11.32
CA LYS A 82 -6.19 -0.19 -12.73
C LYS A 82 -7.11 -1.03 -13.61
N ASN A 83 -7.97 -0.36 -14.36
CA ASN A 83 -8.91 -1.04 -15.25
C ASN A 83 -8.63 -0.69 -16.71
N ARG A 84 -9.47 -1.19 -17.60
CA ARG A 84 -9.32 -0.94 -19.03
C ARG A 84 -9.15 0.55 -19.30
N ALA A 85 -9.78 1.38 -18.46
CA ALA A 85 -9.69 2.82 -18.61
C ALA A 85 -8.40 3.36 -17.99
N GLY A 86 -7.81 2.59 -17.09
CA GLY A 86 -6.59 3.00 -16.44
C GLY A 86 -6.71 3.07 -14.93
N LEU A 87 -5.74 3.68 -14.28
CA LEU A 87 -5.75 3.81 -12.83
C LEU A 87 -6.87 4.73 -12.36
N GLY A 88 -7.39 4.46 -11.16
CA GLY A 88 -8.47 5.27 -10.63
C GLY A 88 -8.13 5.85 -9.26
N GLU A 89 -9.13 5.88 -8.38
CA GLU A 89 -8.94 6.41 -7.04
C GLU A 89 -7.83 5.65 -6.31
N GLU A 90 -7.33 6.24 -5.23
CA GLU A 90 -6.27 5.62 -4.45
C GLU A 90 -6.58 5.70 -2.95
N PHE A 91 -6.13 4.70 -2.21
CA PHE A 91 -6.36 4.65 -0.77
C PHE A 91 -5.09 5.05 0.00
N GLU A 92 -5.29 5.65 1.16
CA GLU A 92 -4.16 6.08 1.99
C GLU A 92 -4.24 5.45 3.38
N LYS A 93 -3.11 4.97 3.87
CA LYS A 93 -3.05 4.35 5.19
C LYS A 93 -1.72 4.66 5.88
N GLU A 94 -1.79 5.08 7.14
CA GLU A 94 -0.58 5.41 7.89
C GLU A 94 -0.38 4.41 9.04
N ILE A 95 0.83 3.86 9.13
CA ILE A 95 1.16 2.89 10.16
C ILE A 95 2.41 3.30 10.91
N ARG A 96 2.86 2.44 11.82
CA ARG A 96 4.07 2.70 12.60
C ARG A 96 4.67 1.40 13.13
N THR A 97 5.90 1.12 12.70
CA THR A 97 6.60 -0.09 13.13
C THR A 97 6.81 -0.10 14.64
N PRO A 98 6.73 -1.30 15.24
CA PRO A 98 6.92 -1.47 16.68
C PRO A 98 8.35 -1.24 17.11
N GLU A 99 8.54 -0.48 18.19
CA GLU A 99 9.86 -0.18 18.71
C GLU A 99 10.44 -1.37 19.47
N ASP A 100 11.75 -1.47 19.51
CA ASP A 100 12.43 -2.55 20.21
C ASP A 100 13.86 -2.17 20.57
N LEU A 101 14.46 -2.92 21.49
CA LEU A 101 15.83 -2.66 21.91
C LEU A 101 16.79 -2.69 20.73
N SER A 102 18.06 -2.45 21.00
CA SER A 102 19.08 -2.45 19.95
C SER A 102 19.82 -3.79 19.91
N GLY A 103 20.20 -4.28 21.09
CA GLY A 103 20.92 -5.54 21.16
C GLY A 103 21.67 -5.70 22.47
N PRO A 104 22.87 -6.29 22.39
CA PRO A 104 23.72 -6.53 23.56
C PRO A 104 24.30 -5.23 24.12
N SER A 105 24.04 -4.13 23.43
CA SER A 105 24.54 -2.82 23.84
C SER A 105 24.04 -2.49 25.25
N SER A 106 24.96 -2.13 26.13
CA SER A 106 24.62 -1.78 27.50
C SER A 106 24.95 -0.32 27.79
N GLY A 107 24.41 0.20 28.90
CA GLY A 107 24.66 1.57 29.26
C GLY A 107 23.40 2.28 29.73
N GLY A 1 -9.90 19.65 -25.18
CA GLY A 1 -8.90 19.66 -24.13
C GLY A 1 -8.43 18.27 -23.76
N SER A 2 -8.22 18.04 -22.47
CA SER A 2 -7.76 16.74 -21.99
C SER A 2 -8.94 15.78 -21.82
N SER A 3 -8.67 14.49 -21.98
CA SER A 3 -9.71 13.47 -21.86
C SER A 3 -9.26 12.35 -20.92
N GLY A 4 -10.18 11.92 -20.05
CA GLY A 4 -9.86 10.86 -19.11
C GLY A 4 -10.22 11.23 -17.69
N SER A 5 -11.47 10.99 -17.31
CA SER A 5 -11.94 11.30 -15.97
C SER A 5 -12.38 10.04 -15.24
N SER A 6 -13.18 9.21 -15.92
CA SER A 6 -13.68 7.97 -15.33
C SER A 6 -12.52 7.13 -14.80
N GLY A 7 -12.82 6.28 -13.82
CA GLY A 7 -11.80 5.42 -13.24
C GLY A 7 -12.30 4.68 -12.02
N PRO A 8 -11.53 3.67 -11.58
CA PRO A 8 -11.88 2.86 -10.41
C PRO A 8 -11.76 3.64 -9.10
N GLY A 9 -12.42 3.13 -8.06
CA GLY A 9 -12.37 3.79 -6.77
C GLY A 9 -11.11 3.47 -5.99
N ARG A 10 -11.22 3.45 -4.67
CA ARG A 10 -10.08 3.16 -3.82
C ARG A 10 -10.12 1.70 -3.34
N PRO A 11 -9.03 0.96 -3.60
CA PRO A 11 -8.92 -0.44 -3.21
C PRO A 11 -8.81 -0.62 -1.70
N THR A 12 -9.19 -1.79 -1.22
CA THR A 12 -9.13 -2.09 0.21
C THR A 12 -7.77 -2.66 0.60
N MET A 13 -6.91 -1.81 1.15
CA MET A 13 -5.58 -2.25 1.55
C MET A 13 -5.55 -2.56 3.05
N MET A 14 -4.88 -3.65 3.40
CA MET A 14 -4.78 -4.07 4.80
C MET A 14 -3.33 -4.32 5.18
N ILE A 15 -2.79 -3.48 6.06
CA ILE A 15 -1.42 -3.60 6.52
C ILE A 15 -1.35 -4.17 7.92
N SER A 16 -0.59 -5.26 8.08
CA SER A 16 -0.45 -5.90 9.38
C SER A 16 0.98 -6.35 9.61
N THR A 17 1.53 -6.01 10.77
CA THR A 17 2.91 -6.37 11.10
C THR A 17 2.97 -7.77 11.70
N THR A 18 3.83 -8.62 11.12
CA THR A 18 3.99 -9.98 11.59
C THR A 18 5.38 -10.21 12.17
N ALA A 19 6.38 -10.18 11.31
CA ALA A 19 7.76 -10.38 11.74
C ALA A 19 8.39 -9.07 12.21
N MET A 20 9.67 -9.13 12.57
CA MET A 20 10.38 -7.95 13.04
C MET A 20 10.76 -7.04 11.87
N ASN A 21 10.37 -5.77 11.96
CA ASN A 21 10.67 -4.81 10.91
C ASN A 21 10.07 -5.25 9.58
N THR A 22 8.99 -6.01 9.64
CA THR A 22 8.32 -6.51 8.44
C THR A 22 6.83 -6.21 8.48
N ALA A 23 6.33 -5.59 7.41
CA ALA A 23 4.91 -5.26 7.33
C ALA A 23 4.23 -6.03 6.21
N LEU A 24 3.20 -6.79 6.56
CA LEU A 24 2.47 -7.59 5.58
C LEU A 24 1.43 -6.73 4.86
N LEU A 25 1.46 -6.78 3.53
CA LEU A 25 0.52 -6.02 2.72
C LEU A 25 -0.48 -6.93 2.03
N GLN A 26 -1.76 -6.70 2.30
CA GLN A 26 -2.82 -7.51 1.70
C GLN A 26 -4.02 -6.65 1.32
N TRP A 27 -4.31 -6.59 0.03
CA TRP A 27 -5.43 -5.79 -0.47
C TRP A 27 -6.36 -6.65 -1.33
N HIS A 28 -7.46 -6.05 -1.78
CA HIS A 28 -8.43 -6.74 -2.62
C HIS A 28 -8.96 -5.83 -3.71
N PRO A 29 -9.47 -6.44 -4.79
CA PRO A 29 -10.03 -5.69 -5.93
C PRO A 29 -11.33 -4.99 -5.58
N PRO A 30 -11.45 -3.72 -6.00
CA PRO A 30 -12.65 -2.91 -5.74
C PRO A 30 -13.85 -3.39 -6.55
N LYS A 31 -15.02 -2.90 -6.19
CA LYS A 31 -16.26 -3.27 -6.88
C LYS A 31 -16.78 -2.12 -7.73
N GLU A 32 -16.30 -0.91 -7.44
CA GLU A 32 -16.71 0.27 -8.18
C GLU A 32 -15.86 0.46 -9.44
N LEU A 33 -15.01 -0.53 -9.72
CA LEU A 33 -14.14 -0.48 -10.90
C LEU A 33 -14.93 -0.81 -12.16
N PRO A 34 -15.04 0.19 -13.05
CA PRO A 34 -15.76 0.05 -14.33
C PRO A 34 -15.02 -0.87 -15.30
N GLY A 35 -15.42 -2.15 -15.32
CA GLY A 35 -14.80 -3.10 -16.21
C GLY A 35 -14.28 -4.32 -15.48
N GLU A 36 -12.96 -4.49 -15.46
CA GLU A 36 -12.34 -5.62 -14.78
C GLU A 36 -10.94 -5.27 -14.28
N LEU A 37 -10.50 -5.97 -13.25
CA LEU A 37 -9.18 -5.72 -12.67
C LEU A 37 -8.08 -6.29 -13.57
N LEU A 38 -7.15 -5.43 -13.97
CA LEU A 38 -6.04 -5.84 -14.84
C LEU A 38 -4.70 -5.61 -14.15
N GLY A 39 -4.71 -4.80 -13.09
CA GLY A 39 -3.50 -4.52 -12.35
C GLY A 39 -3.65 -3.36 -11.40
N TYR A 40 -2.58 -3.06 -10.66
CA TYR A 40 -2.61 -1.96 -9.70
C TYR A 40 -1.19 -1.55 -9.30
N ARG A 41 -1.03 -0.29 -8.91
CA ARG A 41 0.28 0.21 -8.50
C ARG A 41 0.32 0.41 -6.99
N LEU A 42 1.51 0.25 -6.41
CA LEU A 42 1.69 0.42 -4.98
C LEU A 42 2.73 1.50 -4.68
N GLN A 43 2.38 2.42 -3.79
CA GLN A 43 3.28 3.50 -3.41
C GLN A 43 3.33 3.67 -1.90
N TYR A 44 4.54 3.53 -1.34
CA TYR A 44 4.72 3.66 0.10
C TYR A 44 6.09 4.26 0.42
N CYS A 45 6.10 5.18 1.38
CA CYS A 45 7.35 5.83 1.78
C CYS A 45 7.27 6.29 3.24
N ARG A 46 8.41 6.76 3.76
CA ARG A 46 8.47 7.22 5.14
C ARG A 46 7.72 8.54 5.30
N ALA A 47 7.39 8.87 6.55
CA ALA A 47 6.66 10.10 6.84
C ALA A 47 7.57 11.32 6.70
N ASP A 48 8.83 11.07 6.35
CA ASP A 48 9.81 12.14 6.19
C ASP A 48 10.37 12.15 4.77
N GLU A 49 9.77 11.35 3.90
CA GLU A 49 10.22 11.26 2.51
C GLU A 49 9.58 12.35 1.66
N ALA A 50 10.13 12.58 0.48
CA ALA A 50 9.61 13.59 -0.43
C ALA A 50 8.98 12.95 -1.67
N ARG A 51 9.38 11.72 -1.96
CA ARG A 51 8.85 11.01 -3.11
C ARG A 51 8.55 9.55 -2.76
N PRO A 52 7.31 9.12 -3.04
CA PRO A 52 6.86 7.75 -2.75
C PRO A 52 7.53 6.72 -3.67
N ASN A 53 7.57 5.48 -3.21
CA ASN A 53 8.18 4.40 -3.98
C ASN A 53 7.15 3.71 -4.86
N THR A 54 7.09 4.10 -6.13
CA THR A 54 6.15 3.51 -7.06
C THR A 54 6.49 2.06 -7.36
N ILE A 55 5.48 1.20 -7.41
CA ILE A 55 5.68 -0.22 -7.69
C ILE A 55 4.54 -0.78 -8.55
N ASP A 56 4.89 -1.65 -9.48
CA ASP A 56 3.91 -2.26 -10.36
C ASP A 56 3.51 -3.65 -9.85
N PHE A 57 2.21 -3.91 -9.83
CA PHE A 57 1.69 -5.20 -9.37
C PHE A 57 0.66 -5.76 -10.34
N GLY A 58 0.62 -7.08 -10.46
CA GLY A 58 -0.32 -7.72 -11.36
C GLY A 58 -1.60 -8.14 -10.66
N LYS A 59 -2.70 -8.18 -11.40
CA LYS A 59 -3.99 -8.57 -10.85
C LYS A 59 -3.83 -9.72 -9.87
N ASP A 60 -2.80 -10.53 -10.06
CA ASP A 60 -2.53 -11.68 -9.20
C ASP A 60 -1.95 -11.22 -7.87
N ASP A 61 -1.03 -10.25 -7.93
CA ASP A 61 -0.39 -9.73 -6.74
C ASP A 61 -1.40 -9.00 -5.85
N GLN A 62 -2.00 -9.73 -4.92
CA GLN A 62 -2.99 -9.15 -4.02
C GLN A 62 -2.36 -8.77 -2.70
N HIS A 63 -1.08 -9.12 -2.53
CA HIS A 63 -0.35 -8.81 -1.30
C HIS A 63 1.14 -8.65 -1.59
N PHE A 64 1.87 -8.16 -0.58
CA PHE A 64 3.30 -7.95 -0.72
C PHE A 64 4.00 -8.04 0.64
N THR A 65 5.20 -8.62 0.64
CA THR A 65 5.97 -8.76 1.87
C THR A 65 7.09 -7.73 1.94
N VAL A 66 6.96 -6.77 2.85
CA VAL A 66 7.96 -5.73 3.03
C VAL A 66 8.82 -6.00 4.25
N THR A 67 10.13 -6.07 4.04
CA THR A 67 11.08 -6.33 5.12
C THR A 67 12.17 -5.26 5.16
N GLY A 68 12.71 -5.02 6.35
CA GLY A 68 13.76 -4.02 6.50
C GLY A 68 13.23 -2.66 6.88
N LEU A 69 11.93 -2.60 7.20
CA LEU A 69 11.30 -1.35 7.59
C LEU A 69 11.89 -0.82 8.89
N HIS A 70 12.33 0.44 8.87
CA HIS A 70 12.91 1.06 10.05
C HIS A 70 11.92 1.04 11.22
N LYS A 71 12.33 0.42 12.32
CA LYS A 71 11.49 0.33 13.50
C LYS A 71 11.25 1.72 14.11
N GLY A 72 10.07 1.89 14.72
CA GLY A 72 9.74 3.17 15.33
C GLY A 72 9.68 4.29 14.31
N THR A 73 9.27 3.96 13.09
CA THR A 73 9.17 4.95 12.03
C THR A 73 7.81 4.88 11.33
N THR A 74 7.13 6.01 11.24
CA THR A 74 5.82 6.07 10.60
C THR A 74 5.94 5.99 9.09
N TYR A 75 5.05 5.23 8.46
CA TYR A 75 5.07 5.07 7.01
C TYR A 75 3.71 5.43 6.42
N ILE A 76 3.68 5.61 5.10
CA ILE A 76 2.45 5.94 4.40
C ILE A 76 2.27 5.11 3.14
N PHE A 77 1.39 4.12 3.21
CA PHE A 77 1.13 3.25 2.08
C PHE A 77 -0.02 3.78 1.23
N ARG A 78 0.06 3.55 -0.08
CA ARG A 78 -0.96 4.02 -1.00
C ARG A 78 -1.15 3.04 -2.16
N LEU A 79 -2.38 2.59 -2.35
CA LEU A 79 -2.69 1.64 -3.42
C LEU A 79 -3.75 2.20 -4.35
N ALA A 80 -3.80 1.68 -5.58
CA ALA A 80 -4.78 2.13 -6.56
C ALA A 80 -5.14 1.00 -7.53
N ALA A 81 -6.37 1.01 -8.01
CA ALA A 81 -6.83 -0.01 -8.94
C ALA A 81 -6.61 0.43 -10.39
N LYS A 82 -6.36 -0.54 -11.26
CA LYS A 82 -6.12 -0.27 -12.68
C LYS A 82 -7.06 -1.07 -13.55
N ASN A 83 -7.89 -0.37 -14.32
CA ASN A 83 -8.84 -1.03 -15.21
C ASN A 83 -8.56 -0.68 -16.67
N ARG A 84 -9.37 -1.22 -17.57
CA ARG A 84 -9.20 -0.96 -19.00
C ARG A 84 -9.02 0.54 -19.26
N ALA A 85 -9.74 1.36 -18.50
CA ALA A 85 -9.66 2.81 -18.66
C ALA A 85 -8.36 3.34 -18.07
N GLY A 86 -7.80 2.61 -17.11
CA GLY A 86 -6.55 3.03 -16.49
C GLY A 86 -6.64 3.02 -14.98
N LEU A 87 -5.73 3.74 -14.33
CA LEU A 87 -5.70 3.82 -12.87
C LEU A 87 -6.77 4.79 -12.36
N GLY A 88 -7.27 4.52 -11.16
CA GLY A 88 -8.29 5.37 -10.57
C GLY A 88 -7.87 5.94 -9.23
N GLU A 89 -8.84 6.10 -8.33
CA GLU A 89 -8.56 6.64 -7.00
C GLU A 89 -7.53 5.79 -6.28
N GLU A 90 -7.09 6.26 -5.12
CA GLU A 90 -6.09 5.55 -4.33
C GLU A 90 -6.42 5.63 -2.84
N PHE A 91 -6.12 4.55 -2.11
CA PHE A 91 -6.39 4.49 -0.68
C PHE A 91 -5.15 4.90 0.11
N GLU A 92 -5.37 5.59 1.22
CA GLU A 92 -4.28 6.04 2.09
C GLU A 92 -4.33 5.35 3.45
N LYS A 93 -3.17 5.04 3.99
CA LYS A 93 -3.08 4.37 5.29
C LYS A 93 -1.77 4.73 5.99
N GLU A 94 -1.89 5.19 7.23
CA GLU A 94 -0.72 5.57 8.02
C GLU A 94 -0.47 4.56 9.14
N ILE A 95 0.75 4.05 9.21
CA ILE A 95 1.11 3.08 10.24
C ILE A 95 2.47 3.42 10.84
N ARG A 96 2.93 2.56 11.75
CA ARG A 96 4.22 2.76 12.41
C ARG A 96 4.78 1.44 12.92
N THR A 97 5.97 1.08 12.45
CA THR A 97 6.61 -0.16 12.85
C THR A 97 6.81 -0.20 14.36
N PRO A 98 6.72 -1.41 14.94
CA PRO A 98 6.90 -1.61 16.38
C PRO A 98 8.34 -1.39 16.83
N GLU A 99 8.55 -0.34 17.62
CA GLU A 99 9.89 -0.03 18.12
C GLU A 99 10.23 -0.87 19.34
N ASP A 100 11.43 -1.44 19.34
CA ASP A 100 11.88 -2.27 20.45
C ASP A 100 11.34 -1.74 21.78
N LEU A 101 11.49 -0.45 22.01
CA LEU A 101 11.02 0.18 23.24
C LEU A 101 9.71 -0.43 23.69
N SER A 102 8.67 -0.26 22.87
CA SER A 102 7.35 -0.78 23.18
C SER A 102 7.28 -2.28 22.88
N GLY A 103 6.76 -3.05 23.84
CA GLY A 103 6.65 -4.48 23.66
C GLY A 103 7.01 -5.25 24.91
N PRO A 104 7.42 -6.52 24.73
CA PRO A 104 7.80 -7.39 25.85
C PRO A 104 9.10 -6.95 26.51
N SER A 105 9.04 -6.72 27.82
CA SER A 105 10.21 -6.30 28.58
C SER A 105 11.42 -7.16 28.25
N SER A 106 11.22 -8.47 28.24
CA SER A 106 12.29 -9.40 27.95
C SER A 106 12.69 -9.33 26.48
N GLY A 107 13.96 -9.03 26.22
CA GLY A 107 14.45 -8.94 24.85
C GLY A 107 14.41 -10.27 24.13
N GLY A 1 -12.28 16.11 -17.89
CA GLY A 1 -13.43 15.63 -17.14
C GLY A 1 -13.72 16.48 -15.92
N SER A 2 -13.96 17.77 -16.15
CA SER A 2 -14.25 18.70 -15.06
C SER A 2 -15.08 18.02 -13.98
N SER A 3 -16.30 17.61 -14.35
CA SER A 3 -17.21 16.96 -13.42
C SER A 3 -17.25 15.46 -13.67
N GLY A 4 -17.26 14.68 -12.58
CA GLY A 4 -17.30 13.24 -12.69
C GLY A 4 -16.03 12.58 -12.20
N SER A 5 -16.04 11.26 -12.13
CA SER A 5 -14.87 10.51 -11.66
C SER A 5 -14.49 9.43 -12.65
N SER A 6 -13.54 9.75 -13.54
CA SER A 6 -13.08 8.81 -14.55
C SER A 6 -12.06 7.85 -13.97
N GLY A 7 -12.42 6.58 -13.88
CA GLY A 7 -11.51 5.58 -13.35
C GLY A 7 -12.13 4.79 -12.21
N PRO A 8 -11.42 3.73 -11.76
CA PRO A 8 -11.90 2.88 -10.67
C PRO A 8 -11.87 3.59 -9.33
N GLY A 9 -12.40 2.93 -8.30
CA GLY A 9 -12.42 3.52 -6.97
C GLY A 9 -11.15 3.24 -6.18
N ARG A 10 -11.24 3.35 -4.87
CA ARG A 10 -10.09 3.11 -4.01
C ARG A 10 -10.10 1.69 -3.46
N PRO A 11 -9.00 0.96 -3.68
CA PRO A 11 -8.86 -0.42 -3.21
C PRO A 11 -8.74 -0.52 -1.69
N THR A 12 -9.10 -1.67 -1.15
CA THR A 12 -9.04 -1.89 0.29
C THR A 12 -7.70 -2.50 0.70
N MET A 13 -6.80 -1.68 1.22
CA MET A 13 -5.48 -2.14 1.63
C MET A 13 -5.48 -2.45 3.13
N MET A 14 -4.82 -3.55 3.50
CA MET A 14 -4.74 -3.97 4.89
C MET A 14 -3.30 -4.26 5.28
N ILE A 15 -2.72 -3.39 6.11
CA ILE A 15 -1.34 -3.56 6.56
C ILE A 15 -1.29 -4.21 7.94
N SER A 16 -0.53 -5.29 8.06
CA SER A 16 -0.40 -6.00 9.32
C SER A 16 1.04 -6.44 9.55
N THR A 17 1.57 -6.10 10.72
CA THR A 17 2.94 -6.46 11.07
C THR A 17 3.02 -7.85 11.68
N THR A 18 4.01 -8.63 11.26
CA THR A 18 4.18 -9.98 11.77
C THR A 18 5.60 -10.20 12.29
N ALA A 19 6.58 -10.06 11.41
CA ALA A 19 7.98 -10.23 11.78
C ALA A 19 8.61 -8.90 12.16
N MET A 20 9.81 -8.97 12.74
CA MET A 20 10.52 -7.76 13.15
C MET A 20 10.95 -6.94 11.94
N ASN A 21 10.50 -5.69 11.90
CA ASN A 21 10.84 -4.79 10.80
C ASN A 21 10.24 -5.31 9.49
N THR A 22 9.06 -5.89 9.56
CA THR A 22 8.38 -6.42 8.39
C THR A 22 6.89 -6.14 8.43
N ALA A 23 6.37 -5.53 7.37
CA ALA A 23 4.95 -5.21 7.30
C ALA A 23 4.28 -5.92 6.12
N LEU A 24 3.31 -6.77 6.44
CA LEU A 24 2.59 -7.52 5.41
C LEU A 24 1.57 -6.63 4.70
N LEU A 25 1.49 -6.78 3.38
CA LEU A 25 0.55 -6.00 2.58
C LEU A 25 -0.50 -6.89 1.94
N GLN A 26 -1.76 -6.61 2.22
CA GLN A 26 -2.87 -7.39 1.67
C GLN A 26 -4.02 -6.49 1.24
N TRP A 27 -4.32 -6.49 -0.05
CA TRP A 27 -5.40 -5.67 -0.58
C TRP A 27 -6.35 -6.50 -1.45
N HIS A 28 -7.54 -5.97 -1.69
CA HIS A 28 -8.52 -6.67 -2.52
C HIS A 28 -9.03 -5.77 -3.64
N PRO A 29 -9.53 -6.40 -4.71
CA PRO A 29 -10.05 -5.67 -5.87
C PRO A 29 -11.35 -4.94 -5.57
N PRO A 30 -11.42 -3.66 -5.99
CA PRO A 30 -12.60 -2.82 -5.76
C PRO A 30 -13.80 -3.27 -6.61
N LYS A 31 -15.00 -2.90 -6.18
CA LYS A 31 -16.21 -3.25 -6.88
C LYS A 31 -16.69 -2.11 -7.77
N GLU A 32 -16.20 -0.91 -7.47
CA GLU A 32 -16.58 0.27 -8.24
C GLU A 32 -15.70 0.42 -9.48
N LEU A 33 -14.98 -0.64 -9.81
CA LEU A 33 -14.09 -0.64 -10.97
C LEU A 33 -14.86 -1.00 -12.25
N PRO A 34 -15.02 -0.01 -13.14
CA PRO A 34 -15.73 -0.21 -14.40
C PRO A 34 -14.95 -1.10 -15.37
N GLY A 35 -15.30 -2.38 -15.41
CA GLY A 35 -14.63 -3.31 -16.29
C GLY A 35 -14.11 -4.53 -15.56
N GLU A 36 -12.80 -4.72 -15.59
CA GLU A 36 -12.18 -5.87 -14.94
C GLU A 36 -10.78 -5.51 -14.43
N LEU A 37 -10.39 -6.13 -13.32
CA LEU A 37 -9.08 -5.88 -12.73
C LEU A 37 -7.96 -6.38 -13.64
N LEU A 38 -7.09 -5.47 -14.05
CA LEU A 38 -5.97 -5.83 -14.92
C LEU A 38 -4.64 -5.64 -14.21
N GLY A 39 -4.62 -4.71 -13.26
CA GLY A 39 -3.40 -4.43 -12.50
C GLY A 39 -3.56 -3.28 -11.54
N TYR A 40 -2.50 -3.01 -10.77
CA TYR A 40 -2.54 -1.93 -9.80
C TYR A 40 -1.12 -1.57 -9.34
N ARG A 41 -0.94 -0.31 -8.96
CA ARG A 41 0.37 0.16 -8.51
C ARG A 41 0.37 0.36 -6.99
N LEU A 42 1.53 0.20 -6.38
CA LEU A 42 1.68 0.36 -4.94
C LEU A 42 2.70 1.45 -4.61
N GLN A 43 2.26 2.46 -3.88
CA GLN A 43 3.13 3.57 -3.49
C GLN A 43 3.18 3.72 -1.98
N TYR A 44 4.37 3.60 -1.41
CA TYR A 44 4.54 3.72 0.03
C TYR A 44 5.92 4.29 0.36
N CYS A 45 5.96 5.23 1.31
CA CYS A 45 7.21 5.85 1.72
C CYS A 45 7.13 6.31 3.17
N ARG A 46 8.28 6.71 3.72
CA ARG A 46 8.33 7.18 5.10
C ARG A 46 7.54 8.46 5.27
N ALA A 47 7.25 8.81 6.52
CA ALA A 47 6.48 10.01 6.82
C ALA A 47 7.35 11.26 6.67
N ASP A 48 8.63 11.05 6.37
CA ASP A 48 9.57 12.16 6.19
C ASP A 48 10.19 12.13 4.80
N GLU A 49 9.62 11.33 3.92
CA GLU A 49 10.12 11.21 2.56
C GLU A 49 9.57 12.32 1.67
N ALA A 50 10.17 12.49 0.49
CA ALA A 50 9.74 13.51 -0.44
C ALA A 50 9.10 12.89 -1.69
N ARG A 51 9.39 11.61 -1.92
CA ARG A 51 8.85 10.90 -3.07
C ARG A 51 8.47 9.48 -2.70
N PRO A 52 7.24 9.09 -3.07
CA PRO A 52 6.72 7.74 -2.78
C PRO A 52 7.42 6.67 -3.62
N ASN A 53 7.39 5.44 -3.11
CA ASN A 53 8.03 4.31 -3.79
C ASN A 53 7.04 3.61 -4.71
N THR A 54 7.09 3.96 -6.00
CA THR A 54 6.20 3.36 -6.99
C THR A 54 6.55 1.90 -7.24
N ILE A 55 5.53 1.07 -7.38
CA ILE A 55 5.73 -0.36 -7.63
C ILE A 55 4.62 -0.92 -8.51
N ASP A 56 5.01 -1.81 -9.43
CA ASP A 56 4.05 -2.42 -10.34
C ASP A 56 3.58 -3.78 -9.80
N PHE A 57 2.27 -3.99 -9.84
CA PHE A 57 1.70 -5.24 -9.35
C PHE A 57 0.64 -5.77 -10.32
N GLY A 58 0.64 -7.08 -10.54
CA GLY A 58 -0.32 -7.70 -11.44
C GLY A 58 -1.61 -8.07 -10.74
N LYS A 59 -2.70 -8.10 -11.51
CA LYS A 59 -4.01 -8.45 -10.95
C LYS A 59 -3.89 -9.66 -10.02
N ASP A 60 -2.85 -10.46 -10.22
CA ASP A 60 -2.63 -11.64 -9.39
C ASP A 60 -2.05 -11.26 -8.03
N ASP A 61 -1.16 -10.28 -8.02
CA ASP A 61 -0.55 -9.82 -6.78
C ASP A 61 -1.56 -9.11 -5.89
N GLN A 62 -2.11 -9.84 -4.93
CA GLN A 62 -3.10 -9.28 -4.02
C GLN A 62 -2.46 -8.96 -2.66
N HIS A 63 -1.16 -9.16 -2.56
CA HIS A 63 -0.43 -8.89 -1.33
C HIS A 63 1.07 -8.74 -1.59
N PHE A 64 1.79 -8.24 -0.60
CA PHE A 64 3.23 -8.05 -0.72
C PHE A 64 3.91 -8.13 0.64
N THR A 65 5.14 -8.62 0.64
CA THR A 65 5.91 -8.75 1.89
C THR A 65 7.04 -7.74 1.94
N VAL A 66 6.93 -6.77 2.85
CA VAL A 66 7.96 -5.75 3.01
C VAL A 66 8.84 -6.03 4.22
N THR A 67 10.15 -6.06 4.00
CA THR A 67 11.10 -6.30 5.08
C THR A 67 12.20 -5.27 5.09
N GLY A 68 12.79 -5.04 6.26
CA GLY A 68 13.85 -4.06 6.38
C GLY A 68 13.35 -2.69 6.79
N LEU A 69 12.05 -2.60 7.06
CA LEU A 69 11.44 -1.33 7.45
C LEU A 69 12.09 -0.79 8.72
N HIS A 70 12.42 0.50 8.70
CA HIS A 70 13.05 1.14 9.85
C HIS A 70 12.10 1.18 11.05
N LYS A 71 12.44 0.43 12.09
CA LYS A 71 11.60 0.38 13.29
C LYS A 71 11.48 1.76 13.92
N GLY A 72 10.43 1.93 14.73
CA GLY A 72 10.21 3.20 15.39
C GLY A 72 10.04 4.34 14.41
N THR A 73 9.45 4.03 13.25
CA THR A 73 9.22 5.05 12.22
C THR A 73 7.84 4.89 11.60
N THR A 74 7.27 6.00 11.14
CA THR A 74 5.95 5.99 10.53
C THR A 74 6.05 5.90 9.02
N TYR A 75 5.03 5.32 8.39
CA TYR A 75 5.01 5.17 6.95
C TYR A 75 3.61 5.46 6.39
N ILE A 76 3.54 5.66 5.08
CA ILE A 76 2.27 5.95 4.42
C ILE A 76 2.09 5.11 3.17
N PHE A 77 1.28 4.07 3.27
CA PHE A 77 1.01 3.18 2.14
C PHE A 77 -0.17 3.69 1.30
N ARG A 78 -0.06 3.53 0.00
CA ARG A 78 -1.12 3.97 -0.91
C ARG A 78 -1.25 3.02 -2.10
N LEU A 79 -2.46 2.53 -2.34
CA LEU A 79 -2.71 1.61 -3.45
C LEU A 79 -3.79 2.16 -4.37
N ALA A 80 -3.79 1.69 -5.61
CA ALA A 80 -4.77 2.14 -6.59
C ALA A 80 -5.11 1.02 -7.58
N ALA A 81 -6.36 0.96 -7.99
CA ALA A 81 -6.81 -0.06 -8.94
C ALA A 81 -6.63 0.41 -10.38
N LYS A 82 -6.37 -0.54 -11.28
CA LYS A 82 -6.16 -0.22 -12.69
C LYS A 82 -7.10 -1.06 -13.56
N ASN A 83 -7.92 -0.38 -14.35
CA ASN A 83 -8.87 -1.06 -15.24
C ASN A 83 -8.56 -0.73 -16.70
N ARG A 84 -9.36 -1.30 -17.60
CA ARG A 84 -9.17 -1.07 -19.03
C ARG A 84 -8.96 0.41 -19.32
N ALA A 85 -9.48 1.26 -18.45
CA ALA A 85 -9.34 2.70 -18.61
C ALA A 85 -8.04 3.20 -18.01
N GLY A 86 -7.60 2.54 -16.93
CA GLY A 86 -6.37 2.93 -16.28
C GLY A 86 -6.52 3.01 -14.77
N LEU A 87 -5.58 3.69 -14.11
CA LEU A 87 -5.62 3.83 -12.66
C LEU A 87 -6.73 4.77 -12.23
N GLY A 88 -7.27 4.54 -11.04
CA GLY A 88 -8.34 5.38 -10.53
C GLY A 88 -8.00 6.00 -9.19
N GLU A 89 -8.92 5.89 -8.24
CA GLU A 89 -8.71 6.44 -6.91
C GLU A 89 -7.59 5.72 -6.18
N GLU A 90 -7.02 6.37 -5.16
CA GLU A 90 -5.94 5.77 -4.39
C GLU A 90 -6.25 5.82 -2.90
N PHE A 91 -5.98 4.72 -2.20
CA PHE A 91 -6.23 4.64 -0.77
C PHE A 91 -5.03 5.15 0.03
N GLU A 92 -5.27 5.50 1.28
CA GLU A 92 -4.21 6.00 2.16
C GLU A 92 -4.24 5.30 3.51
N LYS A 93 -3.08 4.84 3.96
CA LYS A 93 -2.97 4.16 5.24
C LYS A 93 -1.74 4.63 6.01
N GLU A 94 -1.94 5.03 7.26
CA GLU A 94 -0.84 5.51 8.09
C GLU A 94 -0.53 4.50 9.19
N ILE A 95 0.70 3.99 9.19
CA ILE A 95 1.13 3.01 10.18
C ILE A 95 2.45 3.42 10.81
N ARG A 96 2.85 2.69 11.85
CA ARG A 96 4.11 2.97 12.54
C ARG A 96 4.74 1.70 13.08
N THR A 97 5.96 1.41 12.64
CA THR A 97 6.67 0.22 13.08
C THR A 97 6.96 0.27 14.58
N PRO A 98 7.13 -0.92 15.18
CA PRO A 98 7.41 -1.04 16.62
C PRO A 98 8.81 -0.52 16.98
N GLU A 99 8.86 0.58 17.71
CA GLU A 99 10.13 1.17 18.12
C GLU A 99 11.18 0.09 18.39
N ASP A 100 10.72 -1.06 18.87
CA ASP A 100 11.60 -2.18 19.16
C ASP A 100 10.82 -3.41 19.60
N LEU A 101 11.11 -4.54 18.99
CA LEU A 101 10.43 -5.79 19.32
C LEU A 101 10.58 -6.12 20.80
N SER A 102 11.51 -5.44 21.47
CA SER A 102 11.76 -5.66 22.88
C SER A 102 11.18 -4.53 23.72
N GLY A 103 9.99 -4.74 24.25
CA GLY A 103 9.34 -3.74 25.07
C GLY A 103 9.07 -4.20 26.48
N PRO A 104 7.83 -4.67 26.74
CA PRO A 104 7.43 -5.17 28.05
C PRO A 104 8.11 -6.48 28.41
N SER A 105 8.22 -7.38 27.44
CA SER A 105 8.85 -8.68 27.65
C SER A 105 10.32 -8.52 28.01
N SER A 106 10.68 -8.97 29.22
CA SER A 106 12.06 -8.88 29.68
C SER A 106 12.59 -10.25 30.09
N GLY A 107 13.53 -10.76 29.31
CA GLY A 107 14.11 -12.06 29.61
C GLY A 107 15.26 -12.40 28.68
N GLY A 1 -13.58 17.46 -26.94
CA GLY A 1 -12.89 17.38 -25.67
C GLY A 1 -13.45 16.28 -24.78
N SER A 2 -12.79 16.05 -23.65
CA SER A 2 -13.23 15.03 -22.70
C SER A 2 -14.24 15.58 -21.72
N SER A 3 -14.93 14.69 -21.02
CA SER A 3 -15.94 15.10 -20.04
C SER A 3 -15.32 15.22 -18.65
N GLY A 4 -14.68 14.14 -18.20
CA GLY A 4 -14.05 14.16 -16.88
C GLY A 4 -13.07 13.02 -16.71
N SER A 5 -12.48 12.93 -15.53
CA SER A 5 -11.50 11.88 -15.23
C SER A 5 -12.21 10.60 -14.77
N SER A 6 -12.28 9.62 -15.66
CA SER A 6 -12.92 8.36 -15.36
C SER A 6 -11.91 7.33 -14.86
N GLY A 7 -12.35 6.45 -13.97
CA GLY A 7 -11.45 5.43 -13.44
C GLY A 7 -12.08 4.68 -12.27
N PRO A 8 -11.39 3.62 -11.81
CA PRO A 8 -11.86 2.80 -10.70
C PRO A 8 -11.80 3.55 -9.36
N GLY A 9 -12.36 2.94 -8.33
CA GLY A 9 -12.37 3.55 -7.01
C GLY A 9 -11.09 3.30 -6.25
N ARG A 10 -11.18 3.27 -4.92
CA ARG A 10 -10.02 3.04 -4.08
C ARG A 10 -10.03 1.62 -3.51
N PRO A 11 -8.94 0.88 -3.72
CA PRO A 11 -8.80 -0.50 -3.25
C PRO A 11 -8.66 -0.57 -1.73
N THR A 12 -9.07 -1.70 -1.16
CA THR A 12 -9.00 -1.90 0.28
C THR A 12 -7.67 -2.51 0.69
N MET A 13 -6.80 -1.69 1.27
CA MET A 13 -5.48 -2.16 1.71
C MET A 13 -5.51 -2.54 3.18
N MET A 14 -4.81 -3.62 3.52
CA MET A 14 -4.75 -4.08 4.90
C MET A 14 -3.32 -4.45 5.30
N ILE A 15 -2.66 -3.54 6.00
CA ILE A 15 -1.29 -3.77 6.45
C ILE A 15 -1.25 -4.54 7.76
N SER A 16 -0.52 -5.65 7.76
CA SER A 16 -0.41 -6.47 8.96
C SER A 16 1.06 -6.69 9.33
N THR A 17 1.43 -6.24 10.53
CA THR A 17 2.80 -6.37 11.00
C THR A 17 2.98 -7.67 11.79
N THR A 18 3.66 -8.64 11.19
CA THR A 18 3.91 -9.92 11.84
C THR A 18 5.36 -10.05 12.29
N ALA A 19 6.27 -10.10 11.34
CA ALA A 19 7.70 -10.20 11.64
C ALA A 19 8.25 -8.89 12.16
N MET A 20 9.50 -8.92 12.63
CA MET A 20 10.15 -7.73 13.16
C MET A 20 10.62 -6.83 12.03
N ASN A 21 10.17 -5.58 12.03
CA ASN A 21 10.55 -4.62 11.00
C ASN A 21 10.00 -5.04 9.64
N THR A 22 8.92 -5.80 9.65
CA THR A 22 8.30 -6.27 8.42
C THR A 22 6.80 -5.94 8.40
N ALA A 23 6.35 -5.33 7.31
CA ALA A 23 4.94 -4.97 7.17
C ALA A 23 4.29 -5.77 6.05
N LEU A 24 3.31 -6.59 6.41
CA LEU A 24 2.59 -7.41 5.42
C LEU A 24 1.59 -6.57 4.65
N LEU A 25 1.60 -6.73 3.33
CA LEU A 25 0.69 -5.99 2.46
C LEU A 25 -0.39 -6.90 1.90
N GLN A 26 -1.65 -6.59 2.19
CA GLN A 26 -2.77 -7.39 1.71
C GLN A 26 -3.95 -6.50 1.33
N TRP A 27 -4.29 -6.50 0.05
CA TRP A 27 -5.40 -5.70 -0.45
C TRP A 27 -6.36 -6.53 -1.29
N HIS A 28 -7.48 -5.94 -1.68
CA HIS A 28 -8.47 -6.62 -2.49
C HIS A 28 -9.01 -5.72 -3.59
N PRO A 29 -9.48 -6.34 -4.69
CA PRO A 29 -10.02 -5.60 -5.83
C PRO A 29 -11.35 -4.92 -5.51
N PRO A 30 -11.50 -3.68 -5.98
CA PRO A 30 -12.72 -2.90 -5.75
C PRO A 30 -13.92 -3.44 -6.54
N LYS A 31 -15.10 -2.90 -6.27
CA LYS A 31 -16.31 -3.33 -6.95
C LYS A 31 -16.86 -2.22 -7.85
N GLU A 32 -16.42 -0.99 -7.59
CA GLU A 32 -16.86 0.15 -8.38
C GLU A 32 -15.99 0.34 -9.61
N LEU A 33 -15.19 -0.69 -9.92
CA LEU A 33 -14.30 -0.64 -11.08
C LEU A 33 -15.07 -0.92 -12.37
N PRO A 34 -15.17 0.10 -13.23
CA PRO A 34 -15.87 -0.01 -14.51
C PRO A 34 -15.14 -0.91 -15.50
N GLY A 35 -15.54 -2.18 -15.55
CA GLY A 35 -14.91 -3.12 -16.46
C GLY A 35 -14.36 -4.34 -15.75
N GLU A 36 -13.04 -4.47 -15.74
CA GLU A 36 -12.39 -5.61 -15.08
C GLU A 36 -11.04 -5.21 -14.52
N LEU A 37 -10.52 -6.04 -13.61
CA LEU A 37 -9.23 -5.76 -12.99
C LEU A 37 -8.09 -6.22 -13.90
N LEU A 38 -7.13 -5.33 -14.12
CA LEU A 38 -5.99 -5.65 -14.98
C LEU A 38 -4.68 -5.51 -14.21
N GLY A 39 -4.68 -4.65 -13.19
CA GLY A 39 -3.49 -4.44 -12.38
C GLY A 39 -3.64 -3.27 -11.44
N TYR A 40 -2.57 -3.00 -10.68
CA TYR A 40 -2.58 -1.89 -9.73
C TYR A 40 -1.16 -1.54 -9.30
N ARG A 41 -0.96 -0.27 -8.94
CA ARG A 41 0.35 0.19 -8.50
C ARG A 41 0.37 0.44 -7.00
N LEU A 42 1.52 0.22 -6.37
CA LEU A 42 1.67 0.43 -4.94
C LEU A 42 2.70 1.51 -4.64
N GLN A 43 2.35 2.43 -3.76
CA GLN A 43 3.25 3.52 -3.38
C GLN A 43 3.29 3.70 -1.87
N TYR A 44 4.49 3.59 -1.30
CA TYR A 44 4.67 3.73 0.14
C TYR A 44 6.04 4.30 0.46
N CYS A 45 6.08 5.24 1.40
CA CYS A 45 7.33 5.87 1.80
C CYS A 45 7.27 6.32 3.26
N ARG A 46 8.39 6.81 3.77
CA ARG A 46 8.48 7.26 5.15
C ARG A 46 7.70 8.57 5.34
N ALA A 47 7.41 8.91 6.59
CA ALA A 47 6.68 10.12 6.91
C ALA A 47 7.55 11.36 6.69
N ASP A 48 8.78 11.14 6.23
CA ASP A 48 9.70 12.23 5.99
C ASP A 48 10.24 12.19 4.55
N GLU A 49 9.60 11.38 3.73
CA GLU A 49 10.01 11.24 2.33
C GLU A 49 9.18 12.14 1.42
N ALA A 50 9.76 12.54 0.30
CA ALA A 50 9.07 13.41 -0.65
C ALA A 50 8.65 12.64 -1.89
N ARG A 51 9.39 11.58 -2.21
CA ARG A 51 9.09 10.76 -3.38
C ARG A 51 8.76 9.33 -2.97
N PRO A 52 7.50 8.92 -3.20
CA PRO A 52 7.03 7.58 -2.87
C PRO A 52 7.65 6.51 -3.75
N ASN A 53 7.71 5.28 -3.24
CA ASN A 53 8.28 4.16 -3.99
C ASN A 53 7.23 3.50 -4.87
N THR A 54 7.24 3.86 -6.15
CA THR A 54 6.28 3.31 -7.11
C THR A 54 6.60 1.85 -7.41
N ILE A 55 5.59 1.00 -7.24
CA ILE A 55 5.77 -0.44 -7.50
C ILE A 55 4.62 -0.98 -8.34
N ASP A 56 4.94 -1.89 -9.25
CA ASP A 56 3.93 -2.50 -10.12
C ASP A 56 3.46 -3.84 -9.55
N PHE A 57 2.17 -4.10 -9.67
CA PHE A 57 1.58 -5.34 -9.17
C PHE A 57 0.53 -5.88 -10.14
N GLY A 58 0.65 -7.17 -10.45
CA GLY A 58 -0.29 -7.78 -11.37
C GLY A 58 -1.64 -8.07 -10.71
N LYS A 59 -2.69 -8.11 -11.53
CA LYS A 59 -4.03 -8.38 -11.03
C LYS A 59 -4.03 -9.55 -10.06
N ASP A 60 -3.01 -10.39 -10.15
CA ASP A 60 -2.88 -11.55 -9.27
C ASP A 60 -2.27 -11.16 -7.93
N ASP A 61 -1.30 -10.24 -7.97
CA ASP A 61 -0.64 -9.79 -6.76
C ASP A 61 -1.61 -9.06 -5.84
N GLN A 62 -2.16 -9.78 -4.87
CA GLN A 62 -3.11 -9.22 -3.93
C GLN A 62 -2.44 -8.91 -2.60
N HIS A 63 -1.13 -9.14 -2.53
CA HIS A 63 -0.37 -8.88 -1.32
C HIS A 63 1.12 -8.81 -1.61
N PHE A 64 1.88 -8.26 -0.66
CA PHE A 64 3.33 -8.13 -0.83
C PHE A 64 4.03 -8.16 0.52
N THR A 65 5.23 -8.73 0.55
CA THR A 65 6.01 -8.83 1.78
C THR A 65 7.09 -7.76 1.82
N VAL A 66 7.03 -6.92 2.85
CA VAL A 66 8.01 -5.85 3.02
C VAL A 66 8.85 -6.06 4.28
N THR A 67 10.16 -6.09 4.10
CA THR A 67 11.07 -6.29 5.22
C THR A 67 12.19 -5.26 5.21
N GLY A 68 12.64 -4.85 6.40
CA GLY A 68 13.70 -3.86 6.49
C GLY A 68 13.20 -2.51 6.93
N LEU A 69 11.94 -2.45 7.35
CA LEU A 69 11.33 -1.20 7.80
C LEU A 69 11.97 -0.72 9.10
N HIS A 70 12.30 0.56 9.16
CA HIS A 70 12.91 1.14 10.35
C HIS A 70 11.91 1.20 11.50
N LYS A 71 12.27 0.58 12.62
CA LYS A 71 11.41 0.56 13.79
C LYS A 71 11.17 1.97 14.33
N GLY A 72 10.02 2.17 14.98
CA GLY A 72 9.69 3.46 15.52
C GLY A 72 9.60 4.53 14.44
N THR A 73 9.16 4.14 13.25
CA THR A 73 9.04 5.07 12.14
C THR A 73 7.66 4.98 11.50
N THR A 74 7.09 6.14 11.16
CA THR A 74 5.77 6.19 10.54
C THR A 74 5.88 6.13 9.02
N TYR A 75 5.03 5.32 8.41
CA TYR A 75 5.02 5.17 6.95
C TYR A 75 3.65 5.48 6.38
N ILE A 76 3.59 5.67 5.07
CA ILE A 76 2.33 5.96 4.39
C ILE A 76 2.15 5.07 3.16
N PHE A 77 1.32 4.05 3.30
CA PHE A 77 1.05 3.12 2.20
C PHE A 77 -0.13 3.60 1.37
N ARG A 78 0.02 3.54 0.05
CA ARG A 78 -1.03 3.97 -0.86
C ARG A 78 -1.18 2.99 -2.03
N LEU A 79 -2.41 2.65 -2.36
CA LEU A 79 -2.68 1.72 -3.47
C LEU A 79 -3.75 2.29 -4.40
N ALA A 80 -3.76 1.80 -5.62
CA ALA A 80 -4.74 2.24 -6.62
C ALA A 80 -5.09 1.12 -7.59
N ALA A 81 -6.37 1.06 -7.98
CA ALA A 81 -6.84 0.04 -8.90
C ALA A 81 -6.66 0.49 -10.35
N LYS A 82 -6.35 -0.46 -11.22
CA LYS A 82 -6.17 -0.16 -12.64
C LYS A 82 -7.11 -0.99 -13.50
N ASN A 83 -7.95 -0.31 -14.28
CA ASN A 83 -8.91 -0.99 -15.15
C ASN A 83 -8.63 -0.66 -16.62
N ARG A 84 -9.45 -1.22 -17.50
CA ARG A 84 -9.29 -0.98 -18.93
C ARG A 84 -9.05 0.49 -19.22
N ALA A 85 -9.74 1.36 -18.49
CA ALA A 85 -9.59 2.80 -18.67
C ALA A 85 -8.26 3.29 -18.09
N GLY A 86 -7.80 2.61 -17.05
CA GLY A 86 -6.55 3.00 -16.42
C GLY A 86 -6.65 3.05 -14.91
N LEU A 87 -5.68 3.71 -14.28
CA LEU A 87 -5.67 3.83 -12.82
C LEU A 87 -6.78 4.74 -12.34
N GLY A 88 -7.28 4.49 -11.13
CA GLY A 88 -8.34 5.30 -10.58
C GLY A 88 -7.99 5.86 -9.21
N GLU A 89 -9.00 6.00 -8.35
CA GLU A 89 -8.79 6.53 -7.01
C GLU A 89 -7.68 5.76 -6.28
N GLU A 90 -7.19 6.34 -5.20
CA GLU A 90 -6.14 5.71 -4.41
C GLU A 90 -6.46 5.77 -2.92
N PHE A 91 -6.11 4.71 -2.20
CA PHE A 91 -6.36 4.63 -0.76
C PHE A 91 -5.12 5.04 0.03
N GLU A 92 -5.33 5.63 1.20
CA GLU A 92 -4.23 6.07 2.04
C GLU A 92 -4.30 5.41 3.42
N LYS A 93 -3.16 4.94 3.91
CA LYS A 93 -3.09 4.29 5.21
C LYS A 93 -1.80 4.66 5.94
N GLU A 94 -1.95 5.12 7.18
CA GLU A 94 -0.80 5.51 7.98
C GLU A 94 -0.54 4.52 9.10
N ILE A 95 0.68 4.00 9.18
CA ILE A 95 1.04 3.04 10.21
C ILE A 95 2.35 3.41 10.88
N ARG A 96 2.78 2.59 11.84
CA ARG A 96 4.03 2.84 12.56
C ARG A 96 4.60 1.54 13.10
N THR A 97 5.82 1.21 12.67
CA THR A 97 6.48 -0.01 13.11
C THR A 97 6.69 0.00 14.63
N PRO A 98 6.36 -1.13 15.27
CA PRO A 98 6.50 -1.28 16.72
C PRO A 98 7.96 -1.33 17.17
N GLU A 99 8.39 -0.30 17.88
CA GLU A 99 9.76 -0.23 18.37
C GLU A 99 10.14 -1.50 19.12
N ASP A 100 11.39 -1.57 19.56
CA ASP A 100 11.88 -2.73 20.29
C ASP A 100 11.69 -2.55 21.80
N LEU A 101 11.31 -3.63 22.47
CA LEU A 101 11.08 -3.59 23.92
C LEU A 101 12.38 -3.85 24.68
N SER A 102 12.55 -3.15 25.79
CA SER A 102 13.74 -3.31 26.62
C SER A 102 13.45 -2.95 28.07
N GLY A 103 13.58 -3.94 28.95
CA GLY A 103 13.33 -3.72 30.36
C GLY A 103 13.60 -4.94 31.21
N PRO A 104 14.86 -5.08 31.66
CA PRO A 104 15.28 -6.22 32.49
C PRO A 104 14.67 -6.18 33.88
N SER A 105 13.94 -5.10 34.18
CA SER A 105 13.30 -4.94 35.48
C SER A 105 12.25 -6.02 35.71
N SER A 106 12.23 -6.57 36.92
CA SER A 106 11.28 -7.61 37.27
C SER A 106 10.57 -7.29 38.58
N GLY A 107 9.25 -7.18 38.51
CA GLY A 107 8.47 -6.87 39.69
C GLY A 107 7.73 -8.08 40.24
N GLY A 1 -12.45 15.55 -27.52
CA GLY A 1 -12.83 15.26 -26.16
C GLY A 1 -14.23 14.68 -26.06
N SER A 2 -14.31 13.38 -25.80
CA SER A 2 -15.59 12.70 -25.69
C SER A 2 -15.75 12.04 -24.33
N SER A 3 -14.70 11.36 -23.88
CA SER A 3 -14.72 10.69 -22.58
C SER A 3 -14.28 11.63 -21.48
N GLY A 4 -14.36 11.16 -20.23
CA GLY A 4 -13.97 11.98 -19.10
C GLY A 4 -12.84 11.36 -18.31
N SER A 5 -13.09 11.09 -17.03
CA SER A 5 -12.09 10.50 -16.16
C SER A 5 -12.63 9.25 -15.46
N SER A 6 -13.40 8.46 -16.21
CA SER A 6 -13.98 7.24 -15.68
C SER A 6 -12.90 6.29 -15.18
N GLY A 7 -12.70 6.27 -13.86
CA GLY A 7 -11.70 5.40 -13.28
C GLY A 7 -12.21 4.63 -12.07
N PRO A 8 -11.45 3.62 -11.65
CA PRO A 8 -11.82 2.79 -10.49
C PRO A 8 -11.71 3.56 -9.17
N GLY A 9 -12.44 3.08 -8.16
CA GLY A 9 -12.42 3.73 -6.86
C GLY A 9 -11.15 3.44 -6.09
N ARG A 10 -11.26 3.40 -4.77
CA ARG A 10 -10.10 3.12 -3.92
C ARG A 10 -10.13 1.69 -3.39
N PRO A 11 -9.05 0.94 -3.64
CA PRO A 11 -8.92 -0.45 -3.20
C PRO A 11 -8.78 -0.57 -1.70
N THR A 12 -9.15 -1.72 -1.15
CA THR A 12 -9.05 -1.96 0.28
C THR A 12 -7.69 -2.54 0.65
N MET A 13 -6.83 -1.70 1.22
CA MET A 13 -5.50 -2.13 1.62
C MET A 13 -5.48 -2.51 3.10
N MET A 14 -4.77 -3.59 3.41
CA MET A 14 -4.68 -4.07 4.79
C MET A 14 -3.22 -4.34 5.17
N ILE A 15 -2.67 -3.50 6.04
CA ILE A 15 -1.29 -3.65 6.48
C ILE A 15 -1.22 -4.27 7.88
N SER A 16 -0.53 -5.39 7.98
CA SER A 16 -0.39 -6.08 9.26
C SER A 16 1.07 -6.44 9.54
N THR A 17 1.55 -6.07 10.71
CA THR A 17 2.94 -6.35 11.10
C THR A 17 3.07 -7.76 11.66
N THR A 18 3.99 -8.53 11.08
CA THR A 18 4.22 -9.90 11.52
C THR A 18 5.66 -10.09 11.99
N ALA A 19 6.60 -9.99 11.05
CA ALA A 19 8.01 -10.15 11.36
C ALA A 19 8.62 -8.83 11.82
N MET A 20 9.81 -8.91 12.41
CA MET A 20 10.51 -7.71 12.88
C MET A 20 11.01 -6.88 11.71
N ASN A 21 10.59 -5.61 11.67
CA ASN A 21 11.01 -4.72 10.60
C ASN A 21 10.38 -5.13 9.26
N THR A 22 9.23 -5.79 9.33
CA THR A 22 8.53 -6.23 8.14
C THR A 22 7.03 -6.03 8.27
N ALA A 23 6.42 -5.50 7.21
CA ALA A 23 4.98 -5.25 7.20
C ALA A 23 4.30 -6.00 6.07
N LEU A 24 3.31 -6.81 6.43
CA LEU A 24 2.57 -7.60 5.44
C LEU A 24 1.56 -6.73 4.70
N LEU A 25 1.58 -6.81 3.37
CA LEU A 25 0.66 -6.02 2.55
C LEU A 25 -0.38 -6.93 1.90
N GLN A 26 -1.65 -6.65 2.18
CA GLN A 26 -2.74 -7.45 1.63
C GLN A 26 -3.93 -6.55 1.28
N TRP A 27 -4.27 -6.49 0.00
CA TRP A 27 -5.39 -5.68 -0.45
C TRP A 27 -6.37 -6.52 -1.27
N HIS A 28 -7.48 -5.89 -1.68
CA HIS A 28 -8.49 -6.58 -2.47
C HIS A 28 -9.01 -5.69 -3.59
N PRO A 29 -9.55 -6.31 -4.64
CA PRO A 29 -10.09 -5.59 -5.81
C PRO A 29 -11.38 -4.83 -5.47
N PRO A 30 -11.48 -3.59 -5.97
CA PRO A 30 -12.64 -2.74 -5.74
C PRO A 30 -13.88 -3.23 -6.47
N LYS A 31 -15.05 -2.83 -5.98
CA LYS A 31 -16.32 -3.23 -6.58
C LYS A 31 -16.90 -2.12 -7.43
N GLU A 32 -16.33 -0.92 -7.30
CA GLU A 32 -16.80 0.23 -8.05
C GLU A 32 -15.93 0.46 -9.29
N LEU A 33 -15.23 -0.59 -9.72
CA LEU A 33 -14.36 -0.50 -10.89
C LEU A 33 -15.13 -0.84 -12.15
N PRO A 34 -15.23 0.14 -13.06
CA PRO A 34 -15.93 -0.02 -14.34
C PRO A 34 -15.19 -0.96 -15.29
N GLY A 35 -15.60 -2.22 -15.31
CA GLY A 35 -14.96 -3.20 -16.19
C GLY A 35 -14.46 -4.40 -15.42
N GLU A 36 -13.14 -4.59 -15.42
CA GLU A 36 -12.54 -5.72 -14.73
C GLU A 36 -11.13 -5.37 -14.24
N LEU A 37 -10.68 -6.06 -13.21
CA LEU A 37 -9.35 -5.83 -12.65
C LEU A 37 -8.27 -6.33 -13.61
N LEU A 38 -7.30 -5.46 -13.89
CA LEU A 38 -6.20 -5.81 -14.78
C LEU A 38 -4.85 -5.61 -14.10
N GLY A 39 -4.82 -4.71 -13.12
CA GLY A 39 -3.58 -4.45 -12.40
C GLY A 39 -3.73 -3.31 -11.40
N TYR A 40 -2.66 -3.06 -10.65
CA TYR A 40 -2.66 -1.99 -9.66
C TYR A 40 -1.24 -1.63 -9.23
N ARG A 41 -1.05 -0.37 -8.86
CA ARG A 41 0.26 0.11 -8.43
C ARG A 41 0.29 0.34 -6.92
N LEU A 42 1.47 0.19 -6.33
CA LEU A 42 1.63 0.38 -4.89
C LEU A 42 2.66 1.47 -4.60
N GLN A 43 2.30 2.39 -3.71
CA GLN A 43 3.20 3.48 -3.34
C GLN A 43 3.25 3.66 -1.83
N TYR A 44 4.43 3.46 -1.25
CA TYR A 44 4.61 3.58 0.18
C TYR A 44 5.99 4.17 0.51
N CYS A 45 6.01 5.13 1.42
CA CYS A 45 7.26 5.78 1.83
C CYS A 45 7.19 6.24 3.28
N ARG A 46 8.35 6.61 3.83
CA ARG A 46 8.42 7.07 5.21
C ARG A 46 7.66 8.40 5.38
N ALA A 47 7.36 8.74 6.63
CA ALA A 47 6.65 9.98 6.92
C ALA A 47 7.57 11.19 6.74
N ASP A 48 8.85 10.93 6.45
CA ASP A 48 9.82 12.00 6.26
C ASP A 48 10.42 11.93 4.86
N GLU A 49 9.78 11.15 3.98
CA GLU A 49 10.26 11.00 2.61
C GLU A 49 9.75 12.14 1.73
N ALA A 50 10.31 12.25 0.54
CA ALA A 50 9.92 13.30 -0.40
C ALA A 50 9.25 12.70 -1.64
N ARG A 51 9.47 11.41 -1.86
CA ARG A 51 8.88 10.72 -3.00
C ARG A 51 8.50 9.29 -2.64
N PRO A 52 7.25 8.91 -2.98
CA PRO A 52 6.74 7.57 -2.70
C PRO A 52 7.41 6.50 -3.55
N ASN A 53 7.42 5.26 -3.04
CA ASN A 53 8.04 4.15 -3.75
C ASN A 53 7.03 3.49 -4.69
N THR A 54 7.09 3.86 -5.97
CA THR A 54 6.19 3.30 -6.97
C THR A 54 6.52 1.84 -7.25
N ILE A 55 5.49 1.00 -7.29
CA ILE A 55 5.67 -0.42 -7.56
C ILE A 55 4.55 -0.96 -8.43
N ASP A 56 4.89 -1.85 -9.36
CA ASP A 56 3.91 -2.45 -10.25
C ASP A 56 3.45 -3.80 -9.73
N PHE A 57 2.15 -4.05 -9.81
CA PHE A 57 1.58 -5.31 -9.34
C PHE A 57 0.52 -5.82 -10.31
N GLY A 58 0.51 -7.13 -10.54
CA GLY A 58 -0.46 -7.72 -11.43
C GLY A 58 -1.75 -8.10 -10.73
N LYS A 59 -2.85 -8.12 -11.48
CA LYS A 59 -4.15 -8.47 -10.93
C LYS A 59 -4.04 -9.66 -9.98
N ASP A 60 -3.00 -10.48 -10.19
CA ASP A 60 -2.78 -11.65 -9.35
C ASP A 60 -2.18 -11.26 -8.01
N ASP A 61 -1.24 -10.31 -8.04
CA ASP A 61 -0.59 -9.85 -6.81
C ASP A 61 -1.58 -9.09 -5.93
N GLN A 62 -2.13 -9.78 -4.94
CA GLN A 62 -3.08 -9.17 -4.03
C GLN A 62 -2.43 -8.83 -2.69
N HIS A 63 -1.12 -9.08 -2.61
CA HIS A 63 -0.37 -8.79 -1.38
C HIS A 63 1.12 -8.64 -1.69
N PHE A 64 1.87 -8.16 -0.71
CA PHE A 64 3.30 -7.97 -0.87
C PHE A 64 4.04 -8.17 0.46
N THR A 65 5.32 -8.50 0.38
CA THR A 65 6.13 -8.72 1.57
C THR A 65 7.24 -7.70 1.68
N VAL A 66 7.16 -6.82 2.67
CA VAL A 66 8.16 -5.79 2.88
C VAL A 66 8.98 -6.06 4.14
N THR A 67 10.29 -6.10 3.99
CA THR A 67 11.19 -6.36 5.11
C THR A 67 12.31 -5.33 5.17
N GLY A 68 12.83 -5.10 6.37
CA GLY A 68 13.90 -4.14 6.55
C GLY A 68 13.38 -2.77 6.96
N LEU A 69 12.06 -2.65 7.07
CA LEU A 69 11.45 -1.38 7.45
C LEU A 69 12.08 -0.82 8.72
N HIS A 70 12.07 0.50 8.86
CA HIS A 70 12.64 1.16 10.02
C HIS A 70 11.69 1.06 11.22
N LYS A 71 12.15 0.42 12.29
CA LYS A 71 11.35 0.27 13.49
C LYS A 71 11.08 1.62 14.15
N GLY A 72 9.95 1.71 14.84
CA GLY A 72 9.59 2.95 15.50
C GLY A 72 9.50 4.12 14.54
N THR A 73 9.08 3.84 13.31
CA THR A 73 8.96 4.87 12.28
C THR A 73 7.60 4.80 11.60
N THR A 74 7.01 5.97 11.35
CA THR A 74 5.71 6.04 10.70
C THR A 74 5.84 5.98 9.19
N TYR A 75 4.94 5.23 8.55
CA TYR A 75 4.95 5.09 7.10
C TYR A 75 3.61 5.45 6.50
N ILE A 76 3.57 5.63 5.18
CA ILE A 76 2.34 5.97 4.49
C ILE A 76 2.17 5.13 3.23
N PHE A 77 1.30 4.12 3.31
CA PHE A 77 1.03 3.24 2.19
C PHE A 77 -0.13 3.76 1.34
N ARG A 78 -0.03 3.59 0.03
CA ARG A 78 -1.07 4.04 -0.89
C ARG A 78 -1.19 3.09 -2.08
N LEU A 79 -2.38 2.54 -2.26
CA LEU A 79 -2.63 1.61 -3.36
C LEU A 79 -3.69 2.17 -4.31
N ALA A 80 -3.69 1.68 -5.54
CA ALA A 80 -4.66 2.13 -6.54
C ALA A 80 -5.01 1.00 -7.50
N ALA A 81 -6.26 0.99 -7.97
CA ALA A 81 -6.73 -0.02 -8.89
C ALA A 81 -6.54 0.41 -10.34
N LYS A 82 -6.37 -0.55 -11.23
CA LYS A 82 -6.18 -0.27 -12.65
C LYS A 82 -7.15 -1.08 -13.50
N ASN A 83 -7.96 -0.38 -14.29
CA ASN A 83 -8.93 -1.04 -15.16
C ASN A 83 -8.64 -0.75 -16.62
N ARG A 84 -9.45 -1.31 -17.51
CA ARG A 84 -9.28 -1.11 -18.95
C ARG A 84 -9.08 0.36 -19.27
N ALA A 85 -9.70 1.22 -18.48
CA ALA A 85 -9.59 2.67 -18.69
C ALA A 85 -8.29 3.21 -18.10
N GLY A 86 -7.75 2.50 -17.11
CA GLY A 86 -6.52 2.92 -16.49
C GLY A 86 -6.64 3.00 -14.98
N LEU A 87 -5.63 3.58 -14.33
CA LEU A 87 -5.62 3.72 -12.88
C LEU A 87 -6.70 4.69 -12.41
N GLY A 88 -7.22 4.45 -11.21
CA GLY A 88 -8.26 5.31 -10.66
C GLY A 88 -7.85 5.93 -9.35
N GLU A 89 -8.83 6.10 -8.46
CA GLU A 89 -8.56 6.69 -7.15
C GLU A 89 -7.45 5.94 -6.41
N GLU A 90 -7.06 6.45 -5.26
CA GLU A 90 -5.99 5.84 -4.47
C GLU A 90 -6.34 5.85 -2.98
N PHE A 91 -5.94 4.80 -2.28
CA PHE A 91 -6.20 4.69 -0.85
C PHE A 91 -5.02 5.21 -0.03
N GLU A 92 -5.30 5.62 1.20
CA GLU A 92 -4.26 6.14 2.08
C GLU A 92 -4.34 5.48 3.46
N LYS A 93 -3.20 5.05 3.97
CA LYS A 93 -3.14 4.40 5.28
C LYS A 93 -1.86 4.79 6.02
N GLU A 94 -2.03 5.26 7.25
CA GLU A 94 -0.89 5.68 8.06
C GLU A 94 -0.64 4.68 9.20
N ILE A 95 0.57 4.13 9.24
CA ILE A 95 0.93 3.16 10.27
C ILE A 95 2.25 3.54 10.93
N ARG A 96 2.72 2.69 11.84
CA ARG A 96 3.97 2.93 12.56
C ARG A 96 4.53 1.64 13.14
N THR A 97 5.69 1.22 12.64
CA THR A 97 6.33 0.01 13.11
C THR A 97 6.72 0.11 14.58
N PRO A 98 6.66 -1.01 15.30
CA PRO A 98 7.00 -1.06 16.72
C PRO A 98 8.50 -0.89 16.96
N GLU A 99 8.87 -0.66 18.21
CA GLU A 99 10.27 -0.48 18.57
C GLU A 99 10.70 -1.49 19.63
N ASP A 100 11.81 -2.17 19.38
CA ASP A 100 12.34 -3.16 20.31
C ASP A 100 12.82 -2.50 21.60
N LEU A 101 13.80 -1.60 21.46
CA LEU A 101 14.35 -0.89 22.61
C LEU A 101 14.69 -1.87 23.72
N SER A 102 15.41 -2.93 23.38
CA SER A 102 15.80 -3.95 24.36
C SER A 102 17.27 -3.77 24.76
N GLY A 103 17.67 -2.53 24.96
CA GLY A 103 19.04 -2.24 25.35
C GLY A 103 19.99 -2.22 24.17
N PRO A 104 21.30 -2.21 24.45
CA PRO A 104 22.33 -2.18 23.41
C PRO A 104 22.41 -3.50 22.64
N SER A 105 21.53 -4.42 22.98
CA SER A 105 21.51 -5.73 22.33
C SER A 105 20.19 -5.94 21.59
N SER A 106 20.10 -7.05 20.87
CA SER A 106 18.89 -7.37 20.11
C SER A 106 18.82 -8.87 19.82
N GLY A 107 17.60 -9.40 19.75
CA GLY A 107 17.40 -10.80 19.48
C GLY A 107 16.40 -11.05 18.37
N GLY A 1 -2.35 13.41 -20.30
CA GLY A 1 -2.98 14.49 -21.04
C GLY A 1 -4.45 14.67 -20.69
N SER A 2 -5.12 15.59 -21.38
CA SER A 2 -6.53 15.85 -21.12
C SER A 2 -7.28 14.55 -20.85
N SER A 3 -7.79 14.42 -19.63
CA SER A 3 -8.53 13.22 -19.24
C SER A 3 -9.72 13.58 -18.36
N GLY A 4 -10.88 13.01 -18.66
CA GLY A 4 -12.07 13.28 -17.88
C GLY A 4 -12.06 12.59 -16.54
N SER A 5 -12.97 12.98 -15.66
CA SER A 5 -13.06 12.40 -14.33
C SER A 5 -13.64 10.99 -14.39
N SER A 6 -12.78 10.00 -14.63
CA SER A 6 -13.23 8.61 -14.72
C SER A 6 -12.14 7.67 -14.21
N GLY A 7 -12.57 6.55 -13.64
CA GLY A 7 -11.61 5.58 -13.12
C GLY A 7 -12.17 4.78 -11.95
N PRO A 8 -11.48 3.70 -11.58
CA PRO A 8 -11.90 2.83 -10.49
C PRO A 8 -11.75 3.51 -9.13
N GLY A 9 -12.35 2.92 -8.10
CA GLY A 9 -12.28 3.48 -6.76
C GLY A 9 -11.03 3.02 -6.02
N ARG A 10 -10.85 3.54 -4.81
CA ARG A 10 -9.69 3.18 -3.99
C ARG A 10 -9.85 1.77 -3.43
N PRO A 11 -8.83 0.92 -3.66
CA PRO A 11 -8.84 -0.46 -3.19
C PRO A 11 -8.69 -0.55 -1.66
N THR A 12 -9.16 -1.66 -1.09
CA THR A 12 -9.08 -1.87 0.34
C THR A 12 -7.75 -2.48 0.73
N MET A 13 -6.83 -1.65 1.24
CA MET A 13 -5.52 -2.10 1.65
C MET A 13 -5.50 -2.41 3.15
N MET A 14 -4.90 -3.53 3.51
CA MET A 14 -4.81 -3.94 4.91
C MET A 14 -3.38 -4.32 5.28
N ILE A 15 -2.74 -3.51 6.10
CA ILE A 15 -1.37 -3.76 6.53
C ILE A 15 -1.33 -4.42 7.91
N SER A 16 -0.51 -5.45 8.05
CA SER A 16 -0.39 -6.16 9.32
C SER A 16 1.07 -6.51 9.59
N THR A 17 1.48 -6.35 10.85
CA THR A 17 2.85 -6.65 11.25
C THR A 17 2.91 -7.95 12.05
N THR A 18 3.68 -8.91 11.54
CA THR A 18 3.84 -10.20 12.20
C THR A 18 5.29 -10.45 12.62
N ALA A 19 6.20 -10.29 11.67
CA ALA A 19 7.62 -10.48 11.94
C ALA A 19 8.27 -9.19 12.40
N MET A 20 9.58 -9.25 12.66
CA MET A 20 10.33 -8.08 13.11
C MET A 20 10.79 -7.24 11.93
N ASN A 21 10.37 -5.99 11.90
CA ASN A 21 10.74 -5.08 10.83
C ASN A 21 10.17 -5.54 9.49
N THR A 22 8.89 -5.92 9.50
CA THR A 22 8.24 -6.39 8.28
C THR A 22 6.73 -6.10 8.32
N ALA A 23 6.23 -5.48 7.27
CA ALA A 23 4.81 -5.15 7.18
C ALA A 23 4.14 -5.93 6.06
N LEU A 24 3.23 -6.83 6.43
CA LEU A 24 2.51 -7.63 5.45
C LEU A 24 1.40 -6.82 4.78
N LEU A 25 1.49 -6.69 3.46
CA LEU A 25 0.50 -5.94 2.70
C LEU A 25 -0.54 -6.87 2.10
N GLN A 26 -1.82 -6.55 2.30
CA GLN A 26 -2.91 -7.36 1.78
C GLN A 26 -4.09 -6.48 1.36
N TRP A 27 -4.39 -6.48 0.07
CA TRP A 27 -5.49 -5.68 -0.46
C TRP A 27 -6.44 -6.54 -1.29
N HIS A 28 -7.57 -5.96 -1.67
CA HIS A 28 -8.56 -6.68 -2.47
C HIS A 28 -9.12 -5.78 -3.57
N PRO A 29 -9.70 -6.40 -4.61
CA PRO A 29 -10.29 -5.68 -5.74
C PRO A 29 -11.57 -4.95 -5.35
N PRO A 30 -11.68 -3.69 -5.78
CA PRO A 30 -12.85 -2.85 -5.49
C PRO A 30 -14.10 -3.33 -6.24
N LYS A 31 -15.22 -2.67 -5.98
CA LYS A 31 -16.48 -3.02 -6.62
C LYS A 31 -16.95 -1.90 -7.55
N GLU A 32 -16.53 -0.67 -7.25
CA GLU A 32 -16.90 0.48 -8.06
C GLU A 32 -15.93 0.68 -9.21
N LEU A 33 -15.38 -0.43 -9.72
CA LEU A 33 -14.43 -0.38 -10.82
C LEU A 33 -15.11 -0.67 -12.15
N PRO A 34 -15.16 0.34 -13.02
CA PRO A 34 -15.79 0.22 -14.34
C PRO A 34 -14.99 -0.68 -15.27
N GLY A 35 -15.46 -1.90 -15.46
CA GLY A 35 -14.77 -2.84 -16.34
C GLY A 35 -14.29 -4.08 -15.60
N GLU A 36 -12.98 -4.27 -15.56
CA GLU A 36 -12.39 -5.43 -14.88
C GLU A 36 -11.02 -5.09 -14.31
N LEU A 37 -10.50 -5.98 -13.48
CA LEU A 37 -9.19 -5.77 -12.86
C LEU A 37 -8.08 -6.26 -13.79
N LEU A 38 -7.10 -5.40 -14.03
CA LEU A 38 -5.97 -5.73 -14.89
C LEU A 38 -4.64 -5.56 -14.15
N GLY A 39 -4.67 -4.76 -13.09
CA GLY A 39 -3.47 -4.53 -12.31
C GLY A 39 -3.60 -3.34 -11.39
N TYR A 40 -2.53 -3.04 -10.65
CA TYR A 40 -2.53 -1.93 -9.71
C TYR A 40 -1.11 -1.56 -9.30
N ARG A 41 -0.91 -0.29 -8.95
CA ARG A 41 0.40 0.19 -8.53
C ARG A 41 0.42 0.47 -7.03
N LEU A 42 1.57 0.23 -6.41
CA LEU A 42 1.74 0.45 -4.99
C LEU A 42 2.74 1.57 -4.71
N GLN A 43 2.34 2.54 -3.91
CA GLN A 43 3.21 3.66 -3.57
C GLN A 43 3.27 3.86 -2.05
N TYR A 44 4.45 3.66 -1.48
CA TYR A 44 4.62 3.83 -0.03
C TYR A 44 5.96 4.52 0.27
N CYS A 45 5.94 5.43 1.24
CA CYS A 45 7.14 6.15 1.62
C CYS A 45 7.06 6.60 3.09
N ARG A 46 8.17 7.09 3.61
CA ARG A 46 8.23 7.56 4.99
C ARG A 46 7.44 8.85 5.16
N ALA A 47 7.08 9.16 6.41
CA ALA A 47 6.34 10.38 6.71
C ALA A 47 7.21 11.61 6.53
N ASP A 48 8.45 11.41 6.12
CA ASP A 48 9.38 12.50 5.91
C ASP A 48 9.96 12.46 4.50
N GLU A 49 9.34 11.66 3.64
CA GLU A 49 9.81 11.52 2.25
C GLU A 49 9.11 12.53 1.36
N ALA A 50 9.66 12.73 0.16
CA ALA A 50 9.08 13.66 -0.80
C ALA A 50 8.59 12.93 -2.05
N ARG A 51 9.24 11.81 -2.37
CA ARG A 51 8.87 11.02 -3.54
C ARG A 51 8.52 9.59 -3.15
N PRO A 52 7.26 9.20 -3.38
CA PRO A 52 6.77 7.86 -3.05
C PRO A 52 7.38 6.79 -3.95
N ASN A 53 7.66 5.63 -3.38
CA ASN A 53 8.23 4.52 -4.14
C ASN A 53 7.18 3.84 -5.01
N THR A 54 7.19 4.17 -6.30
CA THR A 54 6.24 3.59 -7.23
C THR A 54 6.57 2.13 -7.54
N ILE A 55 5.58 1.27 -7.42
CA ILE A 55 5.77 -0.16 -7.69
C ILE A 55 4.62 -0.72 -8.50
N ASP A 56 4.94 -1.65 -9.40
CA ASP A 56 3.92 -2.28 -10.25
C ASP A 56 3.51 -3.63 -9.68
N PHE A 57 2.22 -3.94 -9.78
CA PHE A 57 1.68 -5.20 -9.28
C PHE A 57 0.61 -5.75 -10.21
N GLY A 58 0.61 -7.07 -10.39
CA GLY A 58 -0.36 -7.70 -11.25
C GLY A 58 -1.65 -8.04 -10.53
N LYS A 59 -2.74 -8.15 -11.28
CA LYS A 59 -4.04 -8.47 -10.71
C LYS A 59 -3.92 -9.62 -9.70
N ASP A 60 -2.96 -10.50 -9.94
CA ASP A 60 -2.73 -11.64 -9.05
C ASP A 60 -2.09 -11.20 -7.74
N ASP A 61 -1.20 -10.21 -7.83
CA ASP A 61 -0.51 -9.70 -6.66
C ASP A 61 -1.48 -8.94 -5.76
N GLN A 62 -2.08 -9.65 -4.80
CA GLN A 62 -3.02 -9.04 -3.88
C GLN A 62 -2.34 -8.69 -2.56
N HIS A 63 -1.07 -9.05 -2.44
CA HIS A 63 -0.31 -8.77 -1.23
C HIS A 63 1.19 -8.70 -1.53
N PHE A 64 1.93 -8.02 -0.66
CA PHE A 64 3.37 -7.88 -0.84
C PHE A 64 4.10 -7.97 0.50
N THR A 65 5.15 -8.79 0.55
CA THR A 65 5.92 -8.96 1.77
C THR A 65 7.09 -7.99 1.83
N VAL A 66 7.03 -7.06 2.77
CA VAL A 66 8.08 -6.06 2.94
C VAL A 66 8.86 -6.29 4.23
N THR A 67 10.18 -6.47 4.10
CA THR A 67 11.03 -6.69 5.26
C THR A 67 12.19 -5.72 5.28
N GLY A 68 12.72 -5.44 6.48
CA GLY A 68 13.83 -4.52 6.61
C GLY A 68 13.38 -3.11 6.92
N LEU A 69 12.08 -2.93 7.11
CA LEU A 69 11.53 -1.62 7.43
C LEU A 69 12.15 -1.05 8.70
N HIS A 70 12.35 0.26 8.71
CA HIS A 70 12.93 0.93 9.86
C HIS A 70 11.96 0.94 11.04
N LYS A 71 12.42 0.44 12.18
CA LYS A 71 11.60 0.38 13.38
C LYS A 71 11.39 1.78 13.96
N GLY A 72 10.25 1.97 14.63
CA GLY A 72 9.96 3.26 15.23
C GLY A 72 9.85 4.37 14.20
N THR A 73 9.37 4.03 13.01
CA THR A 73 9.23 4.99 11.94
C THR A 73 7.87 4.87 11.26
N THR A 74 7.17 6.00 11.15
CA THR A 74 5.85 6.02 10.53
C THR A 74 5.96 5.95 9.00
N TYR A 75 5.07 5.18 8.39
CA TYR A 75 5.06 5.03 6.94
C TYR A 75 3.69 5.36 6.36
N ILE A 76 3.64 5.58 5.05
CA ILE A 76 2.39 5.90 4.37
C ILE A 76 2.22 5.06 3.11
N PHE A 77 1.39 4.02 3.20
CA PHE A 77 1.14 3.15 2.06
C PHE A 77 -0.06 3.64 1.24
N ARG A 78 0.06 3.55 -0.07
CA ARG A 78 -1.00 3.99 -0.97
C ARG A 78 -1.15 3.05 -2.15
N LEU A 79 -2.34 2.49 -2.32
CA LEU A 79 -2.60 1.56 -3.41
C LEU A 79 -3.73 2.09 -4.31
N ALA A 80 -3.65 1.76 -5.59
CA ALA A 80 -4.66 2.20 -6.55
C ALA A 80 -5.02 1.07 -7.51
N ALA A 81 -6.29 1.03 -7.94
CA ALA A 81 -6.75 0.02 -8.86
C ALA A 81 -6.58 0.46 -10.31
N LYS A 82 -6.34 -0.49 -11.20
CA LYS A 82 -6.16 -0.20 -12.61
C LYS A 82 -7.12 -1.02 -13.47
N ASN A 83 -7.93 -0.33 -14.26
CA ASN A 83 -8.90 -1.01 -15.13
C ASN A 83 -8.61 -0.70 -16.60
N ARG A 84 -9.44 -1.25 -17.48
CA ARG A 84 -9.27 -1.04 -18.92
C ARG A 84 -8.98 0.43 -19.21
N ALA A 85 -9.64 1.32 -18.47
CA ALA A 85 -9.45 2.76 -18.66
C ALA A 85 -8.12 3.22 -18.07
N GLY A 86 -7.68 2.55 -17.02
CA GLY A 86 -6.42 2.91 -16.38
C GLY A 86 -6.53 2.95 -14.86
N LEU A 87 -5.55 3.59 -14.22
CA LEU A 87 -5.55 3.70 -12.77
C LEU A 87 -6.65 4.63 -12.29
N GLY A 88 -7.15 4.37 -11.08
CA GLY A 88 -8.22 5.19 -10.53
C GLY A 88 -7.85 5.77 -9.17
N GLU A 89 -8.84 5.92 -8.31
CA GLU A 89 -8.62 6.48 -6.98
C GLU A 89 -7.46 5.78 -6.29
N GLU A 90 -7.08 6.28 -5.12
CA GLU A 90 -5.98 5.70 -4.36
C GLU A 90 -6.28 5.69 -2.86
N PHE A 91 -6.02 4.56 -2.21
CA PHE A 91 -6.26 4.42 -0.78
C PHE A 91 -5.08 4.93 0.03
N GLU A 92 -5.36 5.43 1.23
CA GLU A 92 -4.32 5.95 2.10
C GLU A 92 -4.36 5.27 3.47
N LYS A 93 -3.18 4.89 3.97
CA LYS A 93 -3.09 4.22 5.27
C LYS A 93 -1.80 4.63 5.99
N GLU A 94 -1.94 5.08 7.23
CA GLU A 94 -0.80 5.50 8.03
C GLU A 94 -0.54 4.51 9.17
N ILE A 95 0.67 3.96 9.20
CA ILE A 95 1.04 3.00 10.23
C ILE A 95 2.34 3.41 10.92
N ARG A 96 2.83 2.57 11.81
CA ARG A 96 4.06 2.84 12.55
C ARG A 96 4.67 1.55 13.09
N THR A 97 5.90 1.26 12.68
CA THR A 97 6.60 0.06 13.12
C THR A 97 6.93 0.14 14.60
N PRO A 98 6.87 -1.01 15.28
CA PRO A 98 7.16 -1.10 16.71
C PRO A 98 8.65 -0.90 17.01
N GLU A 99 8.97 0.21 17.69
CA GLU A 99 10.34 0.52 18.04
C GLU A 99 10.86 -0.41 19.13
N ASP A 100 12.17 -0.40 19.34
CA ASP A 100 12.78 -1.24 20.35
C ASP A 100 12.26 -0.90 21.74
N LEU A 101 12.24 0.39 22.06
CA LEU A 101 11.76 0.84 23.36
C LEU A 101 12.56 0.21 24.49
N SER A 102 13.87 0.33 24.43
CA SER A 102 14.75 -0.23 25.45
C SER A 102 15.81 0.78 25.88
N GLY A 103 16.41 0.54 27.04
CA GLY A 103 17.44 1.43 27.54
C GLY A 103 17.44 1.51 29.06
N PRO A 104 16.78 2.53 29.61
CA PRO A 104 16.70 2.73 31.06
C PRO A 104 15.83 1.69 31.75
N SER A 105 16.47 0.63 32.24
CA SER A 105 15.76 -0.45 32.92
C SER A 105 14.74 0.11 33.91
N SER A 106 13.78 -0.72 34.30
CA SER A 106 12.75 -0.31 35.24
C SER A 106 12.33 -1.48 36.13
N GLY A 107 11.44 -1.20 37.07
CA GLY A 107 10.97 -2.24 37.98
C GLY A 107 12.00 -2.59 39.04
N GLY A 1 -22.03 13.38 -18.30
CA GLY A 1 -22.14 12.15 -17.53
C GLY A 1 -20.99 11.97 -16.57
N SER A 2 -20.97 12.77 -15.51
CA SER A 2 -19.92 12.70 -14.50
C SER A 2 -18.55 12.55 -15.17
N SER A 3 -18.33 13.30 -16.24
CA SER A 3 -17.07 13.25 -16.97
C SER A 3 -15.94 13.84 -16.12
N GLY A 4 -15.07 12.96 -15.62
CA GLY A 4 -13.95 13.41 -14.81
C GLY A 4 -13.07 12.27 -14.35
N SER A 5 -13.51 11.56 -13.32
CA SER A 5 -12.75 10.44 -12.78
C SER A 5 -12.60 9.33 -13.81
N SER A 6 -13.73 8.94 -14.41
CA SER A 6 -13.72 7.89 -15.42
C SER A 6 -12.73 6.78 -15.06
N GLY A 7 -12.70 6.42 -13.78
CA GLY A 7 -11.79 5.40 -13.32
C GLY A 7 -12.36 4.61 -12.16
N PRO A 8 -11.66 3.54 -11.76
CA PRO A 8 -12.06 2.67 -10.65
C PRO A 8 -11.96 3.38 -9.29
N GLY A 9 -12.50 2.74 -8.25
CA GLY A 9 -12.46 3.32 -6.93
C GLY A 9 -11.20 2.93 -6.17
N ARG A 10 -11.08 3.43 -4.94
CA ARG A 10 -9.92 3.13 -4.12
C ARG A 10 -9.98 1.71 -3.59
N PRO A 11 -8.89 0.95 -3.78
CA PRO A 11 -8.79 -0.44 -3.33
C PRO A 11 -8.72 -0.56 -1.81
N THR A 12 -9.13 -1.70 -1.29
CA THR A 12 -9.11 -1.93 0.15
C THR A 12 -7.78 -2.56 0.59
N MET A 13 -6.88 -1.72 1.09
CA MET A 13 -5.58 -2.20 1.54
C MET A 13 -5.59 -2.46 3.05
N MET A 14 -4.90 -3.52 3.46
CA MET A 14 -4.83 -3.88 4.87
C MET A 14 -3.40 -4.23 5.27
N ILE A 15 -2.77 -3.34 6.02
CA ILE A 15 -1.40 -3.54 6.48
C ILE A 15 -1.37 -4.17 7.86
N SER A 16 -0.58 -5.22 8.02
CA SER A 16 -0.46 -5.91 9.30
C SER A 16 0.99 -6.31 9.58
N THR A 17 1.39 -6.19 10.84
CA THR A 17 2.76 -6.54 11.23
C THR A 17 2.79 -7.83 12.03
N THR A 18 3.54 -8.82 11.54
CA THR A 18 3.65 -10.10 12.22
C THR A 18 5.09 -10.38 12.62
N ALA A 19 6.02 -10.17 11.70
CA ALA A 19 7.43 -10.40 11.96
C ALA A 19 8.13 -9.11 12.37
N MET A 20 9.41 -9.22 12.70
CA MET A 20 10.19 -8.05 13.10
C MET A 20 10.69 -7.26 11.89
N ASN A 21 10.35 -5.97 11.86
CA ASN A 21 10.76 -5.11 10.75
C ASN A 21 10.17 -5.61 9.44
N THR A 22 8.92 -6.03 9.48
CA THR A 22 8.24 -6.54 8.30
C THR A 22 6.76 -6.16 8.31
N ALA A 23 6.30 -5.57 7.20
CA ALA A 23 4.90 -5.16 7.09
C ALA A 23 4.18 -5.98 6.01
N LEU A 24 3.23 -6.79 6.44
CA LEU A 24 2.46 -7.63 5.52
C LEU A 24 1.39 -6.80 4.79
N LEU A 25 1.51 -6.73 3.48
CA LEU A 25 0.55 -5.98 2.67
C LEU A 25 -0.51 -6.90 2.08
N GLN A 26 -1.77 -6.57 2.30
CA GLN A 26 -2.88 -7.37 1.79
C GLN A 26 -4.05 -6.48 1.37
N TRP A 27 -4.36 -6.48 0.08
CA TRP A 27 -5.46 -5.68 -0.43
C TRP A 27 -6.37 -6.51 -1.33
N HIS A 28 -7.53 -5.95 -1.67
CA HIS A 28 -8.48 -6.64 -2.52
C HIS A 28 -9.03 -5.72 -3.60
N PRO A 29 -9.55 -6.30 -4.69
CA PRO A 29 -10.10 -5.54 -5.81
C PRO A 29 -11.41 -4.85 -5.45
N PRO A 30 -11.56 -3.59 -5.90
CA PRO A 30 -12.77 -2.79 -5.63
C PRO A 30 -13.98 -3.32 -6.38
N LYS A 31 -15.16 -2.79 -6.04
CA LYS A 31 -16.39 -3.20 -6.68
C LYS A 31 -16.89 -2.12 -7.64
N GLU A 32 -16.53 -0.88 -7.36
CA GLU A 32 -16.93 0.25 -8.20
C GLU A 32 -15.96 0.44 -9.36
N LEU A 33 -15.39 -0.66 -9.84
CA LEU A 33 -14.45 -0.62 -10.95
C LEU A 33 -15.14 -0.90 -12.27
N PRO A 34 -15.26 0.14 -13.12
CA PRO A 34 -15.89 0.01 -14.44
C PRO A 34 -15.07 -0.81 -15.41
N GLY A 35 -15.40 -2.10 -15.51
CA GLY A 35 -14.67 -2.97 -16.42
C GLY A 35 -14.15 -4.22 -15.72
N GLU A 36 -12.85 -4.46 -15.86
CA GLU A 36 -12.23 -5.63 -15.24
C GLU A 36 -10.85 -5.28 -14.68
N LEU A 37 -10.46 -5.96 -13.60
CA LEU A 37 -9.18 -5.71 -12.97
C LEU A 37 -8.04 -6.22 -13.85
N LEU A 38 -7.05 -5.38 -14.08
CA LEU A 38 -5.90 -5.75 -14.91
C LEU A 38 -4.61 -5.60 -14.12
N GLY A 39 -4.60 -4.69 -13.15
CA GLY A 39 -3.42 -4.48 -12.33
C GLY A 39 -3.55 -3.26 -11.44
N TYR A 40 -2.52 -3.00 -10.64
CA TYR A 40 -2.52 -1.87 -9.73
C TYR A 40 -1.09 -1.51 -9.30
N ARG A 41 -0.90 -0.24 -8.94
CA ARG A 41 0.41 0.23 -8.51
C ARG A 41 0.43 0.49 -7.01
N LEU A 42 1.60 0.32 -6.40
CA LEU A 42 1.76 0.53 -4.96
C LEU A 42 2.80 1.60 -4.68
N GLN A 43 2.47 2.55 -3.81
CA GLN A 43 3.38 3.63 -3.44
C GLN A 43 3.40 3.84 -1.94
N TYR A 44 4.56 3.61 -1.33
CA TYR A 44 4.70 3.78 0.12
C TYR A 44 6.06 4.41 0.45
N CYS A 45 6.04 5.39 1.34
CA CYS A 45 7.25 6.08 1.75
C CYS A 45 7.13 6.61 3.17
N ARG A 46 8.25 7.06 3.73
CA ARG A 46 8.26 7.60 5.08
C ARG A 46 7.38 8.84 5.20
N ALA A 47 7.01 9.19 6.42
CA ALA A 47 6.18 10.36 6.66
C ALA A 47 6.98 11.65 6.50
N ASP A 48 8.24 11.52 6.10
CA ASP A 48 9.11 12.67 5.91
C ASP A 48 9.65 12.71 4.48
N GLU A 49 9.37 11.66 3.72
CA GLU A 49 9.83 11.58 2.34
C GLU A 49 8.89 12.33 1.40
N ALA A 50 9.41 12.72 0.24
CA ALA A 50 8.62 13.45 -0.75
C ALA A 50 8.43 12.63 -2.02
N ARG A 51 9.30 11.65 -2.21
CA ARG A 51 9.24 10.79 -3.40
C ARG A 51 8.85 9.36 -3.01
N PRO A 52 7.58 9.00 -3.25
CA PRO A 52 7.07 7.67 -2.94
C PRO A 52 7.66 6.60 -3.86
N ASN A 53 7.90 5.42 -3.28
CA ASN A 53 8.47 4.31 -4.04
C ASN A 53 7.39 3.64 -4.89
N THR A 54 7.37 3.99 -6.17
CA THR A 54 6.39 3.42 -7.10
C THR A 54 6.71 1.96 -7.41
N ILE A 55 5.70 1.10 -7.31
CA ILE A 55 5.87 -0.32 -7.59
C ILE A 55 4.71 -0.87 -8.40
N ASP A 56 5.01 -1.78 -9.31
CA ASP A 56 3.99 -2.40 -10.15
C ASP A 56 3.51 -3.72 -9.56
N PHE A 57 2.22 -3.99 -9.70
CA PHE A 57 1.64 -5.22 -9.18
C PHE A 57 0.57 -5.77 -10.12
N GLY A 58 0.59 -7.07 -10.34
CA GLY A 58 -0.39 -7.70 -11.22
C GLY A 58 -1.68 -8.03 -10.50
N LYS A 59 -2.77 -8.09 -11.26
CA LYS A 59 -4.08 -8.40 -10.70
C LYS A 59 -3.98 -9.54 -9.69
N ASP A 60 -3.01 -10.42 -9.90
CA ASP A 60 -2.81 -11.55 -9.00
C ASP A 60 -2.15 -11.12 -7.70
N ASP A 61 -1.23 -10.16 -7.81
CA ASP A 61 -0.52 -9.64 -6.64
C ASP A 61 -1.49 -8.91 -5.70
N GLN A 62 -2.06 -9.65 -4.76
CA GLN A 62 -3.00 -9.06 -3.80
C GLN A 62 -2.31 -8.75 -2.48
N HIS A 63 -1.04 -9.13 -2.38
CA HIS A 63 -0.27 -8.90 -1.17
C HIS A 63 1.23 -8.85 -1.48
N PHE A 64 1.99 -8.15 -0.63
CA PHE A 64 3.42 -8.02 -0.81
C PHE A 64 4.16 -8.13 0.52
N THR A 65 5.28 -8.85 0.52
CA THR A 65 6.07 -9.04 1.73
C THR A 65 7.19 -8.01 1.82
N VAL A 66 7.03 -7.05 2.73
CA VAL A 66 8.03 -6.00 2.92
C VAL A 66 8.88 -6.27 4.16
N THR A 67 10.19 -6.32 3.97
CA THR A 67 11.11 -6.56 5.08
C THR A 67 12.24 -5.54 5.09
N GLY A 68 12.72 -5.22 6.29
CA GLY A 68 13.79 -4.26 6.42
C GLY A 68 13.30 -2.89 6.85
N LEU A 69 12.00 -2.81 7.18
CA LEU A 69 11.40 -1.55 7.61
C LEU A 69 12.01 -1.08 8.93
N HIS A 70 12.40 0.19 8.98
CA HIS A 70 12.99 0.76 10.17
C HIS A 70 11.98 0.83 11.30
N LYS A 71 12.30 0.22 12.43
CA LYS A 71 11.41 0.22 13.59
C LYS A 71 11.22 1.62 14.14
N GLY A 72 10.11 1.85 14.84
CA GLY A 72 9.84 3.15 15.41
C GLY A 72 9.79 4.24 14.36
N THR A 73 9.31 3.89 13.16
CA THR A 73 9.21 4.84 12.06
C THR A 73 7.85 4.77 11.40
N THR A 74 7.21 5.93 11.24
CA THR A 74 5.89 5.99 10.62
C THR A 74 6.00 5.93 9.09
N TYR A 75 5.02 5.28 8.46
CA TYR A 75 5.01 5.14 7.00
C TYR A 75 3.62 5.40 6.45
N ILE A 76 3.55 5.64 5.14
CA ILE A 76 2.28 5.91 4.48
C ILE A 76 2.15 5.11 3.19
N PHE A 77 1.38 4.03 3.25
CA PHE A 77 1.17 3.17 2.08
C PHE A 77 0.00 3.68 1.25
N ARG A 78 0.14 3.58 -0.07
CA ARG A 78 -0.91 4.03 -0.99
C ARG A 78 -1.08 3.05 -2.13
N LEU A 79 -2.32 2.66 -2.39
CA LEU A 79 -2.62 1.72 -3.47
C LEU A 79 -3.72 2.27 -4.39
N ALA A 80 -3.76 1.75 -5.61
CA ALA A 80 -4.76 2.19 -6.59
C ALA A 80 -5.07 1.08 -7.58
N ALA A 81 -6.35 1.01 -7.98
CA ALA A 81 -6.78 -0.02 -8.93
C ALA A 81 -6.60 0.47 -10.37
N LYS A 82 -6.35 -0.47 -11.28
CA LYS A 82 -6.16 -0.14 -12.69
C LYS A 82 -7.06 -1.00 -13.57
N ASN A 83 -7.91 -0.34 -14.36
CA ASN A 83 -8.82 -1.05 -15.24
C ASN A 83 -8.53 -0.70 -16.70
N ARG A 84 -9.31 -1.28 -17.61
CA ARG A 84 -9.15 -1.04 -19.04
C ARG A 84 -8.96 0.45 -19.31
N ALA A 85 -9.67 1.29 -18.58
CA ALA A 85 -9.58 2.73 -18.74
C ALA A 85 -8.29 3.27 -18.15
N GLY A 86 -7.83 2.65 -17.06
CA GLY A 86 -6.61 3.08 -16.42
C GLY A 86 -6.73 3.08 -14.90
N LEU A 87 -5.81 3.76 -14.23
CA LEU A 87 -5.81 3.84 -12.78
C LEU A 87 -6.94 4.71 -12.28
N GLY A 88 -7.44 4.42 -11.08
CA GLY A 88 -8.53 5.19 -10.52
C GLY A 88 -8.19 5.74 -9.15
N GLU A 89 -9.20 5.83 -8.28
CA GLU A 89 -9.00 6.35 -6.93
C GLU A 89 -7.84 5.64 -6.24
N GLU A 90 -7.42 6.17 -5.09
CA GLU A 90 -6.33 5.59 -4.33
C GLU A 90 -6.63 5.61 -2.84
N PHE A 91 -6.14 4.60 -2.13
CA PHE A 91 -6.36 4.49 -0.69
C PHE A 91 -5.07 4.79 0.07
N GLU A 92 -5.18 5.61 1.11
CA GLU A 92 -4.03 5.97 1.93
C GLU A 92 -4.15 5.39 3.33
N LYS A 93 -3.07 4.80 3.82
CA LYS A 93 -3.06 4.22 5.16
C LYS A 93 -1.76 4.54 5.89
N GLU A 94 -1.88 5.08 7.10
CA GLU A 94 -0.71 5.43 7.90
C GLU A 94 -0.47 4.40 9.00
N ILE A 95 0.79 4.01 9.16
CA ILE A 95 1.15 3.03 10.18
C ILE A 95 2.46 3.40 10.87
N ARG A 96 2.83 2.62 11.88
CA ARG A 96 4.06 2.89 12.62
C ARG A 96 4.61 1.60 13.22
N THR A 97 5.79 1.19 12.76
CA THR A 97 6.42 -0.03 13.26
C THR A 97 6.72 0.07 14.75
N PRO A 98 6.35 -0.98 15.50
CA PRO A 98 6.57 -1.03 16.95
C PRO A 98 8.05 -1.16 17.30
N GLU A 99 8.63 -0.10 17.84
CA GLU A 99 10.03 -0.10 18.22
C GLU A 99 10.40 -1.42 18.91
N ASP A 100 11.70 -1.68 19.00
CA ASP A 100 12.19 -2.90 19.64
C ASP A 100 12.83 -2.59 20.99
N LEU A 101 13.82 -1.71 20.97
CA LEU A 101 14.52 -1.33 22.20
C LEU A 101 13.53 -1.05 23.33
N SER A 102 13.65 -1.80 24.42
CA SER A 102 12.77 -1.63 25.57
C SER A 102 13.50 -0.98 26.73
N GLY A 103 12.74 -0.46 27.68
CA GLY A 103 13.33 0.19 28.83
C GLY A 103 13.29 -0.67 30.08
N PRO A 104 13.88 -0.18 31.18
CA PRO A 104 13.91 -0.89 32.45
C PRO A 104 12.54 -0.98 33.11
N SER A 105 11.79 -2.02 32.76
CA SER A 105 10.46 -2.21 33.33
C SER A 105 10.54 -2.86 34.70
N SER A 106 10.53 -2.03 35.75
CA SER A 106 10.60 -2.52 37.12
C SER A 106 9.69 -1.71 38.03
N GLY A 107 8.86 -2.42 38.81
CA GLY A 107 7.95 -1.75 39.72
C GLY A 107 8.19 -2.14 41.17
N GLY A 1 -12.52 21.00 -20.62
CA GLY A 1 -13.06 20.12 -19.61
C GLY A 1 -12.05 19.74 -18.55
N SER A 2 -12.06 20.45 -17.43
CA SER A 2 -11.13 20.18 -16.35
C SER A 2 -11.61 19.03 -15.48
N SER A 3 -12.85 19.14 -14.99
CA SER A 3 -13.42 18.09 -14.15
C SER A 3 -13.57 16.78 -14.91
N GLY A 4 -12.79 15.78 -14.52
CA GLY A 4 -12.84 14.50 -15.18
C GLY A 4 -12.58 13.34 -14.23
N SER A 5 -13.57 13.01 -13.42
CA SER A 5 -13.42 11.93 -12.45
C SER A 5 -13.75 10.58 -13.10
N SER A 6 -12.77 10.02 -13.81
CA SER A 6 -12.95 8.74 -14.48
C SER A 6 -11.97 7.71 -13.96
N GLY A 7 -12.41 6.46 -13.84
CA GLY A 7 -11.55 5.40 -13.35
C GLY A 7 -12.15 4.66 -12.18
N PRO A 8 -11.47 3.59 -11.74
CA PRO A 8 -11.92 2.76 -10.62
C PRO A 8 -11.82 3.49 -9.28
N GLY A 9 -12.44 2.92 -8.25
CA GLY A 9 -12.39 3.53 -6.93
C GLY A 9 -11.13 3.19 -6.17
N ARG A 10 -11.11 3.52 -4.88
CA ARG A 10 -9.95 3.26 -4.04
C ARG A 10 -9.99 1.83 -3.50
N PRO A 11 -8.91 1.07 -3.73
CA PRO A 11 -8.80 -0.31 -3.27
C PRO A 11 -8.68 -0.42 -1.75
N THR A 12 -9.09 -1.55 -1.20
CA THR A 12 -9.03 -1.78 0.24
C THR A 12 -7.72 -2.43 0.64
N MET A 13 -6.80 -1.62 1.17
CA MET A 13 -5.50 -2.13 1.60
C MET A 13 -5.50 -2.45 3.09
N MET A 14 -4.83 -3.54 3.46
CA MET A 14 -4.76 -3.95 4.85
C MET A 14 -3.33 -4.32 5.24
N ILE A 15 -2.71 -3.45 6.03
CA ILE A 15 -1.33 -3.68 6.47
C ILE A 15 -1.29 -4.39 7.82
N SER A 16 -0.54 -5.49 7.89
CA SER A 16 -0.43 -6.25 9.12
C SER A 16 1.04 -6.49 9.48
N THR A 17 1.41 -6.10 10.69
CA THR A 17 2.78 -6.27 11.16
C THR A 17 2.96 -7.59 11.90
N THR A 18 3.63 -8.54 11.24
CA THR A 18 3.87 -9.85 11.83
C THR A 18 5.31 -9.99 12.30
N ALA A 19 6.23 -10.06 11.34
CA ALA A 19 7.65 -10.20 11.65
C ALA A 19 8.24 -8.86 12.12
N MET A 20 9.48 -8.91 12.59
CA MET A 20 10.16 -7.70 13.07
C MET A 20 10.72 -6.90 11.90
N ASN A 21 10.35 -5.62 11.83
CA ASN A 21 10.82 -4.74 10.77
C ASN A 21 10.24 -5.16 9.42
N THR A 22 9.04 -5.74 9.45
CA THR A 22 8.38 -6.19 8.24
C THR A 22 6.89 -5.86 8.28
N ALA A 23 6.39 -5.28 7.20
CA ALA A 23 4.98 -4.91 7.11
C ALA A 23 4.28 -5.70 6.01
N LEU A 24 3.30 -6.52 6.41
CA LEU A 24 2.56 -7.33 5.45
C LEU A 24 1.53 -6.49 4.70
N LEU A 25 1.47 -6.68 3.38
CA LEU A 25 0.52 -5.94 2.55
C LEU A 25 -0.53 -6.87 1.97
N GLN A 26 -1.80 -6.53 2.22
CA GLN A 26 -2.91 -7.34 1.71
C GLN A 26 -4.09 -6.45 1.32
N TRP A 27 -4.42 -6.45 0.03
CA TRP A 27 -5.53 -5.65 -0.46
C TRP A 27 -6.46 -6.49 -1.34
N HIS A 28 -7.61 -5.92 -1.69
CA HIS A 28 -8.58 -6.61 -2.53
C HIS A 28 -9.14 -5.68 -3.61
N PRO A 29 -9.67 -6.27 -4.68
CA PRO A 29 -10.24 -5.52 -5.80
C PRO A 29 -11.55 -4.83 -5.42
N PRO A 30 -11.68 -3.55 -5.82
CA PRO A 30 -12.87 -2.75 -5.53
C PRO A 30 -14.09 -3.22 -6.32
N LYS A 31 -15.25 -2.67 -5.99
CA LYS A 31 -16.49 -3.04 -6.67
C LYS A 31 -16.90 -1.96 -7.67
N GLU A 32 -16.54 -0.71 -7.37
CA GLU A 32 -16.87 0.41 -8.25
C GLU A 32 -15.84 0.54 -9.37
N LEU A 33 -15.38 -0.60 -9.88
CA LEU A 33 -14.39 -0.61 -10.96
C LEU A 33 -15.06 -0.88 -12.29
N PRO A 34 -15.15 0.16 -13.14
CA PRO A 34 -15.77 0.06 -14.46
C PRO A 34 -14.92 -0.78 -15.43
N GLY A 35 -15.27 -2.05 -15.58
CA GLY A 35 -14.54 -2.93 -16.47
C GLY A 35 -14.10 -4.20 -15.79
N GLU A 36 -12.79 -4.45 -15.80
CA GLU A 36 -12.23 -5.65 -15.18
C GLU A 36 -10.84 -5.38 -14.62
N LEU A 37 -10.56 -5.93 -13.45
CA LEU A 37 -9.26 -5.75 -12.82
C LEU A 37 -8.14 -6.29 -13.70
N LEU A 38 -7.14 -5.46 -13.94
CA LEU A 38 -6.00 -5.86 -14.78
C LEU A 38 -4.69 -5.69 -14.01
N GLY A 39 -4.66 -4.71 -13.11
CA GLY A 39 -3.46 -4.46 -12.34
C GLY A 39 -3.60 -3.29 -11.39
N TYR A 40 -2.55 -2.98 -10.65
CA TYR A 40 -2.56 -1.88 -9.71
C TYR A 40 -1.15 -1.49 -9.29
N ARG A 41 -0.96 -0.22 -8.97
CA ARG A 41 0.34 0.28 -8.56
C ARG A 41 0.37 0.55 -7.05
N LEU A 42 1.51 0.29 -6.43
CA LEU A 42 1.67 0.50 -4.99
C LEU A 42 2.67 1.61 -4.72
N GLN A 43 2.30 2.55 -3.84
CA GLN A 43 3.17 3.66 -3.49
C GLN A 43 3.23 3.84 -1.97
N TYR A 44 4.41 3.66 -1.40
CA TYR A 44 4.60 3.82 0.04
C TYR A 44 5.96 4.42 0.35
N CYS A 45 5.98 5.35 1.29
CA CYS A 45 7.23 6.01 1.69
C CYS A 45 7.14 6.50 3.13
N ARG A 46 8.29 6.89 3.68
CA ARG A 46 8.35 7.38 5.05
C ARG A 46 7.53 8.65 5.22
N ALA A 47 7.20 8.98 6.46
CA ALA A 47 6.42 10.18 6.75
C ALA A 47 7.25 11.45 6.55
N ASP A 48 8.50 11.27 6.13
CA ASP A 48 9.39 12.39 5.89
C ASP A 48 9.98 12.34 4.48
N GLU A 49 9.32 11.58 3.60
CA GLU A 49 9.77 11.44 2.22
C GLU A 49 9.00 12.38 1.31
N ALA A 50 9.57 12.66 0.14
CA ALA A 50 8.93 13.55 -0.83
C ALA A 50 8.51 12.78 -2.09
N ARG A 51 9.10 11.61 -2.28
CA ARG A 51 8.80 10.78 -3.44
C ARG A 51 8.47 9.35 -3.02
N PRO A 52 7.21 8.93 -3.26
CA PRO A 52 6.74 7.59 -2.91
C PRO A 52 7.36 6.52 -3.78
N ASN A 53 7.67 5.37 -3.17
CA ASN A 53 8.28 4.27 -3.89
C ASN A 53 7.27 3.58 -4.80
N THR A 54 7.31 3.91 -6.09
CA THR A 54 6.39 3.33 -7.06
C THR A 54 6.69 1.86 -7.29
N ILE A 55 5.65 1.04 -7.31
CA ILE A 55 5.80 -0.39 -7.51
C ILE A 55 4.67 -0.95 -8.38
N ASP A 56 5.01 -1.85 -9.29
CA ASP A 56 4.03 -2.46 -10.17
C ASP A 56 3.55 -3.79 -9.61
N PHE A 57 2.24 -4.04 -9.76
CA PHE A 57 1.65 -5.29 -9.27
C PHE A 57 0.60 -5.81 -10.24
N GLY A 58 0.59 -7.13 -10.42
CA GLY A 58 -0.37 -7.74 -11.33
C GLY A 58 -1.69 -8.05 -10.65
N LYS A 59 -2.77 -8.05 -11.42
CA LYS A 59 -4.10 -8.34 -10.89
C LYS A 59 -4.05 -9.50 -9.91
N ASP A 60 -3.05 -10.36 -10.07
CA ASP A 60 -2.89 -11.52 -9.19
C ASP A 60 -2.26 -11.11 -7.87
N ASP A 61 -1.30 -10.20 -7.94
CA ASP A 61 -0.61 -9.72 -6.74
C ASP A 61 -1.56 -8.94 -5.84
N GLN A 62 -2.17 -9.64 -4.89
CA GLN A 62 -3.11 -9.03 -3.97
C GLN A 62 -2.44 -8.71 -2.63
N HIS A 63 -1.17 -9.08 -2.52
CA HIS A 63 -0.40 -8.83 -1.30
C HIS A 63 1.09 -8.78 -1.59
N PHE A 64 1.84 -8.15 -0.69
CA PHE A 64 3.29 -8.03 -0.86
C PHE A 64 3.99 -8.06 0.50
N THR A 65 5.15 -8.70 0.53
CA THR A 65 5.93 -8.81 1.76
C THR A 65 7.05 -7.78 1.80
N VAL A 66 6.99 -6.88 2.77
CA VAL A 66 8.01 -5.84 2.92
C VAL A 66 8.85 -6.07 4.16
N THR A 67 10.16 -6.18 3.98
CA THR A 67 11.08 -6.40 5.09
C THR A 67 12.23 -5.39 5.07
N GLY A 68 12.77 -5.08 6.24
CA GLY A 68 13.87 -4.13 6.33
C GLY A 68 13.41 -2.75 6.75
N LEU A 69 12.13 -2.64 7.09
CA LEU A 69 11.57 -1.35 7.51
C LEU A 69 12.19 -0.89 8.83
N HIS A 70 12.55 0.39 8.88
CA HIS A 70 13.17 0.96 10.08
C HIS A 70 12.14 1.06 11.21
N LYS A 71 12.37 0.30 12.27
CA LYS A 71 11.46 0.31 13.42
C LYS A 71 11.36 1.71 14.02
N GLY A 72 10.30 1.93 14.81
CA GLY A 72 10.10 3.22 15.43
C GLY A 72 9.98 4.33 14.41
N THR A 73 9.41 4.02 13.26
CA THR A 73 9.23 5.01 12.20
C THR A 73 7.86 4.87 11.55
N THR A 74 7.24 6.01 11.25
CA THR A 74 5.93 6.03 10.63
C THR A 74 6.04 5.94 9.11
N TYR A 75 5.09 5.26 8.48
CA TYR A 75 5.07 5.10 7.03
C TYR A 75 3.68 5.31 6.47
N ILE A 76 3.60 5.61 5.17
CA ILE A 76 2.32 5.84 4.51
C ILE A 76 2.18 4.96 3.27
N PHE A 77 1.21 4.06 3.29
CA PHE A 77 0.97 3.17 2.17
C PHE A 77 -0.25 3.62 1.36
N ARG A 78 -0.14 3.53 0.04
CA ARG A 78 -1.22 3.93 -0.84
C ARG A 78 -1.31 2.99 -2.06
N LEU A 79 -2.51 2.48 -2.30
CA LEU A 79 -2.73 1.57 -3.42
C LEU A 79 -3.81 2.11 -4.35
N ALA A 80 -3.75 1.72 -5.62
CA ALA A 80 -4.73 2.16 -6.61
C ALA A 80 -5.08 1.03 -7.57
N ALA A 81 -6.33 1.01 -8.01
CA ALA A 81 -6.80 -0.02 -8.93
C ALA A 81 -6.63 0.43 -10.38
N LYS A 82 -6.37 -0.53 -11.26
CA LYS A 82 -6.17 -0.24 -12.68
C LYS A 82 -7.12 -1.09 -13.54
N ASN A 83 -7.96 -0.42 -14.32
CA ASN A 83 -8.90 -1.10 -15.19
C ASN A 83 -8.63 -0.77 -16.66
N ARG A 84 -9.48 -1.29 -17.54
CA ARG A 84 -9.32 -1.06 -18.97
C ARG A 84 -9.11 0.42 -19.27
N ALA A 85 -9.67 1.27 -18.41
CA ALA A 85 -9.55 2.72 -18.57
C ALA A 85 -8.23 3.22 -17.98
N GLY A 86 -7.73 2.51 -16.98
CA GLY A 86 -6.48 2.92 -16.36
C GLY A 86 -6.58 2.97 -14.85
N LEU A 87 -5.60 3.60 -14.21
CA LEU A 87 -5.58 3.72 -12.76
C LEU A 87 -6.71 4.64 -12.27
N GLY A 88 -7.20 4.38 -11.06
CA GLY A 88 -8.27 5.19 -10.51
C GLY A 88 -7.90 5.79 -9.17
N GLU A 89 -8.88 5.88 -8.27
CA GLU A 89 -8.66 6.44 -6.95
C GLU A 89 -7.54 5.70 -6.23
N GLU A 90 -6.99 6.33 -5.19
CA GLU A 90 -5.90 5.72 -4.42
C GLU A 90 -6.20 5.79 -2.93
N PHE A 91 -5.98 4.67 -2.23
CA PHE A 91 -6.22 4.60 -0.80
C PHE A 91 -5.02 5.11 -0.02
N GLU A 92 -5.24 5.42 1.26
CA GLU A 92 -4.17 5.92 2.12
C GLU A 92 -4.26 5.30 3.51
N LYS A 93 -3.16 4.73 3.97
CA LYS A 93 -3.11 4.11 5.29
C LYS A 93 -1.81 4.46 6.01
N GLU A 94 -1.94 4.95 7.23
CA GLU A 94 -0.78 5.32 8.04
C GLU A 94 -0.52 4.30 9.14
N ILE A 95 0.73 3.89 9.28
CA ILE A 95 1.10 2.91 10.30
C ILE A 95 2.42 3.29 10.96
N ARG A 96 2.85 2.48 11.92
CA ARG A 96 4.09 2.74 12.64
C ARG A 96 4.72 1.43 13.13
N THR A 97 5.93 1.16 12.68
CA THR A 97 6.64 -0.06 13.07
C THR A 97 6.88 -0.10 14.57
N PRO A 98 6.69 -1.28 15.17
CA PRO A 98 6.88 -1.48 16.61
C PRO A 98 8.36 -1.40 17.02
N GLU A 99 8.69 -0.36 17.80
CA GLU A 99 10.06 -0.17 18.26
C GLU A 99 10.44 -1.22 19.30
N ASP A 100 11.57 -1.88 19.08
CA ASP A 100 12.04 -2.90 20.00
C ASP A 100 12.01 -2.39 21.44
N LEU A 101 12.19 -3.31 22.40
CA LEU A 101 12.17 -2.95 23.81
C LEU A 101 13.59 -2.90 24.37
N SER A 102 13.82 -1.99 25.31
CA SER A 102 15.13 -1.84 25.93
C SER A 102 15.04 -2.02 27.44
N GLY A 103 16.20 -2.20 28.08
CA GLY A 103 16.23 -2.37 29.52
C GLY A 103 17.01 -3.61 29.92
N PRO A 104 16.97 -3.93 31.22
CA PRO A 104 17.66 -5.10 31.77
C PRO A 104 17.03 -6.42 31.33
N SER A 105 17.80 -7.22 30.60
CA SER A 105 17.31 -8.50 30.10
C SER A 105 17.33 -9.56 31.20
N SER A 106 18.44 -9.62 31.93
CA SER A 106 18.59 -10.58 33.02
C SER A 106 17.64 -10.26 34.17
N GLY A 107 17.26 -11.28 34.91
CA GLY A 107 16.35 -11.09 36.03
C GLY A 107 16.80 -11.81 37.28
N GLY A 1 -17.98 19.37 -12.35
CA GLY A 1 -18.90 18.40 -12.94
C GLY A 1 -18.39 16.98 -12.84
N SER A 2 -19.31 16.02 -12.82
CA SER A 2 -18.94 14.61 -12.73
C SER A 2 -19.71 13.78 -13.75
N SER A 3 -18.97 13.12 -14.64
CA SER A 3 -19.58 12.30 -15.67
C SER A 3 -19.31 10.82 -15.42
N GLY A 4 -20.34 10.08 -15.01
CA GLY A 4 -20.19 8.67 -14.74
C GLY A 4 -19.15 8.40 -13.67
N SER A 5 -18.11 7.63 -14.02
CA SER A 5 -17.06 7.30 -13.09
C SER A 5 -15.69 7.47 -13.73
N SER A 6 -14.94 8.48 -13.26
CA SER A 6 -13.61 8.75 -13.80
C SER A 6 -12.57 7.83 -13.17
N GLY A 7 -12.57 6.57 -13.61
CA GLY A 7 -11.63 5.60 -13.10
C GLY A 7 -12.19 4.80 -11.94
N PRO A 8 -11.49 3.72 -11.55
CA PRO A 8 -11.91 2.85 -10.45
C PRO A 8 -11.79 3.54 -9.09
N GLY A 9 -12.30 2.89 -8.06
CA GLY A 9 -12.24 3.45 -6.72
C GLY A 9 -11.02 2.98 -5.95
N ARG A 10 -10.77 3.59 -4.80
CA ARG A 10 -9.63 3.24 -3.97
C ARG A 10 -9.78 1.82 -3.41
N PRO A 11 -8.75 0.98 -3.65
CA PRO A 11 -8.75 -0.40 -3.18
C PRO A 11 -8.62 -0.51 -1.66
N THR A 12 -9.08 -1.61 -1.11
CA THR A 12 -9.01 -1.84 0.33
C THR A 12 -7.67 -2.45 0.73
N MET A 13 -6.78 -1.61 1.25
CA MET A 13 -5.46 -2.06 1.67
C MET A 13 -5.45 -2.38 3.17
N MET A 14 -4.84 -3.50 3.52
CA MET A 14 -4.75 -3.91 4.93
C MET A 14 -3.31 -4.21 5.32
N ILE A 15 -2.68 -3.26 5.99
CA ILE A 15 -1.29 -3.42 6.42
C ILE A 15 -1.22 -4.00 7.83
N SER A 16 -0.57 -5.15 7.95
CA SER A 16 -0.43 -5.82 9.24
C SER A 16 1.02 -6.18 9.52
N THR A 17 1.46 -5.95 10.76
CA THR A 17 2.83 -6.25 11.15
C THR A 17 2.94 -7.63 11.77
N THR A 18 3.83 -8.46 11.23
CA THR A 18 4.02 -9.81 11.73
C THR A 18 5.43 -9.99 12.30
N ALA A 19 6.42 -9.93 11.43
CA ALA A 19 7.82 -10.08 11.85
C ALA A 19 8.42 -8.74 12.24
N MET A 20 9.66 -8.77 12.73
CA MET A 20 10.34 -7.56 13.14
C MET A 20 10.87 -6.79 11.93
N ASN A 21 10.47 -5.52 11.81
CA ASN A 21 10.90 -4.68 10.71
C ASN A 21 10.30 -5.17 9.39
N THR A 22 9.09 -5.72 9.47
CA THR A 22 8.40 -6.22 8.28
C THR A 22 6.90 -5.96 8.37
N ALA A 23 6.32 -5.51 7.26
CA ALA A 23 4.90 -5.20 7.21
C ALA A 23 4.22 -5.97 6.07
N LEU A 24 3.24 -6.80 6.41
CA LEU A 24 2.52 -7.59 5.42
C LEU A 24 1.51 -6.73 4.68
N LEU A 25 1.56 -6.77 3.35
CA LEU A 25 0.64 -5.99 2.52
C LEU A 25 -0.43 -6.89 1.91
N GLN A 26 -1.69 -6.57 2.18
CA GLN A 26 -2.80 -7.35 1.66
C GLN A 26 -3.97 -6.44 1.27
N TRP A 27 -4.30 -6.43 -0.01
CA TRP A 27 -5.39 -5.60 -0.52
C TRP A 27 -6.39 -6.45 -1.31
N HIS A 28 -7.50 -5.83 -1.70
CA HIS A 28 -8.53 -6.52 -2.46
C HIS A 28 -9.10 -5.61 -3.54
N PRO A 29 -9.69 -6.22 -4.58
CA PRO A 29 -10.29 -5.49 -5.70
C PRO A 29 -11.56 -4.74 -5.29
N PRO A 30 -11.68 -3.47 -5.74
CA PRO A 30 -12.83 -2.63 -5.44
C PRO A 30 -14.10 -3.11 -6.14
N LYS A 31 -15.20 -2.41 -5.91
CA LYS A 31 -16.49 -2.76 -6.53
C LYS A 31 -16.96 -1.66 -7.47
N GLU A 32 -16.38 -0.46 -7.31
CA GLU A 32 -16.75 0.67 -8.14
C GLU A 32 -15.79 0.81 -9.32
N LEU A 33 -15.16 -0.30 -9.69
CA LEU A 33 -14.22 -0.31 -10.81
C LEU A 33 -14.93 -0.59 -12.13
N PRO A 34 -15.03 0.44 -12.98
CA PRO A 34 -15.69 0.32 -14.28
C PRO A 34 -14.89 -0.53 -15.26
N GLY A 35 -15.24 -1.81 -15.35
CA GLY A 35 -14.54 -2.71 -16.25
C GLY A 35 -14.08 -3.98 -15.56
N GLU A 36 -12.81 -4.33 -15.75
CA GLU A 36 -12.25 -5.53 -15.14
C GLU A 36 -10.85 -5.24 -14.60
N LEU A 37 -10.52 -5.86 -13.46
CA LEU A 37 -9.22 -5.68 -12.84
C LEU A 37 -8.11 -6.21 -13.74
N LEU A 38 -7.14 -5.34 -14.03
CA LEU A 38 -6.01 -5.73 -14.89
C LEU A 38 -4.70 -5.57 -14.14
N GLY A 39 -4.69 -4.73 -13.11
CA GLY A 39 -3.49 -4.50 -12.33
C GLY A 39 -3.62 -3.32 -11.40
N TYR A 40 -2.56 -3.04 -10.64
CA TYR A 40 -2.56 -1.94 -9.70
C TYR A 40 -1.14 -1.59 -9.27
N ARG A 41 -0.92 -0.32 -8.95
CA ARG A 41 0.40 0.14 -8.52
C ARG A 41 0.41 0.43 -7.02
N LEU A 42 1.56 0.18 -6.39
CA LEU A 42 1.70 0.40 -4.96
C LEU A 42 2.73 1.49 -4.68
N GLN A 43 2.37 2.43 -3.80
CA GLN A 43 3.27 3.53 -3.45
C GLN A 43 3.29 3.75 -1.94
N TYR A 44 4.47 3.61 -1.35
CA TYR A 44 4.64 3.78 0.08
C TYR A 44 6.00 4.38 0.41
N CYS A 45 6.01 5.33 1.34
CA CYS A 45 7.26 5.99 1.74
C CYS A 45 7.15 6.51 3.18
N ARG A 46 8.26 7.02 3.69
CA ARG A 46 8.30 7.54 5.05
C ARG A 46 7.47 8.81 5.17
N ALA A 47 7.13 9.19 6.40
CA ALA A 47 6.35 10.39 6.65
C ALA A 47 7.15 11.65 6.33
N ASP A 48 8.41 11.46 5.94
CA ASP A 48 9.28 12.58 5.61
C ASP A 48 9.86 12.42 4.21
N GLU A 49 9.25 11.56 3.42
CA GLU A 49 9.70 11.32 2.06
C GLU A 49 8.72 11.90 1.04
N ALA A 50 9.23 12.74 0.15
CA ALA A 50 8.40 13.37 -0.87
C ALA A 50 8.37 12.53 -2.14
N ARG A 51 9.27 11.56 -2.23
CA ARG A 51 9.34 10.68 -3.39
C ARG A 51 8.93 9.25 -3.02
N PRO A 52 7.65 8.94 -3.28
CA PRO A 52 7.09 7.61 -2.98
C PRO A 52 7.65 6.53 -3.91
N ASN A 53 7.90 5.35 -3.35
CA ASN A 53 8.44 4.23 -4.11
C ASN A 53 7.34 3.58 -4.96
N THR A 54 7.34 3.90 -6.26
CA THR A 54 6.36 3.35 -7.18
C THR A 54 6.66 1.89 -7.51
N ILE A 55 5.67 1.03 -7.34
CA ILE A 55 5.84 -0.39 -7.63
C ILE A 55 4.67 -0.93 -8.46
N ASP A 56 4.98 -1.85 -9.37
CA ASP A 56 3.95 -2.44 -10.22
C ASP A 56 3.46 -3.76 -9.63
N PHE A 57 2.15 -3.98 -9.73
CA PHE A 57 1.55 -5.21 -9.22
C PHE A 57 0.47 -5.73 -10.16
N GLY A 58 0.50 -7.03 -10.43
CA GLY A 58 -0.49 -7.62 -11.31
C GLY A 58 -1.75 -8.02 -10.58
N LYS A 59 -2.86 -8.12 -11.32
CA LYS A 59 -4.14 -8.49 -10.75
C LYS A 59 -3.98 -9.67 -9.79
N ASP A 60 -3.04 -10.54 -10.09
CA ASP A 60 -2.77 -11.71 -9.25
C ASP A 60 -2.19 -11.30 -7.91
N ASP A 61 -1.24 -10.37 -7.94
CA ASP A 61 -0.59 -9.89 -6.73
C ASP A 61 -1.59 -9.18 -5.82
N GLN A 62 -2.15 -9.91 -4.87
CA GLN A 62 -3.13 -9.36 -3.94
C GLN A 62 -2.47 -9.01 -2.61
N HIS A 63 -1.17 -9.25 -2.52
CA HIS A 63 -0.42 -8.95 -1.30
C HIS A 63 1.07 -8.82 -1.59
N PHE A 64 1.81 -8.24 -0.64
CA PHE A 64 3.24 -8.06 -0.80
C PHE A 64 3.96 -8.16 0.54
N THR A 65 5.20 -8.64 0.51
CA THR A 65 5.99 -8.80 1.72
C THR A 65 7.13 -7.78 1.78
N VAL A 66 7.06 -6.89 2.75
CA VAL A 66 8.08 -5.85 2.92
C VAL A 66 8.88 -6.07 4.20
N THR A 67 10.19 -6.22 4.05
CA THR A 67 11.06 -6.43 5.20
C THR A 67 12.20 -5.40 5.23
N GLY A 68 12.67 -5.09 6.43
CA GLY A 68 13.75 -4.12 6.56
C GLY A 68 13.25 -2.75 6.96
N LEU A 69 11.94 -2.63 7.15
CA LEU A 69 11.33 -1.36 7.52
C LEU A 69 11.94 -0.81 8.81
N HIS A 70 12.20 0.49 8.84
CA HIS A 70 12.78 1.14 10.01
C HIS A 70 11.82 1.09 11.19
N LYS A 71 12.22 0.37 12.24
CA LYS A 71 11.40 0.26 13.44
C LYS A 71 11.21 1.60 14.11
N GLY A 72 10.01 1.84 14.66
CA GLY A 72 9.73 3.09 15.32
C GLY A 72 9.63 4.25 14.34
N THR A 73 9.18 3.97 13.12
CA THR A 73 9.05 4.99 12.10
C THR A 73 7.70 4.91 11.42
N THR A 74 7.02 6.05 11.31
CA THR A 74 5.70 6.11 10.68
C THR A 74 5.83 6.07 9.16
N TYR A 75 4.94 5.33 8.51
CA TYR A 75 4.95 5.20 7.07
C TYR A 75 3.56 5.46 6.48
N ILE A 76 3.50 5.67 5.17
CA ILE A 76 2.24 5.92 4.49
C ILE A 76 2.13 5.12 3.20
N PHE A 77 1.33 4.07 3.23
CA PHE A 77 1.14 3.22 2.06
C PHE A 77 -0.05 3.70 1.22
N ARG A 78 0.03 3.49 -0.08
CA ARG A 78 -1.03 3.89 -0.99
C ARG A 78 -1.17 2.91 -2.14
N LEU A 79 -2.41 2.58 -2.50
CA LEU A 79 -2.68 1.66 -3.58
C LEU A 79 -3.72 2.23 -4.54
N ALA A 80 -3.76 1.69 -5.77
CA ALA A 80 -4.71 2.14 -6.77
C ALA A 80 -5.05 1.02 -7.74
N ALA A 81 -6.33 0.93 -8.10
CA ALA A 81 -6.79 -0.10 -9.02
C ALA A 81 -6.68 0.37 -10.47
N LYS A 82 -6.28 -0.53 -11.35
CA LYS A 82 -6.14 -0.21 -12.77
C LYS A 82 -7.09 -1.05 -13.62
N ASN A 83 -8.01 -0.38 -14.32
CA ASN A 83 -8.97 -1.07 -15.17
C ASN A 83 -8.70 -0.78 -16.65
N ARG A 84 -9.56 -1.29 -17.51
CA ARG A 84 -9.42 -1.10 -18.95
C ARG A 84 -9.23 0.39 -19.27
N ALA A 85 -9.58 1.25 -18.33
CA ALA A 85 -9.45 2.69 -18.51
C ALA A 85 -8.15 3.20 -17.91
N GLY A 86 -7.70 2.56 -16.84
CA GLY A 86 -6.47 2.96 -16.19
C GLY A 86 -6.62 3.06 -14.68
N LEU A 87 -5.60 3.62 -14.02
CA LEU A 87 -5.61 3.78 -12.58
C LEU A 87 -6.74 4.72 -12.14
N GLY A 88 -7.26 4.48 -10.93
CA GLY A 88 -8.32 5.32 -10.42
C GLY A 88 -7.97 5.96 -9.09
N GLU A 89 -8.91 5.90 -8.14
CA GLU A 89 -8.69 6.47 -6.82
C GLU A 89 -7.53 5.79 -6.11
N GLU A 90 -6.96 6.46 -5.12
CA GLU A 90 -5.84 5.92 -4.36
C GLU A 90 -6.19 5.77 -2.89
N PHE A 91 -5.84 4.62 -2.31
CA PHE A 91 -6.13 4.36 -0.90
C PHE A 91 -5.03 4.93 -0.02
N GLU A 92 -5.41 5.34 1.20
CA GLU A 92 -4.46 5.90 2.15
C GLU A 92 -4.47 5.13 3.47
N LYS A 93 -3.29 4.77 3.95
CA LYS A 93 -3.17 4.03 5.20
C LYS A 93 -1.92 4.45 5.96
N GLU A 94 -2.07 4.75 7.24
CA GLU A 94 -0.94 5.16 8.07
C GLU A 94 -0.64 4.10 9.12
N ILE A 95 0.64 3.76 9.27
CA ILE A 95 1.06 2.76 10.24
C ILE A 95 2.35 3.19 10.94
N ARG A 96 2.82 2.36 11.87
CA ARG A 96 4.04 2.65 12.61
C ARG A 96 4.69 1.37 13.10
N THR A 97 5.91 1.11 12.64
CA THR A 97 6.65 -0.08 13.03
C THR A 97 6.93 -0.08 14.53
N PRO A 98 6.87 -1.27 15.15
CA PRO A 98 7.12 -1.44 16.59
C PRO A 98 8.58 -1.21 16.95
N GLU A 99 8.81 -0.48 18.03
CA GLU A 99 10.16 -0.20 18.48
C GLU A 99 10.78 -1.42 19.15
N ASP A 100 12.10 -1.39 19.31
CA ASP A 100 12.81 -2.50 19.95
C ASP A 100 12.76 -2.39 21.47
N LEU A 101 13.05 -3.49 22.15
CA LEU A 101 13.03 -3.51 23.61
C LEU A 101 14.41 -3.20 24.17
N SER A 102 14.58 -1.99 24.70
CA SER A 102 15.85 -1.57 25.28
C SER A 102 15.85 -1.76 26.79
N GLY A 103 17.03 -2.06 27.34
CA GLY A 103 17.14 -2.25 28.78
C GLY A 103 18.56 -2.06 29.28
N PRO A 104 18.87 -2.65 30.44
CA PRO A 104 20.19 -2.56 31.05
C PRO A 104 21.25 -3.33 30.27
N SER A 105 20.79 -4.13 29.31
CA SER A 105 21.70 -4.93 28.49
C SER A 105 21.33 -4.83 27.01
N SER A 106 22.34 -4.88 26.15
CA SER A 106 22.12 -4.79 24.71
C SER A 106 21.69 -6.14 24.15
N GLY A 107 20.98 -6.11 23.02
CA GLY A 107 20.52 -7.34 22.40
C GLY A 107 21.03 -7.49 20.98
N GLY A 1 -12.54 18.65 -24.02
CA GLY A 1 -13.76 19.42 -24.02
C GLY A 1 -14.91 18.69 -23.33
N SER A 2 -15.27 19.17 -22.14
CA SER A 2 -16.35 18.56 -21.38
C SER A 2 -16.06 17.09 -21.11
N SER A 3 -14.77 16.74 -20.99
CA SER A 3 -14.37 15.37 -20.73
C SER A 3 -14.14 15.13 -19.24
N GLY A 4 -14.25 13.88 -18.83
CA GLY A 4 -14.06 13.55 -17.43
C GLY A 4 -13.04 12.43 -17.25
N SER A 5 -12.65 12.20 -16.00
CA SER A 5 -11.68 11.15 -15.68
C SER A 5 -12.36 9.97 -15.01
N SER A 6 -12.85 9.03 -15.83
CA SER A 6 -13.52 7.84 -15.32
C SER A 6 -12.51 6.74 -15.00
N GLY A 7 -12.52 6.28 -13.75
CA GLY A 7 -11.60 5.24 -13.34
C GLY A 7 -12.16 4.38 -12.22
N PRO A 8 -11.39 3.38 -11.80
CA PRO A 8 -11.79 2.45 -10.73
C PRO A 8 -11.83 3.14 -9.36
N GLY A 9 -12.45 2.48 -8.39
CA GLY A 9 -12.54 3.04 -7.06
C GLY A 9 -11.28 2.83 -6.26
N ARG A 10 -11.40 2.82 -4.93
CA ARG A 10 -10.26 2.63 -4.05
C ARG A 10 -10.30 1.26 -3.39
N PRO A 11 -9.25 0.45 -3.61
CA PRO A 11 -9.16 -0.88 -3.04
C PRO A 11 -8.93 -0.86 -1.53
N THR A 12 -9.32 -1.94 -0.86
CA THR A 12 -9.17 -2.05 0.58
C THR A 12 -7.79 -2.60 0.95
N MET A 13 -6.88 -1.70 1.34
CA MET A 13 -5.54 -2.10 1.73
C MET A 13 -5.43 -2.29 3.24
N MET A 14 -4.87 -3.42 3.66
CA MET A 14 -4.71 -3.71 5.07
C MET A 14 -3.26 -4.05 5.39
N ILE A 15 -2.62 -3.20 6.18
CA ILE A 15 -1.23 -3.41 6.57
C ILE A 15 -1.13 -3.95 7.98
N SER A 16 -0.45 -5.09 8.12
CA SER A 16 -0.28 -5.72 9.43
C SER A 16 1.12 -6.30 9.57
N THR A 17 1.82 -5.89 10.63
CA THR A 17 3.18 -6.37 10.87
C THR A 17 3.16 -7.70 11.60
N THR A 18 3.97 -8.64 11.12
CA THR A 18 4.05 -9.97 11.72
C THR A 18 5.45 -10.25 12.26
N ALA A 19 6.43 -10.19 11.38
CA ALA A 19 7.82 -10.43 11.76
C ALA A 19 8.51 -9.14 12.18
N MET A 20 9.79 -9.23 12.50
CA MET A 20 10.57 -8.06 12.91
C MET A 20 10.84 -7.14 11.72
N ASN A 21 10.43 -5.88 11.86
CA ASN A 21 10.62 -4.91 10.79
C ASN A 21 10.05 -5.41 9.47
N THR A 22 8.90 -6.07 9.55
CA THR A 22 8.24 -6.61 8.37
C THR A 22 6.74 -6.32 8.39
N ALA A 23 6.25 -5.69 7.34
CA ALA A 23 4.83 -5.37 7.23
C ALA A 23 4.16 -6.14 6.11
N LEU A 24 3.06 -6.82 6.42
CA LEU A 24 2.33 -7.60 5.44
C LEU A 24 1.33 -6.74 4.68
N LEU A 25 1.36 -6.82 3.36
CA LEU A 25 0.46 -6.05 2.52
C LEU A 25 -0.61 -6.94 1.90
N GLN A 26 -1.87 -6.60 2.14
CA GLN A 26 -2.98 -7.38 1.60
C GLN A 26 -4.14 -6.47 1.18
N TRP A 27 -4.44 -6.44 -0.11
CA TRP A 27 -5.52 -5.61 -0.62
C TRP A 27 -6.47 -6.43 -1.48
N HIS A 28 -7.69 -5.94 -1.64
CA HIS A 28 -8.70 -6.62 -2.43
C HIS A 28 -9.19 -5.74 -3.57
N PRO A 29 -9.59 -6.38 -4.69
CA PRO A 29 -10.09 -5.66 -5.87
C PRO A 29 -11.45 -5.03 -5.63
N PRO A 30 -11.59 -3.76 -6.04
CA PRO A 30 -12.84 -3.01 -5.88
C PRO A 30 -13.95 -3.52 -6.79
N LYS A 31 -15.19 -3.17 -6.47
CA LYS A 31 -16.34 -3.60 -7.26
C LYS A 31 -16.83 -2.47 -8.16
N GLU A 32 -16.45 -1.24 -7.81
CA GLU A 32 -16.86 -0.07 -8.59
C GLU A 32 -15.91 0.17 -9.75
N LEU A 33 -15.22 -0.88 -10.18
CA LEU A 33 -14.26 -0.78 -11.27
C LEU A 33 -14.95 -1.03 -12.61
N PRO A 34 -15.03 0.03 -13.45
CA PRO A 34 -15.66 -0.05 -14.77
C PRO A 34 -14.85 -0.88 -15.75
N GLY A 35 -15.24 -2.15 -15.92
CA GLY A 35 -14.54 -3.03 -16.82
C GLY A 35 -14.05 -4.29 -16.15
N GLU A 36 -12.74 -4.42 -16.00
CA GLU A 36 -12.16 -5.60 -15.36
C GLU A 36 -10.76 -5.29 -14.82
N LEU A 37 -10.43 -5.90 -13.69
CA LEU A 37 -9.13 -5.69 -13.06
C LEU A 37 -8.01 -6.20 -13.95
N LEU A 38 -6.98 -5.38 -14.13
CA LEU A 38 -5.84 -5.76 -14.95
C LEU A 38 -4.53 -5.61 -14.17
N GLY A 39 -4.51 -4.67 -13.24
CA GLY A 39 -3.32 -4.44 -12.45
C GLY A 39 -3.49 -3.28 -11.48
N TYR A 40 -2.43 -3.00 -10.72
CA TYR A 40 -2.47 -1.90 -9.75
C TYR A 40 -1.05 -1.53 -9.31
N ARG A 41 -0.86 -0.26 -8.96
CA ARG A 41 0.44 0.22 -8.51
C ARG A 41 0.45 0.45 -7.00
N LEU A 42 1.61 0.26 -6.39
CA LEU A 42 1.76 0.45 -4.95
C LEU A 42 2.75 1.57 -4.64
N GLN A 43 2.37 2.46 -3.74
CA GLN A 43 3.22 3.57 -3.36
C GLN A 43 3.28 3.71 -1.83
N TYR A 44 4.48 3.61 -1.29
CA TYR A 44 4.68 3.72 0.16
C TYR A 44 6.05 4.31 0.48
N CYS A 45 6.07 5.26 1.41
CA CYS A 45 7.32 5.91 1.80
C CYS A 45 7.23 6.44 3.23
N ARG A 46 8.29 7.08 3.69
CA ARG A 46 8.33 7.62 5.04
C ARG A 46 7.42 8.84 5.17
N ALA A 47 7.10 9.20 6.40
CA ALA A 47 6.23 10.35 6.65
C ALA A 47 7.00 11.66 6.52
N ASP A 48 8.27 11.56 6.13
CA ASP A 48 9.11 12.73 5.96
C ASP A 48 9.63 12.83 4.53
N GLU A 49 9.38 11.79 3.74
CA GLU A 49 9.82 11.76 2.36
C GLU A 49 8.76 12.35 1.43
N ALA A 50 9.19 12.79 0.25
CA ALA A 50 8.28 13.37 -0.72
C ALA A 50 8.22 12.54 -1.99
N ARG A 51 9.18 11.65 -2.15
CA ARG A 51 9.25 10.78 -3.33
C ARG A 51 8.79 9.36 -2.98
N PRO A 52 7.53 9.05 -3.31
CA PRO A 52 6.95 7.72 -3.04
C PRO A 52 7.55 6.64 -3.93
N ASN A 53 7.81 5.48 -3.34
CA ASN A 53 8.39 4.36 -4.08
C ASN A 53 7.33 3.67 -4.93
N THR A 54 7.28 4.02 -6.22
CA THR A 54 6.32 3.44 -7.13
C THR A 54 6.65 1.97 -7.43
N ILE A 55 5.65 1.10 -7.31
CA ILE A 55 5.84 -0.31 -7.57
C ILE A 55 4.73 -0.87 -8.45
N ASP A 56 5.09 -1.79 -9.33
CA ASP A 56 4.12 -2.39 -10.24
C ASP A 56 3.64 -3.74 -9.69
N PHE A 57 2.35 -4.00 -9.83
CA PHE A 57 1.77 -5.24 -9.35
C PHE A 57 0.72 -5.78 -10.33
N GLY A 58 0.70 -7.10 -10.50
CA GLY A 58 -0.24 -7.72 -11.42
C GLY A 58 -1.55 -8.07 -10.74
N LYS A 59 -2.63 -8.10 -11.53
CA LYS A 59 -3.95 -8.43 -11.00
C LYS A 59 -3.87 -9.60 -10.03
N ASP A 60 -2.88 -10.47 -10.23
CA ASP A 60 -2.70 -11.63 -9.37
C ASP A 60 -2.09 -11.23 -8.03
N ASP A 61 -1.17 -10.27 -8.08
CA ASP A 61 -0.51 -9.80 -6.86
C ASP A 61 -1.48 -9.02 -5.99
N GLN A 62 -2.11 -9.70 -5.05
CA GLN A 62 -3.06 -9.08 -4.15
C GLN A 62 -2.42 -8.75 -2.80
N HIS A 63 -1.14 -9.10 -2.67
CA HIS A 63 -0.41 -8.84 -1.44
C HIS A 63 1.10 -8.78 -1.70
N PHE A 64 1.83 -8.18 -0.77
CA PHE A 64 3.28 -8.05 -0.91
C PHE A 64 3.96 -8.05 0.46
N THR A 65 5.06 -8.79 0.57
CA THR A 65 5.80 -8.88 1.82
C THR A 65 6.94 -7.87 1.85
N VAL A 66 6.91 -6.99 2.84
CA VAL A 66 7.95 -5.97 2.98
C VAL A 66 8.79 -6.21 4.23
N THR A 67 10.10 -6.31 4.05
CA THR A 67 11.02 -6.55 5.16
C THR A 67 12.16 -5.54 5.16
N GLY A 68 12.59 -5.13 6.34
CA GLY A 68 13.66 -4.17 6.45
C GLY A 68 13.18 -2.78 6.80
N LEU A 69 11.91 -2.67 7.16
CA LEU A 69 11.32 -1.39 7.51
C LEU A 69 11.94 -0.84 8.80
N HIS A 70 12.35 0.43 8.75
CA HIS A 70 12.97 1.06 9.91
C HIS A 70 11.99 1.14 11.07
N LYS A 71 12.32 0.43 12.15
CA LYS A 71 11.47 0.41 13.34
C LYS A 71 11.32 1.81 13.93
N GLY A 72 10.21 2.04 14.62
CA GLY A 72 9.98 3.34 15.23
C GLY A 72 9.90 4.45 14.20
N THR A 73 9.39 4.13 13.03
CA THR A 73 9.26 5.11 11.95
C THR A 73 7.90 5.01 11.27
N THR A 74 7.19 6.14 11.19
CA THR A 74 5.88 6.18 10.57
C THR A 74 5.98 6.04 9.06
N TYR A 75 5.06 5.31 8.47
CA TYR A 75 5.04 5.11 7.01
C TYR A 75 3.65 5.33 6.45
N ILE A 76 3.58 5.75 5.20
CA ILE A 76 2.30 5.99 4.53
C ILE A 76 2.20 5.19 3.24
N PHE A 77 1.32 4.18 3.25
CA PHE A 77 1.12 3.34 2.08
C PHE A 77 -0.07 3.82 1.26
N ARG A 78 0.01 3.62 -0.06
CA ARG A 78 -1.06 4.04 -0.95
C ARG A 78 -1.18 3.08 -2.14
N LEU A 79 -2.40 2.61 -2.38
CA LEU A 79 -2.65 1.68 -3.48
C LEU A 79 -3.74 2.22 -4.40
N ALA A 80 -3.75 1.74 -5.64
CA ALA A 80 -4.74 2.17 -6.62
C ALA A 80 -5.06 1.05 -7.60
N ALA A 81 -6.32 0.98 -8.02
CA ALA A 81 -6.77 -0.05 -8.96
C ALA A 81 -6.59 0.42 -10.40
N LYS A 82 -6.26 -0.52 -11.28
CA LYS A 82 -6.07 -0.21 -12.69
C LYS A 82 -6.98 -1.06 -13.57
N ASN A 83 -7.83 -0.40 -14.34
CA ASN A 83 -8.75 -1.11 -15.23
C ASN A 83 -8.47 -0.76 -16.69
N ARG A 84 -9.30 -1.29 -17.58
CA ARG A 84 -9.13 -1.05 -19.02
C ARG A 84 -8.93 0.44 -19.29
N ALA A 85 -9.60 1.28 -18.51
CA ALA A 85 -9.50 2.72 -18.68
C ALA A 85 -8.19 3.25 -18.07
N GLY A 86 -7.73 2.58 -17.02
CA GLY A 86 -6.49 2.99 -16.37
C GLY A 86 -6.62 3.03 -14.86
N LEU A 87 -5.67 3.70 -14.21
CA LEU A 87 -5.67 3.81 -12.75
C LEU A 87 -6.84 4.68 -12.27
N GLY A 88 -7.33 4.39 -11.08
CA GLY A 88 -8.44 5.16 -10.53
C GLY A 88 -8.12 5.73 -9.16
N GLU A 89 -9.13 5.78 -8.29
CA GLU A 89 -8.96 6.31 -6.95
C GLU A 89 -7.81 5.59 -6.23
N GLU A 90 -7.35 6.18 -5.12
CA GLU A 90 -6.27 5.61 -4.35
C GLU A 90 -6.58 5.64 -2.86
N PHE A 91 -6.17 4.59 -2.15
CA PHE A 91 -6.41 4.50 -0.71
C PHE A 91 -5.18 4.93 0.08
N GLU A 92 -5.41 5.49 1.26
CA GLU A 92 -4.32 5.95 2.11
C GLU A 92 -4.35 5.23 3.46
N LYS A 93 -3.17 4.87 3.96
CA LYS A 93 -3.06 4.18 5.23
C LYS A 93 -1.77 4.59 5.95
N GLU A 94 -1.90 4.97 7.22
CA GLU A 94 -0.75 5.38 8.02
C GLU A 94 -0.48 4.38 9.13
N ILE A 95 0.77 3.90 9.20
CA ILE A 95 1.16 2.94 10.22
C ILE A 95 2.46 3.35 10.91
N ARG A 96 2.93 2.51 11.82
CA ARG A 96 4.16 2.80 12.55
C ARG A 96 4.82 1.51 13.02
N THR A 97 6.03 1.26 12.51
CA THR A 97 6.77 0.05 12.88
C THR A 97 7.09 0.03 14.36
N PRO A 98 7.06 -1.18 14.95
CA PRO A 98 7.34 -1.36 16.38
C PRO A 98 8.81 -1.12 16.72
N GLU A 99 9.06 -0.14 17.58
CA GLU A 99 10.42 0.20 17.98
C GLU A 99 10.95 -0.82 19.00
N ASP A 100 12.27 -0.80 19.21
CA ASP A 100 12.90 -1.71 20.15
C ASP A 100 14.03 -1.02 20.90
N LEU A 101 14.52 -1.66 21.96
CA LEU A 101 15.60 -1.11 22.76
C LEU A 101 16.45 -2.23 23.36
N SER A 102 17.74 -2.20 23.04
CA SER A 102 18.67 -3.21 23.55
C SER A 102 18.80 -3.11 25.07
N GLY A 103 18.98 -4.25 25.71
CA GLY A 103 19.12 -4.28 27.16
C GLY A 103 20.57 -4.39 27.60
N PRO A 104 21.09 -3.32 28.21
CA PRO A 104 22.48 -3.28 28.70
C PRO A 104 22.70 -4.20 29.90
N SER A 105 21.61 -4.51 30.61
CA SER A 105 21.70 -5.38 31.77
C SER A 105 22.30 -6.73 31.42
N SER A 106 23.05 -7.30 32.35
CA SER A 106 23.68 -8.60 32.12
C SER A 106 22.65 -9.72 32.21
N GLY A 107 23.03 -10.89 31.68
CA GLY A 107 22.12 -12.03 31.70
C GLY A 107 21.32 -12.12 32.99
N GLY A 1 -1.89 10.29 -25.02
CA GLY A 1 -2.78 9.60 -24.10
C GLY A 1 -4.21 10.10 -24.19
N SER A 2 -4.96 9.92 -23.11
CA SER A 2 -6.36 10.35 -23.06
C SER A 2 -6.86 10.43 -21.62
N SER A 3 -7.31 11.61 -21.22
CA SER A 3 -7.81 11.81 -19.87
C SER A 3 -8.84 10.74 -19.50
N GLY A 4 -8.81 10.29 -18.26
CA GLY A 4 -9.75 9.28 -17.81
C GLY A 4 -10.92 9.87 -17.06
N SER A 5 -12.05 10.04 -17.76
CA SER A 5 -13.24 10.61 -17.16
C SER A 5 -13.71 9.76 -15.98
N SER A 6 -13.71 8.45 -16.16
CA SER A 6 -14.14 7.52 -15.12
C SER A 6 -13.06 6.50 -14.82
N GLY A 7 -12.97 6.08 -13.57
CA GLY A 7 -11.98 5.09 -13.18
C GLY A 7 -12.41 4.28 -11.98
N PRO A 8 -11.55 3.33 -11.56
CA PRO A 8 -11.83 2.46 -10.42
C PRO A 8 -11.79 3.21 -9.09
N GLY A 9 -12.49 2.68 -8.09
CA GLY A 9 -12.53 3.31 -6.79
C GLY A 9 -11.26 3.06 -5.99
N ARG A 10 -11.40 3.00 -4.67
CA ARG A 10 -10.26 2.77 -3.79
C ARG A 10 -10.28 1.35 -3.23
N PRO A 11 -9.20 0.60 -3.48
CA PRO A 11 -9.06 -0.78 -3.02
C PRO A 11 -8.90 -0.87 -1.50
N THR A 12 -9.25 -2.03 -0.94
CA THR A 12 -9.15 -2.23 0.49
C THR A 12 -7.77 -2.76 0.87
N MET A 13 -6.89 -1.86 1.29
CA MET A 13 -5.54 -2.25 1.68
C MET A 13 -5.45 -2.46 3.19
N MET A 14 -4.87 -3.58 3.59
CA MET A 14 -4.72 -3.91 5.00
C MET A 14 -3.26 -4.15 5.36
N ILE A 15 -2.72 -3.33 6.25
CA ILE A 15 -1.34 -3.45 6.67
C ILE A 15 -1.24 -4.06 8.06
N SER A 16 -0.54 -5.18 8.17
CA SER A 16 -0.37 -5.86 9.46
C SER A 16 1.07 -6.30 9.65
N THR A 17 1.59 -6.09 10.86
CA THR A 17 2.96 -6.46 11.18
C THR A 17 3.01 -7.83 11.85
N THR A 18 3.76 -8.75 11.24
CA THR A 18 3.90 -10.10 11.78
C THR A 18 5.32 -10.36 12.25
N ALA A 19 6.27 -10.33 11.33
CA ALA A 19 7.66 -10.56 11.66
C ALA A 19 8.32 -9.29 12.19
N MET A 20 9.62 -9.36 12.46
CA MET A 20 10.37 -8.21 12.97
C MET A 20 10.74 -7.26 11.84
N ASN A 21 10.31 -6.02 11.96
CA ASN A 21 10.61 -5.01 10.93
C ASN A 21 10.04 -5.41 9.58
N THR A 22 8.86 -6.04 9.61
CA THR A 22 8.21 -6.48 8.38
C THR A 22 6.73 -6.15 8.40
N ALA A 23 6.24 -5.58 7.30
CA ALA A 23 4.82 -5.21 7.20
C ALA A 23 4.14 -5.98 6.06
N LEU A 24 3.16 -6.80 6.41
CA LEU A 24 2.43 -7.59 5.43
C LEU A 24 1.41 -6.73 4.69
N LEU A 25 1.40 -6.84 3.37
CA LEU A 25 0.47 -6.07 2.54
C LEU A 25 -0.56 -6.98 1.89
N GLN A 26 -1.83 -6.69 2.11
CA GLN A 26 -2.91 -7.48 1.54
C GLN A 26 -4.07 -6.59 1.11
N TRP A 27 -4.35 -6.58 -0.19
CA TRP A 27 -5.44 -5.77 -0.73
C TRP A 27 -6.39 -6.62 -1.57
N HIS A 28 -7.62 -6.13 -1.73
CA HIS A 28 -8.62 -6.86 -2.51
C HIS A 28 -9.09 -6.01 -3.69
N PRO A 29 -9.59 -6.69 -4.74
CA PRO A 29 -10.07 -6.02 -5.95
C PRO A 29 -11.38 -5.28 -5.71
N PRO A 30 -11.43 -4.01 -6.16
CA PRO A 30 -12.62 -3.16 -6.01
C PRO A 30 -13.78 -3.63 -6.87
N LYS A 31 -14.99 -3.54 -6.33
CA LYS A 31 -16.19 -3.95 -7.05
C LYS A 31 -16.79 -2.78 -7.82
N GLU A 32 -16.27 -1.58 -7.57
CA GLU A 32 -16.75 -0.39 -8.24
C GLU A 32 -15.90 -0.07 -9.47
N LEU A 33 -15.10 -1.04 -9.88
CA LEU A 33 -14.22 -0.86 -11.04
C LEU A 33 -14.98 -1.13 -12.34
N PRO A 34 -15.12 -0.10 -13.17
CA PRO A 34 -15.81 -0.20 -14.45
C PRO A 34 -15.04 -1.03 -15.47
N GLY A 35 -15.39 -2.31 -15.57
CA GLY A 35 -14.72 -3.20 -16.50
C GLY A 35 -14.21 -4.46 -15.84
N GLU A 36 -12.90 -4.59 -15.73
CA GLU A 36 -12.28 -5.75 -15.12
C GLU A 36 -10.89 -5.42 -14.58
N LEU A 37 -10.48 -6.12 -13.53
CA LEU A 37 -9.17 -5.91 -12.93
C LEU A 37 -8.06 -6.38 -13.86
N LEU A 38 -7.07 -5.51 -14.06
CA LEU A 38 -5.94 -5.85 -14.93
C LEU A 38 -4.61 -5.65 -14.20
N GLY A 39 -4.59 -4.69 -13.28
CA GLY A 39 -3.38 -4.42 -12.53
C GLY A 39 -3.55 -3.26 -11.56
N TYR A 40 -2.52 -3.02 -10.76
CA TYR A 40 -2.56 -1.94 -9.77
C TYR A 40 -1.15 -1.55 -9.34
N ARG A 41 -0.98 -0.29 -8.95
CA ARG A 41 0.31 0.21 -8.50
C ARG A 41 0.33 0.40 -6.98
N LEU A 42 1.52 0.27 -6.40
CA LEU A 42 1.67 0.42 -4.96
C LEU A 42 2.71 1.49 -4.63
N GLN A 43 2.29 2.51 -3.89
CA GLN A 43 3.18 3.60 -3.52
C GLN A 43 3.25 3.74 -2.00
N TYR A 44 4.45 3.65 -1.46
CA TYR A 44 4.65 3.76 -0.02
C TYR A 44 6.03 4.36 0.29
N CYS A 45 6.06 5.30 1.23
CA CYS A 45 7.30 5.94 1.62
C CYS A 45 7.27 6.35 3.09
N ARG A 46 8.42 6.76 3.62
CA ARG A 46 8.52 7.17 5.02
C ARG A 46 7.71 8.44 5.26
N ALA A 47 7.31 8.63 6.51
CA ALA A 47 6.53 9.81 6.89
C ALA A 47 7.35 11.08 6.72
N ASP A 48 8.65 10.92 6.48
CA ASP A 48 9.54 12.06 6.30
C ASP A 48 9.98 12.18 4.84
N GLU A 49 9.58 11.21 4.02
CA GLU A 49 9.93 11.20 2.61
C GLU A 49 8.89 11.95 1.78
N ALA A 50 9.33 12.50 0.67
CA ALA A 50 8.43 13.24 -0.22
C ALA A 50 8.15 12.47 -1.50
N ARG A 51 9.14 11.69 -1.95
CA ARG A 51 8.99 10.90 -3.16
C ARG A 51 8.58 9.46 -2.82
N PRO A 52 7.33 9.13 -3.14
CA PRO A 52 6.77 7.79 -2.89
C PRO A 52 7.39 6.73 -3.79
N ASN A 53 7.66 5.56 -3.22
CA ASN A 53 8.26 4.46 -3.98
C ASN A 53 7.21 3.77 -4.85
N THR A 54 7.25 4.06 -6.14
CA THR A 54 6.30 3.47 -7.09
C THR A 54 6.63 2.01 -7.36
N ILE A 55 5.61 1.16 -7.34
CA ILE A 55 5.80 -0.25 -7.59
C ILE A 55 4.68 -0.82 -8.46
N ASP A 56 5.04 -1.72 -9.38
CA ASP A 56 4.07 -2.33 -10.27
C ASP A 56 3.61 -3.67 -9.74
N PHE A 57 2.31 -3.94 -9.85
CA PHE A 57 1.74 -5.20 -9.38
C PHE A 57 0.71 -5.74 -10.36
N GLY A 58 0.77 -7.03 -10.63
CA GLY A 58 -0.16 -7.65 -11.56
C GLY A 58 -1.47 -8.03 -10.89
N LYS A 59 -2.52 -8.16 -11.69
CA LYS A 59 -3.83 -8.52 -11.17
C LYS A 59 -3.74 -9.74 -10.25
N ASP A 60 -2.64 -10.48 -10.37
CA ASP A 60 -2.43 -11.67 -9.54
C ASP A 60 -1.87 -11.29 -8.17
N ASP A 61 -1.01 -10.27 -8.15
CA ASP A 61 -0.40 -9.81 -6.91
C ASP A 61 -1.44 -9.12 -6.03
N GLN A 62 -2.02 -9.88 -5.09
CA GLN A 62 -3.01 -9.33 -4.19
C GLN A 62 -2.41 -8.99 -2.84
N HIS A 63 -1.10 -9.24 -2.70
CA HIS A 63 -0.39 -8.96 -1.46
C HIS A 63 1.10 -8.79 -1.71
N PHE A 64 1.80 -8.26 -0.71
CA PHE A 64 3.24 -8.05 -0.82
C PHE A 64 3.91 -8.18 0.54
N THR A 65 5.17 -8.62 0.52
CA THR A 65 5.93 -8.80 1.75
C THR A 65 7.06 -7.78 1.86
N VAL A 66 6.96 -6.90 2.84
CA VAL A 66 7.97 -5.87 3.06
C VAL A 66 8.78 -6.15 4.33
N THR A 67 10.10 -6.24 4.17
CA THR A 67 10.99 -6.50 5.30
C THR A 67 12.12 -5.49 5.35
N GLY A 68 12.60 -5.19 6.55
CA GLY A 68 13.68 -4.24 6.71
C GLY A 68 13.18 -2.85 7.09
N LEU A 69 11.88 -2.74 7.35
CA LEU A 69 11.28 -1.47 7.72
C LEU A 69 11.88 -0.93 9.01
N HIS A 70 12.36 0.30 8.98
CA HIS A 70 12.96 0.92 10.16
C HIS A 70 11.94 1.01 11.29
N LYS A 71 12.25 0.34 12.41
CA LYS A 71 11.38 0.34 13.56
C LYS A 71 11.26 1.74 14.17
N GLY A 72 10.10 2.06 14.73
CA GLY A 72 9.89 3.35 15.34
C GLY A 72 9.81 4.47 14.31
N THR A 73 9.34 4.13 13.12
CA THR A 73 9.21 5.10 12.04
C THR A 73 7.86 5.00 11.35
N THR A 74 7.16 6.13 11.26
CA THR A 74 5.85 6.16 10.63
C THR A 74 5.97 6.06 9.11
N TYR A 75 5.05 5.33 8.49
CA TYR A 75 5.05 5.15 7.04
C TYR A 75 3.68 5.45 6.46
N ILE A 76 3.63 5.64 5.13
CA ILE A 76 2.39 5.94 4.45
C ILE A 76 2.23 5.07 3.20
N PHE A 77 1.36 4.07 3.30
CA PHE A 77 1.11 3.17 2.18
C PHE A 77 -0.03 3.67 1.32
N ARG A 78 0.08 3.46 0.01
CA ARG A 78 -0.95 3.90 -0.93
C ARG A 78 -1.13 2.88 -2.05
N LEU A 79 -2.38 2.61 -2.41
CA LEU A 79 -2.67 1.67 -3.48
C LEU A 79 -3.73 2.22 -4.43
N ALA A 80 -3.80 1.66 -5.62
CA ALA A 80 -4.77 2.11 -6.62
C ALA A 80 -5.10 0.98 -7.60
N ALA A 81 -6.36 0.94 -8.04
CA ALA A 81 -6.81 -0.08 -8.98
C ALA A 81 -6.63 0.39 -10.42
N LYS A 82 -6.37 -0.56 -11.32
CA LYS A 82 -6.18 -0.24 -12.73
C LYS A 82 -7.10 -1.09 -13.60
N ASN A 83 -7.95 -0.42 -14.38
CA ASN A 83 -8.88 -1.12 -15.26
C ASN A 83 -8.62 -0.77 -16.71
N ARG A 84 -9.45 -1.29 -17.61
CA ARG A 84 -9.31 -1.03 -19.03
C ARG A 84 -9.08 0.45 -19.29
N ALA A 85 -9.73 1.29 -18.50
CA ALA A 85 -9.59 2.74 -18.65
C ALA A 85 -8.27 3.23 -18.05
N GLY A 86 -7.81 2.55 -17.02
CA GLY A 86 -6.57 2.93 -16.37
C GLY A 86 -6.69 3.00 -14.87
N LEU A 87 -5.74 3.64 -14.22
CA LEU A 87 -5.74 3.79 -12.77
C LEU A 87 -6.87 4.70 -12.32
N GLY A 88 -7.38 4.46 -11.11
CA GLY A 88 -8.45 5.28 -10.59
C GLY A 88 -8.09 5.93 -9.27
N GLU A 89 -9.01 5.89 -8.31
CA GLU A 89 -8.78 6.50 -7.00
C GLU A 89 -7.62 5.80 -6.28
N GLU A 90 -7.22 6.36 -5.15
CA GLU A 90 -6.13 5.81 -4.37
C GLU A 90 -6.45 5.83 -2.87
N PHE A 91 -6.02 4.79 -2.17
CA PHE A 91 -6.26 4.69 -0.73
C PHE A 91 -5.03 5.11 0.06
N GLU A 92 -5.26 5.63 1.27
CA GLU A 92 -4.16 6.07 2.12
C GLU A 92 -4.24 5.42 3.49
N LYS A 93 -3.08 5.04 4.03
CA LYS A 93 -3.02 4.41 5.34
C LYS A 93 -1.74 4.77 6.07
N GLU A 94 -1.87 5.18 7.32
CA GLU A 94 -0.71 5.56 8.13
C GLU A 94 -0.47 4.54 9.24
N ILE A 95 0.79 4.11 9.36
CA ILE A 95 1.16 3.13 10.39
C ILE A 95 2.48 3.49 11.05
N ARG A 96 2.91 2.69 12.01
CA ARG A 96 4.16 2.93 12.71
C ARG A 96 4.78 1.61 13.18
N THR A 97 5.97 1.32 12.66
CA THR A 97 6.67 0.09 13.02
C THR A 97 6.95 0.04 14.52
N PRO A 98 6.87 -1.18 15.10
CA PRO A 98 7.12 -1.40 16.52
C PRO A 98 8.58 -1.19 16.90
N GLU A 99 8.82 -0.24 17.80
CA GLU A 99 10.18 0.05 18.25
C GLU A 99 10.56 -0.82 19.43
N ASP A 100 11.86 -0.91 19.70
CA ASP A 100 12.36 -1.72 20.81
C ASP A 100 12.57 -0.86 22.06
N LEU A 101 12.43 -1.48 23.22
CA LEU A 101 12.59 -0.78 24.48
C LEU A 101 14.00 -0.98 25.04
N SER A 102 14.74 0.10 25.19
CA SER A 102 16.10 0.03 25.71
C SER A 102 16.69 1.43 25.89
N GLY A 103 17.01 1.77 27.13
CA GLY A 103 17.58 3.09 27.41
C GLY A 103 18.88 3.01 28.18
N PRO A 104 19.82 3.91 27.87
CA PRO A 104 21.13 3.95 28.53
C PRO A 104 21.03 4.42 29.97
N SER A 105 20.16 5.39 30.22
CA SER A 105 19.97 5.92 31.57
C SER A 105 19.91 4.79 32.60
N SER A 106 18.96 3.87 32.39
CA SER A 106 18.80 2.75 33.31
C SER A 106 19.56 1.52 32.81
N GLY A 107 20.08 0.73 33.74
CA GLY A 107 20.83 -0.46 33.38
C GLY A 107 22.29 -0.35 33.74
N GLY A 1 -11.97 25.43 -15.67
CA GLY A 1 -11.51 24.25 -16.39
C GLY A 1 -12.32 23.02 -16.06
N SER A 2 -13.13 22.57 -17.00
CA SER A 2 -13.97 21.39 -16.80
C SER A 2 -13.12 20.12 -16.80
N SER A 3 -12.82 19.62 -15.60
CA SER A 3 -12.02 18.42 -15.45
C SER A 3 -12.90 17.19 -15.26
N GLY A 4 -12.51 16.08 -15.88
CA GLY A 4 -13.29 14.86 -15.76
C GLY A 4 -12.46 13.63 -16.09
N SER A 5 -12.88 12.48 -15.57
CA SER A 5 -12.18 11.22 -15.81
C SER A 5 -12.96 10.05 -15.23
N SER A 6 -13.00 8.95 -15.98
CA SER A 6 -13.72 7.75 -15.55
C SER A 6 -12.75 6.65 -15.18
N GLY A 7 -12.50 6.49 -13.88
CA GLY A 7 -11.59 5.46 -13.41
C GLY A 7 -12.18 4.62 -12.30
N PRO A 8 -11.44 3.58 -11.87
CA PRO A 8 -11.87 2.68 -10.80
C PRO A 8 -11.89 3.36 -9.44
N GLY A 9 -12.44 2.67 -8.45
CA GLY A 9 -12.51 3.22 -7.11
C GLY A 9 -11.21 3.04 -6.33
N ARG A 10 -11.33 2.92 -5.02
CA ARG A 10 -10.16 2.75 -4.16
C ARG A 10 -10.17 1.37 -3.50
N PRO A 11 -9.08 0.62 -3.69
CA PRO A 11 -8.94 -0.72 -3.12
C PRO A 11 -8.78 -0.70 -1.60
N THR A 12 -9.13 -1.80 -0.95
CA THR A 12 -9.02 -1.91 0.49
C THR A 12 -7.69 -2.52 0.90
N MET A 13 -6.77 -1.68 1.35
CA MET A 13 -5.45 -2.14 1.78
C MET A 13 -5.42 -2.36 3.29
N MET A 14 -4.89 -3.51 3.70
CA MET A 14 -4.80 -3.85 5.12
C MET A 14 -3.38 -4.24 5.49
N ILE A 15 -2.67 -3.34 6.18
CA ILE A 15 -1.30 -3.59 6.59
C ILE A 15 -1.25 -4.19 7.99
N SER A 16 -0.48 -5.26 8.15
CA SER A 16 -0.35 -5.93 9.44
C SER A 16 1.10 -6.37 9.67
N THR A 17 1.65 -5.97 10.82
CA THR A 17 3.01 -6.32 11.16
C THR A 17 3.09 -7.71 11.78
N THR A 18 3.95 -8.55 11.23
CA THR A 18 4.11 -9.92 11.74
C THR A 18 5.50 -10.12 12.33
N ALA A 19 6.51 -10.11 11.47
CA ALA A 19 7.89 -10.30 11.91
C ALA A 19 8.52 -8.96 12.32
N MET A 20 9.76 -9.01 12.76
CA MET A 20 10.48 -7.81 13.17
C MET A 20 10.87 -6.97 11.97
N ASN A 21 10.39 -5.73 11.94
CA ASN A 21 10.70 -4.81 10.85
C ASN A 21 10.11 -5.32 9.54
N THR A 22 8.91 -5.91 9.62
CA THR A 22 8.24 -6.44 8.44
C THR A 22 6.76 -6.12 8.46
N ALA A 23 6.25 -5.58 7.37
CA ALA A 23 4.84 -5.23 7.26
C ALA A 23 4.17 -6.00 6.12
N LEU A 24 3.19 -6.81 6.47
CA LEU A 24 2.47 -7.61 5.48
C LEU A 24 1.39 -6.77 4.79
N LEU A 25 1.45 -6.71 3.46
CA LEU A 25 0.47 -5.94 2.69
C LEU A 25 -0.56 -6.86 2.05
N GLN A 26 -1.83 -6.52 2.24
CA GLN A 26 -2.92 -7.33 1.69
C GLN A 26 -4.08 -6.44 1.26
N TRP A 27 -4.39 -6.45 -0.03
CA TRP A 27 -5.48 -5.65 -0.58
C TRP A 27 -6.42 -6.50 -1.41
N HIS A 28 -7.63 -5.99 -1.64
CA HIS A 28 -8.63 -6.71 -2.43
C HIS A 28 -9.07 -5.86 -3.62
N PRO A 29 -9.55 -6.55 -4.67
CA PRO A 29 -10.02 -5.88 -5.90
C PRO A 29 -11.32 -5.12 -5.68
N PRO A 30 -11.38 -3.88 -6.18
CA PRO A 30 -12.55 -3.02 -6.07
C PRO A 30 -13.73 -3.52 -6.90
N LYS A 31 -14.94 -3.17 -6.46
CA LYS A 31 -16.14 -3.58 -7.18
C LYS A 31 -16.70 -2.43 -8.01
N GLU A 32 -16.29 -1.22 -7.69
CA GLU A 32 -16.75 -0.03 -8.40
C GLU A 32 -15.86 0.25 -9.62
N LEU A 33 -15.04 -0.74 -9.97
CA LEU A 33 -14.14 -0.60 -11.12
C LEU A 33 -14.86 -0.90 -12.42
N PRO A 34 -14.98 0.11 -13.29
CA PRO A 34 -15.64 -0.03 -14.59
C PRO A 34 -14.84 -0.91 -15.55
N GLY A 35 -15.26 -2.17 -15.68
CA GLY A 35 -14.57 -3.08 -16.57
C GLY A 35 -14.09 -4.33 -15.86
N GLU A 36 -12.77 -4.49 -15.80
CA GLU A 36 -12.17 -5.65 -15.14
C GLU A 36 -10.79 -5.32 -14.59
N LEU A 37 -10.37 -6.05 -13.56
CA LEU A 37 -9.06 -5.84 -12.94
C LEU A 37 -7.95 -6.32 -13.85
N LEU A 38 -7.02 -5.42 -14.17
CA LEU A 38 -5.89 -5.76 -15.04
C LEU A 38 -4.56 -5.55 -14.31
N GLY A 39 -4.61 -4.80 -13.21
CA GLY A 39 -3.41 -4.54 -12.44
C GLY A 39 -3.56 -3.36 -11.51
N TYR A 40 -2.51 -3.06 -10.75
CA TYR A 40 -2.54 -1.96 -9.81
C TYR A 40 -1.12 -1.57 -9.38
N ARG A 41 -0.94 -0.29 -9.04
CA ARG A 41 0.36 0.20 -8.61
C ARG A 41 0.40 0.45 -7.11
N LEU A 42 1.55 0.23 -6.50
CA LEU A 42 1.70 0.43 -5.06
C LEU A 42 2.73 1.52 -4.78
N GLN A 43 2.38 2.45 -3.90
CA GLN A 43 3.27 3.54 -3.53
C GLN A 43 3.29 3.76 -2.02
N TYR A 44 4.46 3.60 -1.43
CA TYR A 44 4.61 3.76 0.02
C TYR A 44 5.97 4.39 0.35
N CYS A 45 5.95 5.37 1.25
CA CYS A 45 7.18 6.05 1.66
C CYS A 45 7.05 6.59 3.08
N ARG A 46 8.17 7.03 3.65
CA ARG A 46 8.17 7.57 5.00
C ARG A 46 7.34 8.84 5.08
N ALA A 47 7.00 9.25 6.30
CA ALA A 47 6.19 10.44 6.51
C ALA A 47 7.02 11.70 6.28
N ASP A 48 8.31 11.53 6.03
CA ASP A 48 9.21 12.65 5.80
C ASP A 48 9.76 12.61 4.38
N GLU A 49 9.35 11.61 3.62
CA GLU A 49 9.80 11.45 2.24
C GLU A 49 8.85 12.15 1.27
N ALA A 50 9.39 12.65 0.16
CA ALA A 50 8.58 13.33 -0.84
C ALA A 50 8.48 12.50 -2.12
N ARG A 51 9.35 11.50 -2.24
CA ARG A 51 9.36 10.64 -3.41
C ARG A 51 8.93 9.22 -3.06
N PRO A 52 7.65 8.92 -3.31
CA PRO A 52 7.08 7.59 -3.03
C PRO A 52 7.64 6.51 -3.95
N ASN A 53 7.93 5.35 -3.37
CA ASN A 53 8.46 4.23 -4.14
C ASN A 53 7.37 3.57 -4.98
N THR A 54 7.35 3.90 -6.27
CA THR A 54 6.35 3.34 -7.17
C THR A 54 6.67 1.89 -7.52
N ILE A 55 5.68 1.01 -7.33
CA ILE A 55 5.85 -0.41 -7.61
C ILE A 55 4.70 -0.94 -8.46
N ASP A 56 5.02 -1.84 -9.38
CA ASP A 56 4.01 -2.43 -10.25
C ASP A 56 3.55 -3.78 -9.72
N PHE A 57 2.25 -4.04 -9.80
CA PHE A 57 1.68 -5.29 -9.31
C PHE A 57 0.61 -5.80 -10.27
N GLY A 58 0.60 -7.12 -10.48
CA GLY A 58 -0.37 -7.71 -11.37
C GLY A 58 -1.65 -8.11 -10.66
N LYS A 59 -2.76 -8.14 -11.40
CA LYS A 59 -4.04 -8.50 -10.83
C LYS A 59 -3.89 -9.64 -9.83
N ASP A 60 -2.93 -10.52 -10.08
CA ASP A 60 -2.69 -11.65 -9.20
C ASP A 60 -2.09 -11.19 -7.88
N ASP A 61 -1.14 -10.26 -7.95
CA ASP A 61 -0.48 -9.74 -6.76
C ASP A 61 -1.48 -8.99 -5.89
N GLN A 62 -2.07 -9.70 -4.92
CA GLN A 62 -3.04 -9.10 -4.02
C GLN A 62 -2.41 -8.78 -2.67
N HIS A 63 -1.12 -9.08 -2.55
CA HIS A 63 -0.39 -8.82 -1.32
C HIS A 63 1.11 -8.72 -1.58
N PHE A 64 1.85 -8.22 -0.60
CA PHE A 64 3.29 -8.07 -0.72
C PHE A 64 3.97 -8.21 0.63
N THR A 65 5.25 -8.62 0.62
CA THR A 65 6.00 -8.80 1.85
C THR A 65 7.14 -7.79 1.94
N VAL A 66 7.01 -6.84 2.87
CA VAL A 66 8.03 -5.82 3.05
C VAL A 66 8.86 -6.09 4.30
N THR A 67 10.18 -6.13 4.14
CA THR A 67 11.09 -6.38 5.25
C THR A 67 12.22 -5.36 5.28
N GLY A 68 12.60 -4.95 6.49
CA GLY A 68 13.67 -3.98 6.62
C GLY A 68 13.16 -2.62 7.06
N LEU A 69 11.85 -2.52 7.24
CA LEU A 69 11.24 -1.26 7.66
C LEU A 69 11.88 -0.73 8.94
N HIS A 70 12.23 0.56 8.94
CA HIS A 70 12.86 1.18 10.10
C HIS A 70 11.91 1.17 11.30
N LYS A 71 12.27 0.41 12.33
CA LYS A 71 11.45 0.32 13.53
C LYS A 71 11.22 1.70 14.14
N GLY A 72 10.04 1.89 14.74
CA GLY A 72 9.73 3.17 15.35
C GLY A 72 9.62 4.29 14.33
N THR A 73 9.15 3.96 13.13
CA THR A 73 9.00 4.95 12.07
C THR A 73 7.62 4.86 11.43
N THR A 74 7.03 6.02 11.16
CA THR A 74 5.71 6.07 10.55
C THR A 74 5.80 6.04 9.03
N TYR A 75 5.01 5.17 8.41
CA TYR A 75 5.01 5.04 6.96
C TYR A 75 3.63 5.32 6.38
N ILE A 76 3.57 5.58 5.08
CA ILE A 76 2.31 5.86 4.41
C ILE A 76 2.17 5.04 3.14
N PHE A 77 1.35 3.99 3.21
CA PHE A 77 1.13 3.12 2.05
C PHE A 77 -0.05 3.61 1.22
N ARG A 78 0.07 3.49 -0.10
CA ARG A 78 -0.99 3.93 -1.00
C ARG A 78 -1.15 2.95 -2.16
N LEU A 79 -2.40 2.57 -2.44
CA LEU A 79 -2.67 1.63 -3.52
C LEU A 79 -3.76 2.18 -4.44
N ALA A 80 -3.77 1.71 -5.69
CA ALA A 80 -4.76 2.15 -6.66
C ALA A 80 -5.09 1.03 -7.65
N ALA A 81 -6.35 1.01 -8.09
CA ALA A 81 -6.79 -0.01 -9.04
C ALA A 81 -6.55 0.44 -10.48
N LYS A 82 -6.16 -0.51 -11.33
CA LYS A 82 -5.90 -0.20 -12.73
C LYS A 82 -6.85 -1.00 -13.63
N ASN A 83 -7.72 -0.29 -14.34
CA ASN A 83 -8.67 -0.92 -15.24
C ASN A 83 -8.34 -0.59 -16.69
N ARG A 84 -9.18 -1.08 -17.61
CA ARG A 84 -8.98 -0.82 -19.03
C ARG A 84 -8.86 0.66 -19.32
N ALA A 85 -9.46 1.48 -18.46
CA ALA A 85 -9.40 2.93 -18.60
C ALA A 85 -8.16 3.51 -17.95
N GLY A 86 -7.60 2.76 -17.01
CA GLY A 86 -6.40 3.22 -16.32
C GLY A 86 -6.56 3.19 -14.80
N LEU A 87 -5.75 3.99 -14.12
CA LEU A 87 -5.81 4.05 -12.66
C LEU A 87 -6.95 4.94 -12.18
N GLY A 88 -7.49 4.64 -11.02
CA GLY A 88 -8.59 5.43 -10.48
C GLY A 88 -8.26 6.02 -9.13
N GLU A 89 -9.18 5.88 -8.18
CA GLU A 89 -8.98 6.41 -6.84
C GLU A 89 -7.84 5.68 -6.12
N GLU A 90 -7.25 6.35 -5.14
CA GLU A 90 -6.15 5.77 -4.38
C GLU A 90 -6.47 5.75 -2.89
N PHE A 91 -6.08 4.67 -2.22
CA PHE A 91 -6.32 4.51 -0.80
C PHE A 91 -5.10 4.92 0.02
N GLU A 92 -5.33 5.44 1.21
CA GLU A 92 -4.24 5.87 2.09
C GLU A 92 -4.26 5.11 3.40
N LYS A 93 -3.09 4.83 3.94
CA LYS A 93 -2.97 4.10 5.20
C LYS A 93 -1.72 4.54 5.96
N GLU A 94 -1.90 4.90 7.23
CA GLU A 94 -0.80 5.34 8.07
C GLU A 94 -0.50 4.31 9.16
N ILE A 95 0.74 3.82 9.18
CA ILE A 95 1.15 2.83 10.17
C ILE A 95 2.47 3.22 10.81
N ARG A 96 2.88 2.45 11.82
CA ARG A 96 4.13 2.71 12.53
C ARG A 96 4.74 1.42 13.06
N THR A 97 5.92 1.08 12.56
CA THR A 97 6.62 -0.13 12.98
C THR A 97 6.86 -0.12 14.50
N PRO A 98 6.71 -1.30 15.12
CA PRO A 98 6.91 -1.45 16.56
C PRO A 98 8.38 -1.32 16.96
N GLU A 99 8.63 -0.61 18.06
CA GLU A 99 9.98 -0.41 18.54
C GLU A 99 10.50 -1.65 19.26
N ASP A 100 11.81 -1.82 19.29
CA ASP A 100 12.43 -2.97 19.95
C ASP A 100 13.75 -2.57 20.61
N LEU A 101 14.16 -3.34 21.62
CA LEU A 101 15.40 -3.07 22.33
C LEU A 101 16.55 -3.89 21.75
N SER A 102 17.75 -3.31 21.75
CA SER A 102 18.93 -3.99 21.23
C SER A 102 20.18 -3.52 21.94
N GLY A 103 21.10 -4.45 22.20
CA GLY A 103 22.34 -4.11 22.87
C GLY A 103 23.27 -5.30 23.02
N PRO A 104 24.48 -5.06 23.55
CA PRO A 104 25.49 -6.11 23.75
C PRO A 104 25.08 -7.08 24.85
N SER A 105 25.53 -8.33 24.70
CA SER A 105 25.23 -9.36 25.69
C SER A 105 26.36 -10.39 25.77
N SER A 106 26.90 -10.56 26.96
CA SER A 106 27.99 -11.50 27.17
C SER A 106 29.19 -11.16 26.30
N GLY A 107 29.50 -9.87 26.21
CA GLY A 107 30.62 -9.43 25.40
C GLY A 107 31.10 -8.04 25.78
N GLY A 1 -15.98 23.27 -23.55
CA GLY A 1 -14.89 23.13 -22.60
C GLY A 1 -13.98 21.97 -22.94
N SER A 2 -13.82 21.04 -22.00
CA SER A 2 -12.95 19.89 -22.20
C SER A 2 -13.62 18.61 -21.67
N SER A 3 -13.06 17.47 -22.04
CA SER A 3 -13.59 16.18 -21.61
C SER A 3 -12.66 15.51 -20.60
N GLY A 4 -13.11 14.40 -20.05
CA GLY A 4 -12.30 13.67 -19.08
C GLY A 4 -12.60 12.20 -19.05
N SER A 5 -11.66 11.40 -18.53
CA SER A 5 -11.84 9.96 -18.45
C SER A 5 -12.02 9.51 -17.00
N SER A 6 -13.00 8.65 -16.77
CA SER A 6 -13.28 8.15 -15.43
C SER A 6 -12.32 7.01 -15.06
N GLY A 7 -12.42 6.54 -13.83
CA GLY A 7 -11.55 5.47 -13.38
C GLY A 7 -12.16 4.68 -12.24
N PRO A 8 -11.45 3.63 -11.80
CA PRO A 8 -11.90 2.77 -10.70
C PRO A 8 -11.86 3.48 -9.35
N GLY A 9 -12.36 2.81 -8.31
CA GLY A 9 -12.37 3.40 -6.99
C GLY A 9 -11.11 3.06 -6.20
N ARG A 10 -11.10 3.43 -4.92
CA ARG A 10 -9.95 3.16 -4.06
C ARG A 10 -10.03 1.75 -3.48
N PRO A 11 -8.97 0.96 -3.73
CA PRO A 11 -8.89 -0.43 -3.24
C PRO A 11 -8.72 -0.49 -1.72
N THR A 12 -9.13 -1.62 -1.15
CA THR A 12 -9.02 -1.80 0.30
C THR A 12 -7.68 -2.45 0.67
N MET A 13 -6.75 -1.63 1.15
CA MET A 13 -5.44 -2.13 1.54
C MET A 13 -5.38 -2.43 3.03
N MET A 14 -4.71 -3.52 3.39
CA MET A 14 -4.59 -3.92 4.79
C MET A 14 -3.13 -4.20 5.15
N ILE A 15 -2.62 -3.48 6.15
CA ILE A 15 -1.25 -3.65 6.59
C ILE A 15 -1.19 -4.24 8.00
N SER A 16 -0.49 -5.36 8.14
CA SER A 16 -0.36 -6.02 9.43
C SER A 16 1.09 -6.40 9.71
N THR A 17 1.56 -6.10 10.91
CA THR A 17 2.93 -6.40 11.30
C THR A 17 3.03 -7.78 11.94
N THR A 18 3.63 -8.72 11.22
CA THR A 18 3.79 -10.09 11.73
C THR A 18 5.22 -10.35 12.17
N ALA A 19 6.17 -10.05 11.28
CA ALA A 19 7.58 -10.26 11.58
C ALA A 19 8.23 -8.97 12.09
N MET A 20 9.50 -9.06 12.46
CA MET A 20 10.23 -7.91 12.98
C MET A 20 10.75 -7.05 11.83
N ASN A 21 10.36 -5.78 11.82
CA ASN A 21 10.80 -4.85 10.78
C ASN A 21 10.19 -5.23 9.44
N THR A 22 9.02 -5.86 9.47
CA THR A 22 8.34 -6.27 8.25
C THR A 22 6.84 -6.00 8.34
N ALA A 23 6.28 -5.48 7.26
CA ALA A 23 4.85 -5.18 7.21
C ALA A 23 4.15 -5.96 6.11
N LEU A 24 3.18 -6.78 6.49
CA LEU A 24 2.44 -7.59 5.53
C LEU A 24 1.39 -6.75 4.80
N LEU A 25 1.49 -6.69 3.48
CA LEU A 25 0.56 -5.93 2.67
C LEU A 25 -0.49 -6.85 2.04
N GLN A 26 -1.76 -6.54 2.27
CA GLN A 26 -2.85 -7.32 1.72
C GLN A 26 -4.02 -6.44 1.31
N TRP A 27 -4.34 -6.45 0.03
CA TRP A 27 -5.44 -5.65 -0.50
C TRP A 27 -6.41 -6.50 -1.31
N HIS A 28 -7.52 -5.90 -1.73
CA HIS A 28 -8.53 -6.61 -2.50
C HIS A 28 -9.09 -5.72 -3.61
N PRO A 29 -9.66 -6.35 -4.65
CA PRO A 29 -10.23 -5.64 -5.79
C PRO A 29 -11.51 -4.88 -5.41
N PRO A 30 -11.63 -3.64 -5.88
CA PRO A 30 -12.79 -2.78 -5.62
C PRO A 30 -14.04 -3.27 -6.33
N LYS A 31 -15.17 -2.66 -6.02
CA LYS A 31 -16.45 -3.03 -6.63
C LYS A 31 -16.96 -1.91 -7.54
N GLU A 32 -16.41 -0.72 -7.37
CA GLU A 32 -16.82 0.42 -8.17
C GLU A 32 -15.95 0.55 -9.42
N LEU A 33 -15.22 -0.51 -9.73
CA LEU A 33 -14.35 -0.52 -10.90
C LEU A 33 -15.14 -0.86 -12.16
N PRO A 34 -15.24 0.13 -13.07
CA PRO A 34 -15.96 -0.05 -14.34
C PRO A 34 -15.26 -1.00 -15.29
N GLY A 35 -15.69 -2.27 -15.28
CA GLY A 35 -15.08 -3.26 -16.15
C GLY A 35 -14.56 -4.46 -15.39
N GLU A 36 -13.24 -4.59 -15.33
CA GLU A 36 -12.61 -5.71 -14.62
C GLU A 36 -11.20 -5.34 -14.18
N LEU A 37 -10.73 -6.00 -13.13
CA LEU A 37 -9.40 -5.74 -12.60
C LEU A 37 -8.32 -6.29 -13.54
N LEU A 38 -7.29 -5.48 -13.79
CA LEU A 38 -6.20 -5.88 -14.67
C LEU A 38 -4.85 -5.69 -13.98
N GLY A 39 -4.77 -4.68 -13.12
CA GLY A 39 -3.53 -4.41 -12.42
C GLY A 39 -3.66 -3.25 -11.45
N TYR A 40 -2.59 -2.99 -10.70
CA TYR A 40 -2.59 -1.90 -9.73
C TYR A 40 -1.16 -1.55 -9.32
N ARG A 41 -0.97 -0.29 -8.93
CA ARG A 41 0.35 0.18 -8.50
C ARG A 41 0.38 0.43 -7.00
N LEU A 42 1.53 0.18 -6.39
CA LEU A 42 1.69 0.37 -4.95
C LEU A 42 2.71 1.48 -4.66
N GLN A 43 2.34 2.39 -3.76
CA GLN A 43 3.21 3.50 -3.41
C GLN A 43 3.26 3.69 -1.89
N TYR A 44 4.45 3.55 -1.31
CA TYR A 44 4.63 3.69 0.12
C TYR A 44 6.00 4.28 0.45
N CYS A 45 6.02 5.24 1.36
CA CYS A 45 7.27 5.88 1.76
C CYS A 45 7.19 6.37 3.20
N ARG A 46 8.34 6.77 3.74
CA ARG A 46 8.40 7.26 5.11
C ARG A 46 7.60 8.55 5.28
N ALA A 47 7.31 8.91 6.52
CA ALA A 47 6.54 10.12 6.80
C ALA A 47 7.41 11.37 6.61
N ASP A 48 8.66 11.16 6.21
CA ASP A 48 9.59 12.26 5.99
C ASP A 48 10.18 12.21 4.59
N GLU A 49 9.57 11.40 3.72
CA GLU A 49 10.03 11.27 2.34
C GLU A 49 9.37 12.31 1.45
N ALA A 50 10.01 12.57 0.30
CA ALA A 50 9.48 13.55 -0.65
C ALA A 50 8.97 12.86 -1.91
N ARG A 51 9.36 11.61 -2.11
CA ARG A 51 8.95 10.84 -3.27
C ARG A 51 8.58 9.42 -2.89
N PRO A 52 7.33 9.03 -3.14
CA PRO A 52 6.83 7.68 -2.83
C PRO A 52 7.44 6.62 -3.73
N ASN A 53 7.65 5.42 -3.18
CA ASN A 53 8.23 4.32 -3.93
C ASN A 53 7.17 3.67 -4.83
N THR A 54 7.20 4.03 -6.10
CA THR A 54 6.24 3.48 -7.07
C THR A 54 6.58 2.03 -7.40
N ILE A 55 5.58 1.15 -7.27
CA ILE A 55 5.77 -0.26 -7.55
C ILE A 55 4.63 -0.81 -8.41
N ASP A 56 4.97 -1.70 -9.32
CA ASP A 56 3.97 -2.30 -10.20
C ASP A 56 3.51 -3.65 -9.67
N PHE A 57 2.22 -3.94 -9.82
CA PHE A 57 1.65 -5.19 -9.34
C PHE A 57 0.59 -5.72 -10.31
N GLY A 58 0.56 -7.03 -10.50
CA GLY A 58 -0.40 -7.63 -11.40
C GLY A 58 -1.69 -8.03 -10.69
N LYS A 59 -2.78 -8.08 -11.44
CA LYS A 59 -4.07 -8.46 -10.87
C LYS A 59 -3.93 -9.63 -9.91
N ASP A 60 -2.88 -10.42 -10.10
CA ASP A 60 -2.63 -11.57 -9.25
C ASP A 60 -2.03 -11.14 -7.91
N ASP A 61 -1.13 -10.17 -7.95
CA ASP A 61 -0.49 -9.67 -6.74
C ASP A 61 -1.51 -9.02 -5.81
N GLN A 62 -2.04 -9.80 -4.88
CA GLN A 62 -3.03 -9.30 -3.93
C GLN A 62 -2.38 -8.98 -2.58
N HIS A 63 -1.07 -9.17 -2.50
CA HIS A 63 -0.34 -8.91 -1.27
C HIS A 63 1.16 -8.83 -1.53
N PHE A 64 1.90 -8.22 -0.61
CA PHE A 64 3.34 -8.06 -0.74
C PHE A 64 4.03 -8.18 0.61
N THR A 65 5.28 -8.63 0.59
CA THR A 65 6.05 -8.79 1.82
C THR A 65 7.19 -7.78 1.89
N VAL A 66 7.05 -6.79 2.76
CA VAL A 66 8.06 -5.76 2.93
C VAL A 66 8.89 -6.00 4.19
N THR A 67 10.20 -6.11 4.01
CA THR A 67 11.11 -6.34 5.14
C THR A 67 12.20 -5.28 5.19
N GLY A 68 12.68 -4.99 6.40
CA GLY A 68 13.73 -4.01 6.56
C GLY A 68 13.19 -2.66 7.02
N LEU A 69 11.88 -2.60 7.26
CA LEU A 69 11.24 -1.37 7.72
C LEU A 69 11.86 -0.89 9.02
N HIS A 70 12.17 0.40 9.08
CA HIS A 70 12.76 0.99 10.28
C HIS A 70 11.76 0.97 11.44
N LYS A 71 12.14 0.30 12.52
CA LYS A 71 11.28 0.22 13.70
C LYS A 71 11.01 1.59 14.28
N GLY A 72 9.86 1.75 14.92
CA GLY A 72 9.50 3.02 15.52
C GLY A 72 9.45 4.14 14.51
N THR A 73 9.05 3.81 13.27
CA THR A 73 8.96 4.80 12.21
C THR A 73 7.61 4.74 11.52
N THR A 74 7.03 5.91 11.27
CA THR A 74 5.74 5.99 10.60
C THR A 74 5.87 5.86 9.09
N TYR A 75 4.93 5.16 8.48
CA TYR A 75 4.95 4.97 7.03
C TYR A 75 3.57 5.24 6.42
N ILE A 76 3.57 5.64 5.16
CA ILE A 76 2.33 5.94 4.45
C ILE A 76 2.20 5.13 3.16
N PHE A 77 1.34 4.13 3.19
CA PHE A 77 1.13 3.27 2.02
C PHE A 77 -0.06 3.77 1.20
N ARG A 78 0.02 3.55 -0.11
CA ARG A 78 -1.05 3.98 -1.01
C ARG A 78 -1.21 2.99 -2.16
N LEU A 79 -2.45 2.62 -2.45
CA LEU A 79 -2.73 1.67 -3.52
C LEU A 79 -3.73 2.28 -4.52
N ALA A 80 -3.79 1.68 -5.71
CA ALA A 80 -4.70 2.16 -6.75
C ALA A 80 -5.08 1.03 -7.70
N ALA A 81 -6.36 0.98 -8.06
CA ALA A 81 -6.85 -0.06 -8.96
C ALA A 81 -6.72 0.37 -10.42
N LYS A 82 -6.36 -0.56 -11.28
CA LYS A 82 -6.19 -0.28 -12.70
C LYS A 82 -7.14 -1.12 -13.54
N ASN A 83 -8.01 -0.46 -14.30
CA ASN A 83 -8.97 -1.16 -15.14
C ASN A 83 -8.71 -0.86 -16.61
N ARG A 84 -9.56 -1.39 -17.48
CA ARG A 84 -9.41 -1.20 -18.91
C ARG A 84 -9.18 0.28 -19.25
N ALA A 85 -9.60 1.15 -18.35
CA ALA A 85 -9.44 2.59 -18.54
C ALA A 85 -8.12 3.07 -17.93
N GLY A 86 -7.67 2.39 -16.89
CA GLY A 86 -6.44 2.76 -16.23
C GLY A 86 -6.58 2.88 -14.73
N LEU A 87 -5.64 3.58 -14.09
CA LEU A 87 -5.68 3.75 -12.64
C LEU A 87 -6.80 4.69 -12.23
N GLY A 88 -7.33 4.48 -11.03
CA GLY A 88 -8.41 5.32 -10.54
C GLY A 88 -8.08 5.96 -9.19
N GLU A 89 -9.01 5.90 -8.27
CA GLU A 89 -8.82 6.49 -6.95
C GLU A 89 -7.63 5.84 -6.23
N GLU A 90 -7.08 6.55 -5.26
CA GLU A 90 -5.93 6.04 -4.50
C GLU A 90 -6.24 6.00 -3.01
N PHE A 91 -5.93 4.87 -2.38
CA PHE A 91 -6.18 4.70 -0.96
C PHE A 91 -4.97 5.14 -0.14
N GLU A 92 -5.22 5.52 1.12
CA GLU A 92 -4.15 5.96 2.00
C GLU A 92 -4.20 5.22 3.33
N LYS A 93 -3.03 4.86 3.85
CA LYS A 93 -2.96 4.15 5.12
C LYS A 93 -1.72 4.57 5.90
N GLU A 94 -1.92 4.95 7.16
CA GLU A 94 -0.82 5.38 8.02
C GLU A 94 -0.58 4.38 9.14
N ILE A 95 0.63 3.84 9.19
CA ILE A 95 0.98 2.86 10.22
C ILE A 95 2.29 3.24 10.91
N ARG A 96 2.76 2.37 11.78
CA ARG A 96 4.00 2.62 12.52
C ARG A 96 4.56 1.33 13.10
N THR A 97 5.76 0.95 12.66
CA THR A 97 6.39 -0.27 13.13
C THR A 97 6.60 -0.23 14.64
N PRO A 98 6.32 -1.37 15.30
CA PRO A 98 6.47 -1.49 16.76
C PRO A 98 7.92 -1.46 17.20
N GLU A 99 8.30 -0.40 17.91
CA GLU A 99 9.66 -0.26 18.39
C GLU A 99 9.93 -1.20 19.57
N ASP A 100 11.02 -1.96 19.47
CA ASP A 100 11.39 -2.91 20.52
C ASP A 100 11.45 -2.21 21.88
N LEU A 101 11.40 -3.01 22.94
CA LEU A 101 11.44 -2.46 24.29
C LEU A 101 11.58 -3.59 25.32
N SER A 102 12.66 -3.55 26.08
CA SER A 102 12.92 -4.56 27.10
C SER A 102 11.65 -4.90 27.86
N GLY A 103 11.03 -3.89 28.44
CA GLY A 103 9.80 -4.11 29.20
C GLY A 103 10.06 -4.51 30.64
N PRO A 104 9.18 -4.07 31.55
CA PRO A 104 9.30 -4.39 32.98
C PRO A 104 9.04 -5.85 33.28
N SER A 105 8.73 -6.62 32.23
CA SER A 105 8.45 -8.04 32.38
C SER A 105 8.62 -8.77 31.06
N SER A 106 8.45 -10.09 31.09
CA SER A 106 8.60 -10.91 29.89
C SER A 106 7.24 -11.41 29.41
N GLY A 107 6.97 -11.22 28.13
CA GLY A 107 5.71 -11.65 27.56
C GLY A 107 4.89 -10.50 27.01
N GLY A 1 -11.06 11.66 -20.63
CA GLY A 1 -11.37 13.05 -20.33
C GLY A 1 -11.93 13.23 -18.95
N SER A 2 -12.20 14.48 -18.58
CA SER A 2 -12.74 14.80 -17.26
C SER A 2 -14.24 14.51 -17.20
N SER A 3 -14.59 13.23 -17.17
CA SER A 3 -15.99 12.82 -17.13
C SER A 3 -16.44 12.60 -15.68
N GLY A 4 -16.10 13.54 -14.80
CA GLY A 4 -16.48 13.43 -13.41
C GLY A 4 -15.91 12.18 -12.75
N SER A 5 -16.67 11.09 -12.81
CA SER A 5 -16.24 9.83 -12.22
C SER A 5 -15.64 8.91 -13.28
N SER A 6 -14.41 9.21 -13.67
CA SER A 6 -13.71 8.41 -14.68
C SER A 6 -12.60 7.58 -14.04
N GLY A 7 -12.80 6.27 -13.98
CA GLY A 7 -11.80 5.39 -13.39
C GLY A 7 -12.37 4.52 -12.28
N PRO A 8 -11.61 3.50 -11.89
CA PRO A 8 -12.02 2.57 -10.82
C PRO A 8 -12.03 3.23 -9.44
N GLY A 9 -12.60 2.55 -8.47
CA GLY A 9 -12.66 3.08 -7.11
C GLY A 9 -11.39 2.84 -6.34
N ARG A 10 -11.44 3.04 -5.03
CA ARG A 10 -10.28 2.84 -4.17
C ARG A 10 -10.26 1.43 -3.60
N PRO A 11 -9.14 0.73 -3.80
CA PRO A 11 -8.97 -0.64 -3.32
C PRO A 11 -8.84 -0.70 -1.80
N THR A 12 -9.17 -1.86 -1.23
CA THR A 12 -9.09 -2.05 0.22
C THR A 12 -7.75 -2.64 0.63
N MET A 13 -6.87 -1.80 1.14
CA MET A 13 -5.54 -2.23 1.57
C MET A 13 -5.52 -2.53 3.07
N MET A 14 -4.85 -3.60 3.45
CA MET A 14 -4.76 -3.98 4.85
C MET A 14 -3.30 -4.21 5.27
N ILE A 15 -2.80 -3.35 6.15
CA ILE A 15 -1.43 -3.45 6.61
C ILE A 15 -1.37 -4.04 8.01
N SER A 16 -0.64 -5.15 8.16
CA SER A 16 -0.51 -5.82 9.45
C SER A 16 0.93 -6.25 9.69
N THR A 17 1.47 -5.85 10.83
CA THR A 17 2.85 -6.19 11.19
C THR A 17 2.93 -7.57 11.81
N THR A 18 3.64 -8.48 11.13
CA THR A 18 3.79 -9.85 11.62
C THR A 18 5.17 -10.06 12.25
N ALA A 19 6.20 -10.04 11.42
CA ALA A 19 7.56 -10.22 11.90
C ALA A 19 8.19 -8.90 12.31
N MET A 20 9.40 -8.96 12.85
CA MET A 20 10.10 -7.76 13.29
C MET A 20 10.62 -6.96 12.09
N ASN A 21 10.23 -5.70 12.01
CA ASN A 21 10.65 -4.83 10.92
C ASN A 21 10.09 -5.33 9.59
N THR A 22 8.89 -5.89 9.64
CA THR A 22 8.24 -6.41 8.44
C THR A 22 6.75 -6.10 8.45
N ALA A 23 6.27 -5.47 7.38
CA ALA A 23 4.86 -5.13 7.26
C ALA A 23 4.19 -5.92 6.15
N LEU A 24 3.20 -6.73 6.52
CA LEU A 24 2.47 -7.55 5.55
C LEU A 24 1.45 -6.70 4.79
N LEU A 25 1.54 -6.72 3.47
CA LEU A 25 0.62 -5.96 2.63
C LEU A 25 -0.41 -6.88 1.99
N GLN A 26 -1.68 -6.57 2.19
CA GLN A 26 -2.76 -7.37 1.63
C GLN A 26 -3.94 -6.49 1.22
N TRP A 27 -4.25 -6.50 -0.07
CA TRP A 27 -5.35 -5.70 -0.59
C TRP A 27 -6.26 -6.53 -1.49
N HIS A 28 -7.43 -5.99 -1.81
CA HIS A 28 -8.39 -6.69 -2.66
C HIS A 28 -8.95 -5.76 -3.73
N PRO A 29 -9.47 -6.35 -4.81
CA PRO A 29 -10.04 -5.59 -5.93
C PRO A 29 -11.36 -4.91 -5.56
N PRO A 30 -11.55 -3.67 -6.03
CA PRO A 30 -12.76 -2.89 -5.76
C PRO A 30 -13.99 -3.47 -6.47
N LYS A 31 -15.13 -2.83 -6.24
CA LYS A 31 -16.38 -3.26 -6.86
C LYS A 31 -16.88 -2.23 -7.87
N GLU A 32 -16.53 -0.97 -7.64
CA GLU A 32 -16.95 0.11 -8.52
C GLU A 32 -15.98 0.26 -9.70
N LEU A 33 -15.38 -0.85 -10.10
CA LEU A 33 -14.43 -0.84 -11.20
C LEU A 33 -15.14 -1.18 -12.52
N PRO A 34 -15.29 -0.15 -13.38
CA PRO A 34 -15.94 -0.32 -14.68
C PRO A 34 -15.10 -1.13 -15.66
N GLY A 35 -15.45 -2.40 -15.82
CA GLY A 35 -14.71 -3.28 -16.72
C GLY A 35 -14.18 -4.51 -16.02
N GLU A 36 -12.86 -4.61 -15.93
CA GLU A 36 -12.22 -5.75 -15.29
C GLU A 36 -10.83 -5.38 -14.78
N LEU A 37 -10.46 -5.96 -13.64
CA LEU A 37 -9.15 -5.69 -13.04
C LEU A 37 -8.03 -6.17 -13.96
N LEU A 38 -7.05 -5.30 -14.19
CA LEU A 38 -5.92 -5.63 -15.04
C LEU A 38 -4.60 -5.46 -14.30
N GLY A 39 -4.62 -4.63 -13.26
CA GLY A 39 -3.42 -4.40 -12.47
C GLY A 39 -3.57 -3.22 -11.52
N TYR A 40 -2.51 -2.93 -10.76
CA TYR A 40 -2.53 -1.84 -9.82
C TYR A 40 -1.12 -1.45 -9.40
N ARG A 41 -0.94 -0.19 -9.02
CA ARG A 41 0.37 0.30 -8.60
C ARG A 41 0.40 0.55 -7.09
N LEU A 42 1.56 0.30 -6.48
CA LEU A 42 1.72 0.49 -5.04
C LEU A 42 2.74 1.57 -4.75
N GLN A 43 2.41 2.47 -3.82
CA GLN A 43 3.30 3.56 -3.44
C GLN A 43 3.41 3.67 -1.93
N TYR A 44 4.62 3.51 -1.41
CA TYR A 44 4.85 3.60 0.02
C TYR A 44 6.24 4.15 0.31
N CYS A 45 6.32 5.05 1.30
CA CYS A 45 7.60 5.66 1.67
C CYS A 45 7.58 6.08 3.14
N ARG A 46 8.74 6.49 3.64
CA ARG A 46 8.86 6.91 5.02
C ARG A 46 8.11 8.23 5.27
N ALA A 47 7.59 8.39 6.48
CA ALA A 47 6.85 9.59 6.83
C ALA A 47 7.74 10.84 6.73
N ASP A 48 9.03 10.62 6.51
CA ASP A 48 9.98 11.72 6.40
C ASP A 48 10.32 12.00 4.93
N GLU A 49 10.00 11.04 4.07
CA GLU A 49 10.27 11.18 2.65
C GLU A 49 9.16 11.96 1.95
N ALA A 50 9.45 12.43 0.74
CA ALA A 50 8.47 13.20 -0.03
C ALA A 50 8.07 12.46 -1.30
N ARG A 51 8.98 11.63 -1.81
CA ARG A 51 8.71 10.87 -3.02
C ARG A 51 8.42 9.41 -2.69
N PRO A 52 7.18 8.97 -2.98
CA PRO A 52 6.75 7.60 -2.72
C PRO A 52 7.42 6.59 -3.65
N ASN A 53 7.54 5.35 -3.19
CA ASN A 53 8.17 4.30 -3.97
C ASN A 53 7.16 3.66 -4.92
N THR A 54 7.23 4.01 -6.20
CA THR A 54 6.33 3.46 -7.21
C THR A 54 6.67 2.01 -7.51
N ILE A 55 5.66 1.15 -7.43
CA ILE A 55 5.85 -0.27 -7.71
C ILE A 55 4.69 -0.83 -8.53
N ASP A 56 5.02 -1.71 -9.46
CA ASP A 56 4.01 -2.33 -10.33
C ASP A 56 3.56 -3.67 -9.77
N PHE A 57 2.26 -3.95 -9.86
CA PHE A 57 1.71 -5.20 -9.36
C PHE A 57 0.66 -5.75 -10.31
N GLY A 58 0.69 -7.05 -10.53
CA GLY A 58 -0.27 -7.68 -11.42
C GLY A 58 -1.57 -8.04 -10.72
N LYS A 59 -2.65 -8.11 -11.49
CA LYS A 59 -3.96 -8.44 -10.93
C LYS A 59 -3.86 -9.61 -9.96
N ASP A 60 -2.80 -10.40 -10.11
CA ASP A 60 -2.59 -11.55 -9.24
C ASP A 60 -2.00 -11.12 -7.90
N ASP A 61 -1.09 -10.16 -7.94
CA ASP A 61 -0.44 -9.65 -6.74
C ASP A 61 -1.46 -8.96 -5.83
N GLN A 62 -2.00 -9.71 -4.89
CA GLN A 62 -2.99 -9.16 -3.96
C GLN A 62 -2.35 -8.84 -2.61
N HIS A 63 -1.05 -9.10 -2.50
CA HIS A 63 -0.32 -8.84 -1.27
C HIS A 63 1.17 -8.72 -1.54
N PHE A 64 1.89 -8.12 -0.59
CA PHE A 64 3.33 -7.93 -0.74
C PHE A 64 4.03 -8.05 0.62
N THR A 65 5.20 -8.67 0.63
CA THR A 65 5.97 -8.84 1.85
C THR A 65 7.09 -7.81 1.96
N VAL A 66 6.93 -6.87 2.89
CA VAL A 66 7.92 -5.82 3.09
C VAL A 66 8.77 -6.10 4.33
N THR A 67 10.08 -6.18 4.13
CA THR A 67 11.00 -6.45 5.24
C THR A 67 12.14 -5.45 5.24
N GLY A 68 12.66 -5.16 6.43
CA GLY A 68 13.77 -4.22 6.54
C GLY A 68 13.32 -2.83 6.94
N LEU A 69 12.04 -2.70 7.27
CA LEU A 69 11.47 -1.41 7.68
C LEU A 69 12.10 -0.94 8.98
N HIS A 70 12.31 0.37 9.08
CA HIS A 70 12.90 0.95 10.28
C HIS A 70 11.89 0.97 11.43
N LYS A 71 12.28 0.36 12.55
CA LYS A 71 11.41 0.30 13.72
C LYS A 71 11.17 1.70 14.29
N GLY A 72 10.02 1.87 14.94
CA GLY A 72 9.68 3.16 15.52
C GLY A 72 9.64 4.26 14.48
N THR A 73 9.24 3.93 13.26
CA THR A 73 9.17 4.89 12.18
C THR A 73 7.80 4.84 11.49
N THR A 74 7.23 6.02 11.26
CA THR A 74 5.92 6.10 10.61
C THR A 74 6.05 5.93 9.10
N TYR A 75 5.09 5.22 8.51
CA TYR A 75 5.10 4.98 7.07
C TYR A 75 3.72 5.24 6.47
N ILE A 76 3.70 5.52 5.17
CA ILE A 76 2.45 5.79 4.47
C ILE A 76 2.30 4.89 3.24
N PHE A 77 1.30 4.02 3.26
CA PHE A 77 1.05 3.11 2.16
C PHE A 77 -0.12 3.60 1.30
N ARG A 78 0.06 3.58 -0.02
CA ARG A 78 -0.97 4.02 -0.93
C ARG A 78 -1.11 3.04 -2.10
N LEU A 79 -2.35 2.66 -2.41
CA LEU A 79 -2.61 1.74 -3.51
C LEU A 79 -3.70 2.28 -4.42
N ALA A 80 -3.77 1.75 -5.64
CA ALA A 80 -4.78 2.17 -6.60
C ALA A 80 -5.09 1.05 -7.59
N ALA A 81 -6.34 0.98 -8.02
CA ALA A 81 -6.78 -0.03 -8.98
C ALA A 81 -6.61 0.45 -10.41
N LYS A 82 -6.27 -0.48 -11.31
CA LYS A 82 -6.08 -0.14 -12.71
C LYS A 82 -7.00 -0.99 -13.60
N ASN A 83 -7.86 -0.31 -14.35
CA ASN A 83 -8.80 -0.99 -15.25
C ASN A 83 -8.50 -0.66 -16.70
N ARG A 84 -9.29 -1.21 -17.60
CA ARG A 84 -9.12 -0.97 -19.03
C ARG A 84 -8.94 0.52 -19.31
N ALA A 85 -9.66 1.35 -18.56
CA ALA A 85 -9.57 2.80 -18.72
C ALA A 85 -8.29 3.35 -18.11
N GLY A 86 -7.81 2.69 -17.07
CA GLY A 86 -6.59 3.13 -16.41
C GLY A 86 -6.72 3.15 -14.89
N LEU A 87 -5.79 3.81 -14.23
CA LEU A 87 -5.80 3.91 -12.77
C LEU A 87 -6.97 4.77 -12.29
N GLY A 88 -7.48 4.45 -11.10
CA GLY A 88 -8.58 5.21 -10.54
C GLY A 88 -8.30 5.69 -9.13
N GLU A 89 -9.35 5.75 -8.31
CA GLU A 89 -9.22 6.20 -6.94
C GLU A 89 -8.11 5.43 -6.22
N GLU A 90 -7.65 5.97 -5.10
CA GLU A 90 -6.60 5.34 -4.33
C GLU A 90 -6.95 5.31 -2.84
N PHE A 91 -6.18 4.56 -2.07
CA PHE A 91 -6.41 4.44 -0.64
C PHE A 91 -5.16 4.80 0.15
N GLU A 92 -5.33 5.59 1.21
CA GLU A 92 -4.22 6.01 2.04
C GLU A 92 -4.33 5.40 3.44
N LYS A 93 -3.18 5.04 4.01
CA LYS A 93 -3.15 4.45 5.34
C LYS A 93 -1.82 4.76 6.04
N GLU A 94 -1.90 5.27 7.26
CA GLU A 94 -0.71 5.61 8.03
C GLU A 94 -0.51 4.62 9.18
N ILE A 95 0.71 4.11 9.30
CA ILE A 95 1.04 3.16 10.35
C ILE A 95 2.40 3.46 10.97
N ARG A 96 2.77 2.69 11.98
CA ARG A 96 4.05 2.88 12.66
C ARG A 96 4.57 1.55 13.21
N THR A 97 5.76 1.16 12.77
CA THR A 97 6.37 -0.08 13.22
C THR A 97 6.60 -0.07 14.72
N PRO A 98 6.34 -1.21 15.37
CA PRO A 98 6.52 -1.36 16.82
C PRO A 98 7.99 -1.35 17.23
N GLU A 99 8.39 -0.30 17.93
CA GLU A 99 9.78 -0.17 18.39
C GLU A 99 10.09 -1.22 19.45
N ASP A 100 11.28 -1.81 19.35
CA ASP A 100 11.71 -2.83 20.30
C ASP A 100 11.72 -2.27 21.72
N LEU A 101 11.76 -3.17 22.70
CA LEU A 101 11.77 -2.77 24.10
C LEU A 101 12.34 -3.87 24.98
N SER A 102 13.26 -3.51 25.87
CA SER A 102 13.88 -4.47 26.77
C SER A 102 13.66 -4.08 28.23
N GLY A 103 13.97 -5.00 29.14
CA GLY A 103 13.80 -4.73 30.55
C GLY A 103 14.31 -5.86 31.42
N PRO A 104 15.58 -5.77 31.85
CA PRO A 104 16.21 -6.78 32.68
C PRO A 104 15.65 -6.80 34.11
N SER A 105 15.59 -7.98 34.70
CA SER A 105 15.06 -8.13 36.05
C SER A 105 16.17 -8.51 37.03
N SER A 106 16.82 -7.51 37.60
CA SER A 106 17.90 -7.74 38.55
C SER A 106 17.35 -8.00 39.94
N GLY A 107 16.28 -8.78 40.02
CA GLY A 107 15.67 -9.10 41.29
C GLY A 107 16.62 -9.85 42.21
N GLY A 1 -7.39 19.43 -22.11
CA GLY A 1 -7.40 19.60 -20.66
C GLY A 1 -7.57 18.29 -19.93
N SER A 2 -8.68 18.17 -19.19
CA SER A 2 -8.95 16.95 -18.43
C SER A 2 -10.16 16.22 -19.01
N SER A 3 -9.89 15.07 -19.64
CA SER A 3 -10.94 14.27 -20.24
C SER A 3 -11.90 13.75 -19.18
N GLY A 4 -11.35 13.26 -18.08
CA GLY A 4 -12.17 12.74 -17.00
C GLY A 4 -12.58 11.29 -17.22
N SER A 5 -11.65 10.49 -17.72
CA SER A 5 -11.92 9.08 -17.98
C SER A 5 -12.35 8.35 -16.72
N SER A 6 -13.60 7.92 -16.69
CA SER A 6 -14.14 7.22 -15.53
C SER A 6 -13.15 6.16 -15.03
N GLY A 7 -12.68 6.35 -13.79
CA GLY A 7 -11.73 5.41 -13.22
C GLY A 7 -12.34 4.62 -12.07
N PRO A 8 -11.65 3.54 -11.67
CA PRO A 8 -12.10 2.67 -10.58
C PRO A 8 -12.00 3.36 -9.22
N GLY A 9 -12.71 2.81 -8.25
CA GLY A 9 -12.69 3.37 -6.91
C GLY A 9 -11.40 3.07 -6.17
N ARG A 10 -11.43 3.20 -4.85
CA ARG A 10 -10.25 2.95 -4.03
C ARG A 10 -10.26 1.52 -3.48
N PRO A 11 -9.15 0.80 -3.69
CA PRO A 11 -9.01 -0.59 -3.23
C PRO A 11 -8.91 -0.69 -1.71
N THR A 12 -9.26 -1.86 -1.17
CA THR A 12 -9.22 -2.08 0.26
C THR A 12 -7.88 -2.64 0.69
N MET A 13 -7.01 -1.77 1.21
CA MET A 13 -5.68 -2.19 1.66
C MET A 13 -5.68 -2.48 3.16
N MET A 14 -4.99 -3.55 3.54
CA MET A 14 -4.91 -3.93 4.94
C MET A 14 -3.47 -4.27 5.33
N ILE A 15 -2.82 -3.36 6.04
CA ILE A 15 -1.45 -3.56 6.48
C ILE A 15 -1.39 -4.25 7.84
N SER A 16 -0.60 -5.30 7.93
CA SER A 16 -0.47 -6.06 9.18
C SER A 16 1.00 -6.41 9.43
N THR A 17 1.39 -6.39 10.70
CA THR A 17 2.75 -6.72 11.08
C THR A 17 2.83 -8.09 11.75
N THR A 18 3.70 -8.95 11.22
CA THR A 18 3.87 -10.29 11.76
C THR A 18 5.33 -10.55 12.13
N ALA A 19 6.24 -10.16 11.24
CA ALA A 19 7.66 -10.36 11.48
C ALA A 19 8.31 -9.08 12.03
N MET A 20 9.58 -9.18 12.40
CA MET A 20 10.31 -8.04 12.94
C MET A 20 10.78 -7.11 11.83
N ASN A 21 10.40 -5.84 11.91
CA ASN A 21 10.78 -4.86 10.91
C ASN A 21 10.21 -5.23 9.54
N THR A 22 9.02 -5.80 9.54
CA THR A 22 8.37 -6.20 8.30
C THR A 22 6.88 -5.90 8.33
N ALA A 23 6.39 -5.19 7.32
CA ALA A 23 4.98 -4.84 7.23
C ALA A 23 4.29 -5.57 6.09
N LEU A 24 3.36 -6.46 6.42
CA LEU A 24 2.63 -7.23 5.43
C LEU A 24 1.57 -6.37 4.75
N LEU A 25 1.43 -6.55 3.43
CA LEU A 25 0.44 -5.79 2.66
C LEU A 25 -0.57 -6.72 2.02
N GLN A 26 -1.84 -6.53 2.36
CA GLN A 26 -2.91 -7.36 1.80
C GLN A 26 -4.09 -6.50 1.36
N TRP A 27 -4.37 -6.52 0.07
CA TRP A 27 -5.47 -5.74 -0.49
C TRP A 27 -6.36 -6.60 -1.38
N HIS A 28 -7.55 -6.10 -1.69
CA HIS A 28 -8.48 -6.83 -2.53
C HIS A 28 -9.04 -5.93 -3.64
N PRO A 29 -9.52 -6.54 -4.72
CA PRO A 29 -10.09 -5.82 -5.86
C PRO A 29 -11.42 -5.16 -5.52
N PRO A 30 -11.59 -3.90 -5.95
CA PRO A 30 -12.81 -3.13 -5.72
C PRO A 30 -13.99 -3.66 -6.51
N LYS A 31 -15.19 -3.21 -6.14
CA LYS A 31 -16.41 -3.65 -6.83
C LYS A 31 -16.95 -2.53 -7.73
N GLU A 32 -16.61 -1.29 -7.39
CA GLU A 32 -17.06 -0.14 -8.17
C GLU A 32 -16.09 0.15 -9.31
N LEU A 33 -15.42 -0.88 -9.80
CA LEU A 33 -14.46 -0.73 -10.89
C LEU A 33 -15.12 -1.02 -12.24
N PRO A 34 -15.20 0.01 -13.09
CA PRO A 34 -15.79 -0.12 -14.43
C PRO A 34 -14.94 -0.95 -15.37
N GLY A 35 -15.28 -2.24 -15.48
CA GLY A 35 -14.54 -3.13 -16.35
C GLY A 35 -14.01 -4.35 -15.62
N GLU A 36 -12.75 -4.67 -15.86
CA GLU A 36 -12.13 -5.84 -15.22
C GLU A 36 -10.76 -5.47 -14.67
N LEU A 37 -10.37 -6.12 -13.58
CA LEU A 37 -9.07 -5.87 -12.95
C LEU A 37 -7.94 -6.35 -13.84
N LEU A 38 -7.00 -5.45 -14.13
CA LEU A 38 -5.86 -5.77 -14.97
C LEU A 38 -4.55 -5.60 -14.21
N GLY A 39 -4.54 -4.66 -13.26
CA GLY A 39 -3.36 -4.42 -12.47
C GLY A 39 -3.53 -3.26 -11.51
N TYR A 40 -2.47 -2.95 -10.76
CA TYR A 40 -2.51 -1.87 -9.79
C TYR A 40 -1.10 -1.46 -9.37
N ARG A 41 -0.94 -0.18 -9.02
CA ARG A 41 0.36 0.34 -8.61
C ARG A 41 0.38 0.58 -7.10
N LEU A 42 1.49 0.23 -6.47
CA LEU A 42 1.65 0.42 -5.04
C LEU A 42 2.67 1.50 -4.73
N GLN A 43 2.30 2.44 -3.87
CA GLN A 43 3.19 3.53 -3.49
C GLN A 43 3.23 3.70 -1.98
N TYR A 44 4.41 3.48 -1.41
CA TYR A 44 4.59 3.60 0.04
C TYR A 44 6.02 4.00 0.38
N CYS A 45 6.18 4.97 1.27
CA CYS A 45 7.50 5.45 1.68
C CYS A 45 7.43 6.09 3.06
N ARG A 46 8.60 6.43 3.59
CA ARG A 46 8.68 7.05 4.91
C ARG A 46 7.75 8.26 5.00
N ALA A 47 7.36 8.61 6.22
CA ALA A 47 6.48 9.75 6.44
C ALA A 47 7.22 11.06 6.29
N ASP A 48 8.51 10.97 5.97
CA ASP A 48 9.34 12.16 5.79
C ASP A 48 9.61 12.42 4.32
N GLU A 49 9.36 11.41 3.48
CA GLU A 49 9.58 11.53 2.04
C GLU A 49 8.38 12.19 1.37
N ALA A 50 8.65 12.98 0.34
CA ALA A 50 7.60 13.68 -0.39
C ALA A 50 7.03 12.79 -1.50
N ARG A 51 7.87 11.92 -2.04
CA ARG A 51 7.46 11.02 -3.11
C ARG A 51 7.51 9.57 -2.65
N PRO A 52 6.36 8.89 -2.70
CA PRO A 52 6.25 7.48 -2.29
C PRO A 52 6.96 6.54 -3.25
N ASN A 53 7.32 5.36 -2.76
CA ASN A 53 8.02 4.37 -3.58
C ASN A 53 7.05 3.70 -4.55
N THR A 54 7.10 4.13 -5.81
CA THR A 54 6.23 3.58 -6.85
C THR A 54 6.59 2.14 -7.15
N ILE A 55 5.58 1.29 -7.28
CA ILE A 55 5.79 -0.13 -7.57
C ILE A 55 4.66 -0.69 -8.43
N ASP A 56 5.00 -1.59 -9.33
CA ASP A 56 4.02 -2.20 -10.22
C ASP A 56 3.59 -3.57 -9.68
N PHE A 57 2.31 -3.89 -9.84
CA PHE A 57 1.78 -5.16 -9.37
C PHE A 57 0.73 -5.70 -10.34
N GLY A 58 0.69 -7.02 -10.48
CA GLY A 58 -0.26 -7.64 -11.37
C GLY A 58 -1.55 -8.04 -10.67
N LYS A 59 -2.65 -8.04 -11.42
CA LYS A 59 -3.95 -8.40 -10.86
C LYS A 59 -3.83 -9.57 -9.89
N ASP A 60 -2.82 -10.40 -10.10
CA ASP A 60 -2.58 -11.55 -9.24
C ASP A 60 -2.00 -11.12 -7.90
N ASP A 61 -1.06 -10.19 -7.94
CA ASP A 61 -0.41 -9.68 -6.73
C ASP A 61 -1.42 -8.92 -5.87
N GLN A 62 -2.03 -9.62 -4.92
CA GLN A 62 -3.01 -9.00 -4.02
C GLN A 62 -2.36 -8.60 -2.70
N HIS A 63 -1.11 -8.99 -2.52
CA HIS A 63 -0.38 -8.68 -1.30
C HIS A 63 1.11 -8.56 -1.58
N PHE A 64 1.85 -8.04 -0.59
CA PHE A 64 3.30 -7.87 -0.73
C PHE A 64 3.99 -8.01 0.62
N THR A 65 5.18 -8.60 0.62
CA THR A 65 5.95 -8.77 1.85
C THR A 65 7.08 -7.77 1.94
N VAL A 66 6.98 -6.85 2.89
CA VAL A 66 8.00 -5.82 3.09
C VAL A 66 8.84 -6.11 4.33
N THR A 67 10.15 -6.23 4.14
CA THR A 67 11.07 -6.51 5.24
C THR A 67 12.24 -5.54 5.23
N GLY A 68 12.82 -5.32 6.41
CA GLY A 68 13.96 -4.43 6.51
C GLY A 68 13.55 -3.02 6.88
N LEU A 69 12.30 -2.85 7.30
CA LEU A 69 11.77 -1.55 7.68
C LEU A 69 12.43 -1.06 8.97
N HIS A 70 12.45 0.26 9.14
CA HIS A 70 13.05 0.86 10.34
C HIS A 70 12.04 0.92 11.48
N LYS A 71 12.33 0.18 12.55
CA LYS A 71 11.45 0.15 13.71
C LYS A 71 11.32 1.53 14.33
N GLY A 72 10.11 1.86 14.81
CA GLY A 72 9.88 3.15 15.43
C GLY A 72 9.78 4.27 14.39
N THR A 73 9.26 3.94 13.22
CA THR A 73 9.12 4.93 12.15
C THR A 73 7.75 4.83 11.49
N THR A 74 7.20 5.98 11.11
CA THR A 74 5.89 6.03 10.48
C THR A 74 6.01 5.88 8.97
N TYR A 75 5.07 5.17 8.37
CA TYR A 75 5.06 4.95 6.93
C TYR A 75 3.69 5.25 6.33
N ILE A 76 3.68 5.65 5.06
CA ILE A 76 2.43 5.95 4.37
C ILE A 76 2.24 5.08 3.14
N PHE A 77 1.32 4.13 3.23
CA PHE A 77 1.04 3.23 2.12
C PHE A 77 -0.14 3.72 1.29
N ARG A 78 -0.03 3.56 -0.03
CA ARG A 78 -1.09 4.00 -0.93
C ARG A 78 -1.21 3.05 -2.12
N LEU A 79 -2.43 2.58 -2.38
CA LEU A 79 -2.68 1.67 -3.49
C LEU A 79 -3.77 2.21 -4.41
N ALA A 80 -3.78 1.73 -5.65
CA ALA A 80 -4.77 2.16 -6.62
C ALA A 80 -5.11 1.04 -7.60
N ALA A 81 -6.38 0.97 -7.99
CA ALA A 81 -6.83 -0.05 -8.93
C ALA A 81 -6.67 0.40 -10.37
N LYS A 82 -6.38 -0.55 -11.26
CA LYS A 82 -6.20 -0.24 -12.67
C LYS A 82 -7.12 -1.10 -13.54
N ASN A 83 -7.96 -0.44 -14.33
CA ASN A 83 -8.88 -1.15 -15.21
C ASN A 83 -8.59 -0.84 -16.68
N ARG A 84 -9.38 -1.43 -17.57
CA ARG A 84 -9.21 -1.22 -19.00
C ARG A 84 -9.00 0.26 -19.30
N ALA A 85 -9.62 1.12 -18.51
CA ALA A 85 -9.51 2.56 -18.70
C ALA A 85 -8.20 3.08 -18.10
N GLY A 86 -7.76 2.47 -17.01
CA GLY A 86 -6.53 2.89 -16.38
C GLY A 86 -6.65 2.95 -14.86
N LEU A 87 -5.68 3.59 -14.22
CA LEU A 87 -5.69 3.73 -12.77
C LEU A 87 -6.84 4.60 -12.30
N GLY A 88 -7.34 4.33 -11.10
CA GLY A 88 -8.44 5.10 -10.56
C GLY A 88 -8.10 5.77 -9.25
N GLU A 89 -9.01 5.69 -8.29
CA GLU A 89 -8.79 6.30 -6.97
C GLU A 89 -7.66 5.61 -6.24
N GLU A 90 -7.15 6.25 -5.20
CA GLU A 90 -6.06 5.70 -4.41
C GLU A 90 -6.37 5.79 -2.91
N PHE A 91 -6.04 4.72 -2.19
CA PHE A 91 -6.28 4.67 -0.75
C PHE A 91 -5.06 5.14 0.03
N GLU A 92 -5.28 5.56 1.27
CA GLU A 92 -4.19 6.03 2.12
C GLU A 92 -4.22 5.34 3.48
N LYS A 93 -3.05 4.97 3.96
CA LYS A 93 -2.93 4.30 5.26
C LYS A 93 -1.63 4.67 5.95
N GLU A 94 -1.72 5.11 7.20
CA GLU A 94 -0.54 5.50 7.97
C GLU A 94 -0.34 4.55 9.16
N ILE A 95 0.82 3.89 9.18
CA ILE A 95 1.14 2.97 10.26
C ILE A 95 2.44 3.35 10.95
N ARG A 96 2.89 2.51 11.87
CA ARG A 96 4.13 2.75 12.61
C ARG A 96 4.70 1.46 13.15
N THR A 97 5.90 1.10 12.70
CA THR A 97 6.56 -0.12 13.14
C THR A 97 6.89 -0.05 14.63
N PRO A 98 6.78 -1.20 15.32
CA PRO A 98 7.07 -1.30 16.75
C PRO A 98 8.55 -1.13 17.06
N GLU A 99 8.89 -0.09 17.80
CA GLU A 99 10.28 0.18 18.16
C GLU A 99 10.74 -0.76 19.27
N ASP A 100 12.00 -0.63 19.66
CA ASP A 100 12.56 -1.47 20.72
C ASP A 100 13.66 -0.73 21.47
N LEU A 101 13.95 -1.18 22.68
CA LEU A 101 14.98 -0.56 23.51
C LEU A 101 16.33 -0.58 22.80
N SER A 102 16.81 0.60 22.42
CA SER A 102 18.09 0.72 21.73
C SER A 102 19.11 -0.24 22.31
N GLY A 103 19.60 -1.15 21.47
CA GLY A 103 20.58 -2.11 21.91
C GLY A 103 20.25 -3.53 21.46
N PRO A 104 21.27 -4.39 21.41
CA PRO A 104 21.11 -5.79 21.00
C PRO A 104 20.32 -6.62 22.02
N SER A 105 19.29 -7.29 21.55
CA SER A 105 18.45 -8.11 22.42
C SER A 105 18.11 -9.44 21.76
N SER A 106 17.88 -10.46 22.58
CA SER A 106 17.55 -11.79 22.08
C SER A 106 16.37 -12.39 22.84
N GLY A 107 15.28 -12.65 22.12
CA GLY A 107 14.10 -13.22 22.75
C GLY A 107 13.59 -12.38 23.89
N GLY A 1 -11.67 12.26 -30.69
CA GLY A 1 -11.80 13.07 -29.50
C GLY A 1 -12.55 12.38 -28.39
N SER A 2 -11.92 12.25 -27.23
CA SER A 2 -12.53 11.59 -26.08
C SER A 2 -12.55 12.51 -24.87
N SER A 3 -13.75 12.93 -24.48
CA SER A 3 -13.92 13.82 -23.33
C SER A 3 -14.61 13.09 -22.17
N GLY A 4 -14.29 13.52 -20.95
CA GLY A 4 -14.90 12.90 -19.78
C GLY A 4 -14.43 11.47 -19.58
N SER A 5 -13.32 11.30 -18.87
CA SER A 5 -12.78 9.98 -18.61
C SER A 5 -12.77 9.68 -17.12
N SER A 6 -13.35 8.55 -16.73
CA SER A 6 -13.41 8.15 -15.33
C SER A 6 -12.61 6.87 -15.10
N GLY A 7 -12.38 6.55 -13.83
CA GLY A 7 -11.63 5.36 -13.49
C GLY A 7 -12.20 4.62 -12.30
N PRO A 8 -11.52 3.55 -11.88
CA PRO A 8 -11.96 2.74 -10.73
C PRO A 8 -11.83 3.47 -9.41
N GLY A 9 -12.51 2.96 -8.38
CA GLY A 9 -12.46 3.59 -7.08
C GLY A 9 -11.16 3.30 -6.35
N ARG A 10 -11.23 3.29 -5.02
CA ARG A 10 -10.05 3.02 -4.21
C ARG A 10 -10.09 1.61 -3.62
N PRO A 11 -9.02 0.84 -3.87
CA PRO A 11 -8.91 -0.53 -3.37
C PRO A 11 -8.73 -0.60 -1.86
N THR A 12 -9.15 -1.72 -1.27
CA THR A 12 -9.04 -1.90 0.18
C THR A 12 -7.70 -2.52 0.55
N MET A 13 -6.86 -1.73 1.22
CA MET A 13 -5.54 -2.21 1.63
C MET A 13 -5.54 -2.60 3.11
N MET A 14 -4.84 -3.68 3.43
CA MET A 14 -4.77 -4.16 4.81
C MET A 14 -3.33 -4.47 5.20
N ILE A 15 -2.74 -3.62 6.03
CA ILE A 15 -1.37 -3.81 6.47
C ILE A 15 -1.33 -4.40 7.88
N SER A 16 -0.52 -5.44 8.05
CA SER A 16 -0.39 -6.11 9.35
C SER A 16 1.08 -6.38 9.67
N THR A 17 1.50 -6.01 10.87
CA THR A 17 2.89 -6.22 11.29
C THR A 17 3.06 -7.59 11.93
N THR A 18 3.71 -8.49 11.20
CA THR A 18 3.95 -9.84 11.69
C THR A 18 5.37 -9.99 12.23
N ALA A 19 6.35 -9.89 11.33
CA ALA A 19 7.75 -10.02 11.71
C ALA A 19 8.33 -8.66 12.11
N MET A 20 9.49 -8.68 12.75
CA MET A 20 10.15 -7.46 13.18
C MET A 20 10.72 -6.70 11.99
N ASN A 21 10.33 -5.43 11.85
CA ASN A 21 10.81 -4.61 10.75
C ASN A 21 10.21 -5.07 9.42
N THR A 22 9.03 -5.68 9.50
CA THR A 22 8.35 -6.17 8.30
C THR A 22 6.85 -5.90 8.37
N ALA A 23 6.30 -5.36 7.29
CA ALA A 23 4.88 -5.06 7.22
C ALA A 23 4.20 -5.83 6.09
N LEU A 24 3.28 -6.71 6.45
CA LEU A 24 2.55 -7.51 5.47
C LEU A 24 1.47 -6.68 4.79
N LEU A 25 1.50 -6.66 3.45
CA LEU A 25 0.51 -5.90 2.68
C LEU A 25 -0.50 -6.84 2.05
N GLN A 26 -1.78 -6.58 2.31
CA GLN A 26 -2.86 -7.41 1.76
C GLN A 26 -4.05 -6.54 1.35
N TRP A 27 -4.35 -6.54 0.06
CA TRP A 27 -5.47 -5.75 -0.46
C TRP A 27 -6.39 -6.62 -1.30
N HIS A 28 -7.50 -6.02 -1.76
CA HIS A 28 -8.47 -6.75 -2.58
C HIS A 28 -9.01 -5.86 -3.69
N PRO A 29 -9.54 -6.48 -4.75
CA PRO A 29 -10.09 -5.77 -5.91
C PRO A 29 -11.39 -5.04 -5.57
N PRO A 30 -11.52 -3.80 -6.06
CA PRO A 30 -12.70 -2.97 -5.82
C PRO A 30 -13.93 -3.49 -6.56
N LYS A 31 -15.08 -2.89 -6.28
CA LYS A 31 -16.33 -3.29 -6.91
C LYS A 31 -16.84 -2.20 -7.84
N GLU A 32 -16.45 -0.96 -7.57
CA GLU A 32 -16.89 0.17 -8.38
C GLU A 32 -15.97 0.34 -9.58
N LEU A 33 -15.29 -0.72 -9.97
CA LEU A 33 -14.38 -0.69 -11.11
C LEU A 33 -15.11 -1.03 -12.40
N PRO A 34 -15.30 -0.01 -13.26
CA PRO A 34 -15.99 -0.17 -14.54
C PRO A 34 -15.17 -0.98 -15.53
N GLY A 35 -15.46 -2.27 -15.63
CA GLY A 35 -14.74 -3.14 -16.54
C GLY A 35 -14.21 -4.38 -15.87
N GLU A 36 -12.89 -4.46 -15.72
CA GLU A 36 -12.26 -5.62 -15.09
C GLU A 36 -10.88 -5.26 -14.55
N LEU A 37 -10.45 -5.96 -13.51
CA LEU A 37 -9.15 -5.73 -12.91
C LEU A 37 -8.03 -6.22 -13.82
N LEU A 38 -7.08 -5.34 -14.11
CA LEU A 38 -5.94 -5.69 -14.97
C LEU A 38 -4.62 -5.51 -14.23
N GLY A 39 -4.66 -4.70 -13.17
CA GLY A 39 -3.45 -4.46 -12.39
C GLY A 39 -3.61 -3.28 -11.44
N TYR A 40 -2.58 -3.05 -10.64
CA TYR A 40 -2.60 -1.95 -9.67
C TYR A 40 -1.18 -1.55 -9.28
N ARG A 41 -1.02 -0.27 -8.93
CA ARG A 41 0.29 0.25 -8.53
C ARG A 41 0.35 0.46 -7.01
N LEU A 42 1.54 0.34 -6.45
CA LEU A 42 1.73 0.52 -5.02
C LEU A 42 2.72 1.65 -4.74
N GLN A 43 2.30 2.61 -3.91
CA GLN A 43 3.15 3.74 -3.56
C GLN A 43 3.19 3.94 -2.05
N TYR A 44 4.37 3.73 -1.46
CA TYR A 44 4.54 3.88 -0.02
C TYR A 44 5.99 4.27 0.31
N CYS A 45 6.13 5.19 1.25
CA CYS A 45 7.46 5.65 1.66
C CYS A 45 7.42 6.19 3.08
N ARG A 46 8.60 6.50 3.62
CA ARG A 46 8.70 7.02 4.98
C ARG A 46 7.72 8.17 5.19
N ALA A 47 7.32 8.38 6.44
CA ALA A 47 6.39 9.45 6.78
C ALA A 47 7.04 10.82 6.63
N ASP A 48 8.35 10.81 6.36
CA ASP A 48 9.10 12.06 6.20
C ASP A 48 9.25 12.41 4.72
N GLU A 49 9.08 11.42 3.87
CA GLU A 49 9.20 11.62 2.43
C GLU A 49 7.89 12.13 1.84
N ALA A 50 7.99 12.80 0.69
CA ALA A 50 6.81 13.34 0.02
C ALA A 50 6.44 12.50 -1.21
N ARG A 51 7.41 11.71 -1.68
CA ARG A 51 7.18 10.86 -2.85
C ARG A 51 7.16 9.38 -2.45
N PRO A 52 5.99 8.76 -2.58
CA PRO A 52 5.81 7.34 -2.24
C PRO A 52 6.53 6.42 -3.22
N ASN A 53 7.04 5.30 -2.71
CA ASN A 53 7.75 4.34 -3.54
C ASN A 53 6.79 3.62 -4.47
N THR A 54 6.72 4.09 -5.72
CA THR A 54 5.84 3.49 -6.71
C THR A 54 6.29 2.08 -7.08
N ILE A 55 5.34 1.17 -7.22
CA ILE A 55 5.65 -0.21 -7.56
C ILE A 55 4.58 -0.80 -8.48
N ASP A 56 4.98 -1.78 -9.28
CA ASP A 56 4.05 -2.43 -10.21
C ASP A 56 3.56 -3.76 -9.65
N PHE A 57 2.27 -4.03 -9.81
CA PHE A 57 1.69 -5.28 -9.33
C PHE A 57 0.63 -5.80 -10.29
N GLY A 58 0.58 -7.12 -10.45
CA GLY A 58 -0.40 -7.72 -11.35
C GLY A 58 -1.68 -8.09 -10.64
N LYS A 59 -2.78 -8.10 -11.40
CA LYS A 59 -4.09 -8.43 -10.84
C LYS A 59 -3.97 -9.61 -9.87
N ASP A 60 -2.95 -10.44 -10.07
CA ASP A 60 -2.73 -11.60 -9.21
C ASP A 60 -2.11 -11.18 -7.89
N ASP A 61 -1.17 -10.25 -7.94
CA ASP A 61 -0.50 -9.76 -6.74
C ASP A 61 -1.46 -8.96 -5.87
N GLN A 62 -2.09 -9.64 -4.92
CA GLN A 62 -3.04 -8.99 -4.02
C GLN A 62 -2.39 -8.70 -2.67
N HIS A 63 -1.12 -9.04 -2.54
CA HIS A 63 -0.38 -8.82 -1.30
C HIS A 63 1.12 -8.74 -1.56
N PHE A 64 1.84 -8.11 -0.64
CA PHE A 64 3.28 -7.97 -0.78
C PHE A 64 3.97 -8.08 0.58
N THR A 65 5.21 -8.56 0.58
CA THR A 65 5.97 -8.72 1.81
C THR A 65 7.14 -7.74 1.87
N VAL A 66 7.08 -6.80 2.81
CA VAL A 66 8.14 -5.81 2.96
C VAL A 66 8.96 -6.08 4.22
N THR A 67 10.27 -6.23 4.04
CA THR A 67 11.17 -6.49 5.15
C THR A 67 12.28 -5.46 5.21
N GLY A 68 12.77 -5.17 6.42
CA GLY A 68 13.84 -4.21 6.58
C GLY A 68 13.31 -2.83 6.95
N LEU A 69 12.01 -2.73 7.20
CA LEU A 69 11.39 -1.47 7.57
C LEU A 69 11.99 -0.92 8.87
N HIS A 70 12.42 0.33 8.83
CA HIS A 70 13.02 0.97 10.00
C HIS A 70 12.01 1.04 11.15
N LYS A 71 12.31 0.33 12.23
CA LYS A 71 11.44 0.30 13.40
C LYS A 71 11.31 1.70 14.01
N GLY A 72 10.19 1.94 14.69
CA GLY A 72 9.97 3.23 15.31
C GLY A 72 9.87 4.36 14.30
N THR A 73 9.41 4.02 13.09
CA THR A 73 9.28 5.02 12.04
C THR A 73 7.93 4.90 11.33
N THR A 74 7.19 5.99 11.30
CA THR A 74 5.87 6.01 10.66
C THR A 74 6.00 5.97 9.15
N TYR A 75 5.11 5.23 8.50
CA TYR A 75 5.13 5.11 7.05
C TYR A 75 3.76 5.42 6.46
N ILE A 76 3.71 5.60 5.14
CA ILE A 76 2.46 5.89 4.46
C ILE A 76 2.29 5.02 3.22
N PHE A 77 1.39 4.05 3.30
CA PHE A 77 1.13 3.15 2.19
C PHE A 77 -0.08 3.62 1.38
N ARG A 78 0.03 3.50 0.06
CA ARG A 78 -1.05 3.92 -0.83
C ARG A 78 -1.19 2.95 -2.00
N LEU A 79 -2.43 2.58 -2.32
CA LEU A 79 -2.70 1.67 -3.41
C LEU A 79 -3.74 2.25 -4.37
N ALA A 80 -3.79 1.69 -5.58
CA ALA A 80 -4.75 2.15 -6.58
C ALA A 80 -5.12 1.03 -7.54
N ALA A 81 -6.36 1.05 -8.03
CA ALA A 81 -6.83 0.04 -8.96
C ALA A 81 -6.66 0.50 -10.41
N LYS A 82 -6.37 -0.46 -11.28
CA LYS A 82 -6.18 -0.16 -12.70
C LYS A 82 -7.10 -1.00 -13.57
N ASN A 83 -7.92 -0.34 -14.37
CA ASN A 83 -8.86 -1.04 -15.25
C ASN A 83 -8.54 -0.75 -16.72
N ARG A 84 -9.38 -1.26 -17.61
CA ARG A 84 -9.18 -1.07 -19.04
C ARG A 84 -9.01 0.41 -19.36
N ALA A 85 -9.66 1.27 -18.57
CA ALA A 85 -9.57 2.70 -18.78
C ALA A 85 -8.29 3.27 -18.17
N GLY A 86 -7.74 2.56 -17.19
CA GLY A 86 -6.52 3.01 -16.55
C GLY A 86 -6.64 3.03 -15.04
N LEU A 87 -5.68 3.68 -14.38
CA LEU A 87 -5.69 3.77 -12.92
C LEU A 87 -6.80 4.69 -12.43
N GLY A 88 -7.33 4.40 -11.25
CA GLY A 88 -8.40 5.21 -10.69
C GLY A 88 -8.00 5.86 -9.37
N GLU A 89 -8.94 5.89 -8.43
CA GLU A 89 -8.68 6.50 -7.13
C GLU A 89 -7.57 5.76 -6.39
N GLU A 90 -7.12 6.33 -5.28
CA GLU A 90 -6.05 5.72 -4.49
C GLU A 90 -6.37 5.81 -3.00
N PHE A 91 -5.98 4.77 -2.26
CA PHE A 91 -6.22 4.73 -0.83
C PHE A 91 -4.98 5.13 -0.04
N GLU A 92 -5.17 5.58 1.19
CA GLU A 92 -4.06 6.00 2.04
C GLU A 92 -4.13 5.32 3.40
N LYS A 93 -2.98 4.84 3.87
CA LYS A 93 -2.92 4.16 5.16
C LYS A 93 -1.67 4.60 5.93
N GLU A 94 -1.87 5.02 7.18
CA GLU A 94 -0.76 5.46 8.02
C GLU A 94 -0.51 4.45 9.15
N ILE A 95 0.72 3.95 9.22
CA ILE A 95 1.09 2.99 10.25
C ILE A 95 2.39 3.40 10.94
N ARG A 96 2.85 2.55 11.85
CA ARG A 96 4.08 2.84 12.59
C ARG A 96 4.73 1.53 13.08
N THR A 97 5.95 1.27 12.62
CA THR A 97 6.67 0.06 13.01
C THR A 97 6.97 0.06 14.50
N PRO A 98 6.96 -1.13 15.10
CA PRO A 98 7.22 -1.30 16.53
C PRO A 98 8.68 -1.03 16.88
N GLU A 99 8.91 -0.05 17.75
CA GLU A 99 10.26 0.31 18.17
C GLU A 99 10.78 -0.65 19.22
N ASP A 100 12.10 -0.74 19.36
CA ASP A 100 12.71 -1.62 20.34
C ASP A 100 14.00 -1.00 20.88
N LEU A 101 14.38 -1.42 22.09
CA LEU A 101 15.58 -0.90 22.74
C LEU A 101 16.03 -1.81 23.88
N SER A 102 17.33 -2.09 23.93
CA SER A 102 17.87 -2.95 24.97
C SER A 102 17.09 -4.26 25.07
N GLY A 103 16.83 -4.88 23.93
CA GLY A 103 16.09 -6.13 23.90
C GLY A 103 16.98 -7.34 24.12
N PRO A 104 16.37 -8.53 24.15
CA PRO A 104 17.10 -9.79 24.35
C PRO A 104 17.96 -10.16 23.15
N SER A 105 18.77 -11.19 23.30
CA SER A 105 19.65 -11.64 22.23
C SER A 105 19.86 -13.15 22.30
N SER A 106 20.35 -13.72 21.21
CA SER A 106 20.59 -15.16 21.13
C SER A 106 21.58 -15.49 20.02
N GLY A 107 22.36 -16.54 20.22
CA GLY A 107 23.33 -16.96 19.22
C GLY A 107 24.71 -17.18 19.82
N GLY A 1 -6.24 16.54 -20.58
CA GLY A 1 -7.58 16.00 -20.60
C GLY A 1 -8.58 16.89 -19.89
N SER A 2 -9.42 17.58 -20.65
CA SER A 2 -10.42 18.47 -20.08
C SER A 2 -11.52 17.69 -19.38
N SER A 3 -12.16 16.77 -20.12
CA SER A 3 -13.23 15.96 -19.56
C SER A 3 -12.82 15.37 -18.21
N GLY A 4 -13.81 14.91 -17.45
CA GLY A 4 -13.54 14.33 -16.15
C GLY A 4 -12.73 13.06 -16.24
N SER A 5 -12.32 12.54 -15.09
CA SER A 5 -11.53 11.31 -15.04
C SER A 5 -12.40 10.12 -14.65
N SER A 6 -12.59 9.20 -15.59
CA SER A 6 -13.39 8.01 -15.36
C SER A 6 -12.51 6.81 -15.04
N GLY A 7 -12.30 6.55 -13.74
CA GLY A 7 -11.48 5.44 -13.33
C GLY A 7 -12.11 4.65 -12.20
N PRO A 8 -11.45 3.55 -11.80
CA PRO A 8 -11.93 2.68 -10.72
C PRO A 8 -11.83 3.35 -9.35
N GLY A 9 -12.57 2.81 -8.38
CA GLY A 9 -12.55 3.38 -7.05
C GLY A 9 -11.25 3.09 -6.31
N ARG A 10 -11.29 3.17 -4.99
CA ARG A 10 -10.11 2.92 -4.17
C ARG A 10 -10.14 1.51 -3.59
N PRO A 11 -9.05 0.75 -3.80
CA PRO A 11 -8.94 -0.62 -3.30
C PRO A 11 -8.80 -0.68 -1.78
N THR A 12 -9.18 -1.82 -1.21
CA THR A 12 -9.11 -2.01 0.24
C THR A 12 -7.76 -2.58 0.65
N MET A 13 -6.89 -1.72 1.19
CA MET A 13 -5.58 -2.14 1.63
C MET A 13 -5.57 -2.46 3.12
N MET A 14 -4.88 -3.54 3.49
CA MET A 14 -4.81 -3.95 4.89
C MET A 14 -3.37 -4.27 5.28
N ILE A 15 -2.74 -3.35 6.00
CA ILE A 15 -1.36 -3.53 6.45
C ILE A 15 -1.31 -4.17 7.84
N SER A 16 -0.51 -5.22 7.97
CA SER A 16 -0.36 -5.91 9.25
C SER A 16 1.08 -6.34 9.48
N THR A 17 1.52 -6.24 10.73
CA THR A 17 2.90 -6.61 11.08
C THR A 17 2.92 -7.94 11.83
N THR A 18 3.69 -8.89 11.31
CA THR A 18 3.81 -10.19 11.92
C THR A 18 5.26 -10.53 12.25
N ALA A 19 6.14 -10.35 11.27
CA ALA A 19 7.55 -10.63 11.44
C ALA A 19 8.29 -9.40 11.98
N MET A 20 9.59 -9.54 12.21
CA MET A 20 10.40 -8.45 12.72
C MET A 20 10.76 -7.47 11.60
N ASN A 21 10.43 -6.20 11.82
CA ASN A 21 10.71 -5.16 10.83
C ASN A 21 10.16 -5.55 9.46
N THR A 22 8.95 -6.08 9.45
CA THR A 22 8.30 -6.50 8.20
C THR A 22 6.82 -6.17 8.21
N ALA A 23 6.37 -5.43 7.20
CA ALA A 23 4.96 -5.05 7.10
C ALA A 23 4.26 -5.87 6.01
N LEU A 24 3.33 -6.72 6.43
CA LEU A 24 2.59 -7.56 5.50
C LEU A 24 1.49 -6.75 4.81
N LEU A 25 1.58 -6.67 3.48
CA LEU A 25 0.59 -5.93 2.70
C LEU A 25 -0.45 -6.87 2.11
N GLN A 26 -1.72 -6.55 2.33
CA GLN A 26 -2.81 -7.37 1.83
C GLN A 26 -3.99 -6.51 1.41
N TRP A 27 -4.31 -6.52 0.12
CA TRP A 27 -5.42 -5.74 -0.41
C TRP A 27 -6.34 -6.59 -1.26
N HIS A 28 -7.45 -6.01 -1.69
CA HIS A 28 -8.42 -6.73 -2.52
C HIS A 28 -8.97 -5.82 -3.62
N PRO A 29 -9.52 -6.43 -4.69
CA PRO A 29 -10.09 -5.70 -5.81
C PRO A 29 -11.39 -4.99 -5.44
N PRO A 30 -11.55 -3.76 -5.94
CA PRO A 30 -12.74 -2.95 -5.67
C PRO A 30 -13.99 -3.49 -6.37
N LYS A 31 -15.12 -2.83 -6.14
CA LYS A 31 -16.38 -3.25 -6.75
C LYS A 31 -16.87 -2.23 -7.76
N GLU A 32 -16.44 -0.98 -7.58
CA GLU A 32 -16.83 0.10 -8.47
C GLU A 32 -15.85 0.23 -9.64
N LEU A 33 -15.38 -0.91 -10.13
CA LEU A 33 -14.42 -0.92 -11.24
C LEU A 33 -15.14 -1.23 -12.55
N PRO A 34 -15.25 -0.21 -13.42
CA PRO A 34 -15.90 -0.36 -14.72
C PRO A 34 -15.09 -1.22 -15.69
N GLY A 35 -15.44 -2.49 -15.79
CA GLY A 35 -14.73 -3.39 -16.67
C GLY A 35 -14.23 -4.64 -15.96
N GLU A 36 -12.91 -4.76 -15.87
CA GLU A 36 -12.30 -5.90 -15.20
C GLU A 36 -10.91 -5.55 -14.67
N LEU A 37 -10.55 -6.14 -13.54
CA LEU A 37 -9.25 -5.89 -12.92
C LEU A 37 -8.12 -6.38 -13.81
N LEU A 38 -7.14 -5.51 -14.05
CA LEU A 38 -5.99 -5.86 -14.88
C LEU A 38 -4.69 -5.70 -14.11
N GLY A 39 -4.68 -4.78 -13.15
CA GLY A 39 -3.49 -4.54 -12.36
C GLY A 39 -3.65 -3.35 -11.42
N TYR A 40 -2.59 -3.06 -10.67
CA TYR A 40 -2.62 -1.95 -9.73
C TYR A 40 -1.20 -1.56 -9.30
N ARG A 41 -1.02 -0.29 -8.96
CA ARG A 41 0.28 0.21 -8.54
C ARG A 41 0.32 0.45 -7.04
N LEU A 42 1.47 0.22 -6.42
CA LEU A 42 1.63 0.41 -4.99
C LEU A 42 2.64 1.52 -4.70
N GLN A 43 2.30 2.38 -3.74
CA GLN A 43 3.17 3.49 -3.36
C GLN A 43 3.23 3.64 -1.85
N TYR A 44 4.41 3.39 -1.28
CA TYR A 44 4.60 3.50 0.17
C TYR A 44 5.96 4.12 0.48
N CYS A 45 5.96 5.07 1.41
CA CYS A 45 7.18 5.74 1.81
C CYS A 45 7.08 6.26 3.25
N ARG A 46 8.22 6.68 3.81
CA ARG A 46 8.24 7.18 5.17
C ARG A 46 7.53 8.53 5.26
N ALA A 47 7.11 8.90 6.47
CA ALA A 47 6.42 10.16 6.69
C ALA A 47 7.37 11.34 6.54
N ASP A 48 8.63 11.05 6.23
CA ASP A 48 9.64 12.09 6.06
C ASP A 48 10.30 11.98 4.70
N GLU A 49 9.65 11.26 3.79
CA GLU A 49 10.18 11.08 2.44
C GLU A 49 9.71 12.20 1.52
N ALA A 50 10.35 12.31 0.36
CA ALA A 50 10.01 13.34 -0.61
C ALA A 50 9.19 12.75 -1.76
N ARG A 51 9.49 11.52 -2.13
CA ARG A 51 8.78 10.85 -3.22
C ARG A 51 8.47 9.40 -2.85
N PRO A 52 7.21 9.00 -3.06
CA PRO A 52 6.74 7.64 -2.76
C PRO A 52 7.33 6.60 -3.70
N ASN A 53 7.69 5.45 -3.16
CA ASN A 53 8.27 4.37 -3.95
C ASN A 53 7.21 3.71 -4.82
N THR A 54 7.22 4.04 -6.12
CA THR A 54 6.26 3.47 -7.05
C THR A 54 6.59 2.03 -7.38
N ILE A 55 5.57 1.17 -7.41
CA ILE A 55 5.76 -0.24 -7.71
C ILE A 55 4.58 -0.79 -8.51
N ASP A 56 4.89 -1.64 -9.48
CA ASP A 56 3.85 -2.25 -10.33
C ASP A 56 3.45 -3.61 -9.79
N PHE A 57 2.15 -3.89 -9.82
CA PHE A 57 1.63 -5.16 -9.33
C PHE A 57 0.54 -5.70 -10.26
N GLY A 58 0.53 -7.01 -10.46
CA GLY A 58 -0.46 -7.62 -11.33
C GLY A 58 -1.73 -8.00 -10.58
N LYS A 59 -2.83 -8.15 -11.32
CA LYS A 59 -4.10 -8.51 -10.72
C LYS A 59 -3.93 -9.66 -9.73
N ASP A 60 -2.95 -10.51 -9.98
CA ASP A 60 -2.68 -11.64 -9.10
C ASP A 60 -2.04 -11.19 -7.80
N ASP A 61 -1.15 -10.22 -7.89
CA ASP A 61 -0.46 -9.69 -6.71
C ASP A 61 -1.45 -8.94 -5.81
N GLN A 62 -2.00 -9.64 -4.82
CA GLN A 62 -2.95 -9.05 -3.89
C GLN A 62 -2.27 -8.69 -2.58
N HIS A 63 -1.00 -9.06 -2.45
CA HIS A 63 -0.24 -8.78 -1.24
C HIS A 63 1.24 -8.64 -1.54
N PHE A 64 1.97 -7.95 -0.67
CA PHE A 64 3.40 -7.75 -0.85
C PHE A 64 4.15 -7.90 0.47
N THR A 65 5.26 -8.63 0.43
CA THR A 65 6.07 -8.86 1.62
C THR A 65 7.15 -7.80 1.76
N VAL A 66 6.97 -6.89 2.71
CA VAL A 66 7.93 -5.82 2.94
C VAL A 66 8.78 -6.12 4.18
N THR A 67 10.10 -6.17 3.99
CA THR A 67 11.02 -6.45 5.08
C THR A 67 12.16 -5.43 5.11
N GLY A 68 12.70 -5.20 6.30
CA GLY A 68 13.79 -4.25 6.44
C GLY A 68 13.31 -2.86 6.83
N LEU A 69 12.11 -2.80 7.38
CA LEU A 69 11.52 -1.52 7.80
C LEU A 69 12.11 -1.08 9.14
N HIS A 70 12.39 0.21 9.26
CA HIS A 70 12.95 0.77 10.49
C HIS A 70 11.89 0.84 11.58
N LYS A 71 12.20 0.29 12.74
CA LYS A 71 11.28 0.29 13.87
C LYS A 71 11.10 1.71 14.42
N GLY A 72 9.97 1.94 15.07
CA GLY A 72 9.70 3.25 15.64
C GLY A 72 9.64 4.34 14.59
N THR A 73 9.15 3.98 13.41
CA THR A 73 9.03 4.95 12.31
C THR A 73 7.67 4.85 11.64
N THR A 74 7.11 6.01 11.28
CA THR A 74 5.80 6.06 10.63
C THR A 74 5.94 5.95 9.12
N TYR A 75 5.00 5.24 8.50
CA TYR A 75 5.01 5.05 7.05
C TYR A 75 3.64 5.35 6.45
N ILE A 76 3.62 5.63 5.15
CA ILE A 76 2.37 5.92 4.46
C ILE A 76 2.21 5.05 3.21
N PHE A 77 1.31 4.07 3.29
CA PHE A 77 1.06 3.18 2.16
C PHE A 77 -0.11 3.66 1.33
N ARG A 78 0.00 3.50 0.01
CA ARG A 78 -1.05 3.93 -0.91
C ARG A 78 -1.20 2.94 -2.05
N LEU A 79 -2.45 2.60 -2.40
CA LEU A 79 -2.73 1.67 -3.47
C LEU A 79 -3.86 2.18 -4.36
N ALA A 80 -3.90 1.71 -5.60
CA ALA A 80 -4.94 2.12 -6.54
C ALA A 80 -5.25 1.00 -7.52
N ALA A 81 -6.50 0.96 -7.98
CA ALA A 81 -6.92 -0.06 -8.93
C ALA A 81 -6.69 0.39 -10.37
N LYS A 82 -6.41 -0.57 -11.25
CA LYS A 82 -6.17 -0.28 -12.65
C LYS A 82 -7.07 -1.11 -13.55
N ASN A 83 -7.87 -0.44 -14.37
CA ASN A 83 -8.78 -1.12 -15.29
C ASN A 83 -8.43 -0.80 -16.74
N ARG A 84 -9.23 -1.33 -17.66
CA ARG A 84 -9.01 -1.10 -19.09
C ARG A 84 -8.74 0.38 -19.36
N ALA A 85 -9.42 1.24 -18.64
CA ALA A 85 -9.25 2.69 -18.80
C ALA A 85 -7.94 3.16 -18.18
N GLY A 86 -7.57 2.55 -17.06
CA GLY A 86 -6.33 2.92 -16.38
C GLY A 86 -6.48 2.95 -14.88
N LEU A 87 -5.53 3.59 -14.21
CA LEU A 87 -5.55 3.70 -12.76
C LEU A 87 -6.70 4.59 -12.29
N GLY A 88 -7.22 4.31 -11.10
CA GLY A 88 -8.30 5.10 -10.56
C GLY A 88 -7.96 5.73 -9.23
N GLU A 89 -8.93 5.79 -8.33
CA GLU A 89 -8.73 6.37 -7.01
C GLU A 89 -7.59 5.68 -6.28
N GLU A 90 -7.06 6.34 -5.26
CA GLU A 90 -5.96 5.79 -4.47
C GLU A 90 -6.25 5.87 -2.98
N PHE A 91 -5.97 4.79 -2.26
CA PHE A 91 -6.20 4.75 -0.82
C PHE A 91 -4.96 5.21 -0.06
N GLU A 92 -5.18 5.72 1.15
CA GLU A 92 -4.08 6.20 1.98
C GLU A 92 -4.20 5.65 3.41
N LYS A 93 -3.10 5.14 3.93
CA LYS A 93 -3.08 4.59 5.28
C LYS A 93 -1.76 4.89 5.98
N GLU A 94 -1.83 5.20 7.27
CA GLU A 94 -0.64 5.51 8.05
C GLU A 94 -0.43 4.48 9.16
N ILE A 95 0.80 3.99 9.27
CA ILE A 95 1.13 3.00 10.28
C ILE A 95 2.44 3.36 10.98
N ARG A 96 2.81 2.56 11.99
CA ARG A 96 4.04 2.79 12.74
C ARG A 96 4.61 1.47 13.27
N THR A 97 5.79 1.11 12.79
CA THR A 97 6.45 -0.13 13.21
C THR A 97 6.63 -0.16 14.72
N PRO A 98 6.30 -1.31 15.33
CA PRO A 98 6.43 -1.50 16.78
C PRO A 98 7.89 -1.56 17.23
N GLU A 99 8.31 -0.54 17.97
CA GLU A 99 9.68 -0.47 18.47
C GLU A 99 10.06 -1.77 19.17
N ASP A 100 11.36 -1.95 19.40
CA ASP A 100 11.86 -3.14 20.07
C ASP A 100 11.61 -3.07 21.57
N LEU A 101 12.10 -2.01 22.19
CA LEU A 101 11.94 -1.83 23.64
C LEU A 101 10.66 -1.04 23.94
N SER A 102 10.04 -1.36 25.06
CA SER A 102 8.81 -0.68 25.48
C SER A 102 9.07 0.24 26.67
N GLY A 103 10.02 -0.15 27.51
CA GLY A 103 10.35 0.65 28.68
C GLY A 103 10.55 2.12 28.33
N PRO A 104 9.75 2.99 28.98
CA PRO A 104 9.82 4.44 28.76
C PRO A 104 11.11 5.05 29.31
N SER A 105 11.79 5.82 28.48
CA SER A 105 13.05 6.46 28.88
C SER A 105 12.84 7.30 30.14
N SER A 106 11.87 8.22 30.10
CA SER A 106 11.58 9.08 31.23
C SER A 106 10.27 9.83 31.01
N GLY A 107 9.28 9.52 31.84
CA GLY A 107 7.99 10.17 31.73
C GLY A 107 7.01 9.39 30.87
N GLY A 1 -4.94 12.62 -25.02
CA GLY A 1 -4.35 11.81 -23.98
C GLY A 1 -5.33 10.83 -23.37
N SER A 2 -5.32 10.73 -22.05
CA SER A 2 -6.22 9.82 -21.35
C SER A 2 -7.65 9.97 -21.84
N SER A 3 -8.08 9.05 -22.69
CA SER A 3 -9.43 9.08 -23.24
C SER A 3 -10.47 8.80 -22.16
N GLY A 4 -10.25 7.72 -21.41
CA GLY A 4 -11.17 7.35 -20.35
C GLY A 4 -10.84 8.04 -19.03
N SER A 5 -11.63 9.06 -18.69
CA SER A 5 -11.41 9.81 -17.45
C SER A 5 -11.86 8.98 -16.24
N SER A 6 -13.14 8.66 -16.20
CA SER A 6 -13.70 7.88 -15.10
C SER A 6 -12.81 6.69 -14.77
N GLY A 7 -12.45 6.56 -13.50
CA GLY A 7 -11.60 5.46 -13.08
C GLY A 7 -12.20 4.66 -11.94
N PRO A 8 -11.52 3.58 -11.55
CA PRO A 8 -11.98 2.70 -10.47
C PRO A 8 -11.88 3.38 -9.10
N GLY A 9 -12.59 2.83 -8.12
CA GLY A 9 -12.57 3.39 -6.78
C GLY A 9 -11.30 3.06 -6.03
N ARG A 10 -11.28 3.32 -4.73
CA ARG A 10 -10.11 3.05 -3.91
C ARG A 10 -10.14 1.62 -3.38
N PRO A 11 -9.05 0.88 -3.61
CA PRO A 11 -8.91 -0.51 -3.16
C PRO A 11 -8.79 -0.61 -1.64
N THR A 12 -9.16 -1.77 -1.11
CA THR A 12 -9.10 -2.00 0.33
C THR A 12 -7.74 -2.56 0.73
N MET A 13 -6.89 -1.71 1.27
CA MET A 13 -5.55 -2.12 1.71
C MET A 13 -5.53 -2.43 3.20
N MET A 14 -4.91 -3.54 3.57
CA MET A 14 -4.82 -3.94 4.96
C MET A 14 -3.38 -4.28 5.34
N ILE A 15 -2.73 -3.36 6.05
CA ILE A 15 -1.35 -3.56 6.47
C ILE A 15 -1.29 -4.14 7.89
N SER A 16 -0.49 -5.19 8.05
CA SER A 16 -0.34 -5.84 9.35
C SER A 16 1.12 -6.23 9.59
N THR A 17 1.58 -6.04 10.82
CA THR A 17 2.94 -6.38 11.19
C THR A 17 2.99 -7.61 12.10
N THR A 18 3.60 -8.67 11.59
CA THR A 18 3.72 -9.92 12.35
C THR A 18 5.17 -10.19 12.74
N ALA A 19 6.07 -10.10 11.75
CA ALA A 19 7.48 -10.35 11.99
C ALA A 19 8.20 -9.06 12.39
N MET A 20 9.48 -9.18 12.69
CA MET A 20 10.28 -8.02 13.09
C MET A 20 10.75 -7.24 11.86
N ASN A 21 10.43 -5.95 11.84
CA ASN A 21 10.81 -5.09 10.73
C ASN A 21 10.23 -5.61 9.41
N THR A 22 8.96 -5.99 9.45
CA THR A 22 8.29 -6.51 8.26
C THR A 22 6.81 -6.11 8.25
N ALA A 23 6.39 -5.48 7.16
CA ALA A 23 5.01 -5.04 7.01
C ALA A 23 4.27 -5.88 5.97
N LEU A 24 3.32 -6.69 6.43
CA LEU A 24 2.54 -7.55 5.54
C LEU A 24 1.48 -6.73 4.81
N LEU A 25 1.63 -6.63 3.49
CA LEU A 25 0.68 -5.89 2.67
C LEU A 25 -0.35 -6.82 2.05
N GLN A 26 -1.63 -6.53 2.28
CA GLN A 26 -2.71 -7.34 1.74
C GLN A 26 -3.91 -6.47 1.37
N TRP A 27 -4.25 -6.47 0.08
CA TRP A 27 -5.37 -5.68 -0.40
C TRP A 27 -6.31 -6.54 -1.24
N HIS A 28 -7.45 -5.97 -1.63
CA HIS A 28 -8.43 -6.67 -2.43
C HIS A 28 -9.01 -5.77 -3.51
N PRO A 29 -9.54 -6.39 -4.58
CA PRO A 29 -10.14 -5.65 -5.71
C PRO A 29 -11.45 -4.98 -5.32
N PRO A 30 -11.62 -3.71 -5.77
CA PRO A 30 -12.83 -2.93 -5.48
C PRO A 30 -14.04 -3.46 -6.23
N LYS A 31 -15.20 -2.86 -5.96
CA LYS A 31 -16.44 -3.28 -6.60
C LYS A 31 -16.95 -2.18 -7.54
N GLU A 32 -16.55 -0.95 -7.28
CA GLU A 32 -16.96 0.18 -8.11
C GLU A 32 -15.95 0.44 -9.23
N LEU A 33 -15.41 -0.65 -9.77
CA LEU A 33 -14.42 -0.54 -10.85
C LEU A 33 -15.08 -0.79 -12.20
N PRO A 34 -15.11 0.26 -13.04
CA PRO A 34 -15.71 0.17 -14.38
C PRO A 34 -14.88 -0.68 -15.33
N GLY A 35 -15.25 -1.94 -15.46
CA GLY A 35 -14.53 -2.84 -16.34
C GLY A 35 -14.00 -4.07 -15.62
N GLU A 36 -12.79 -4.48 -15.96
CA GLU A 36 -12.18 -5.65 -15.34
C GLU A 36 -10.80 -5.30 -14.74
N LEU A 37 -10.45 -5.98 -13.67
CA LEU A 37 -9.17 -5.74 -13.01
C LEU A 37 -8.01 -6.27 -13.86
N LEU A 38 -7.01 -5.42 -14.07
CA LEU A 38 -5.85 -5.80 -14.86
C LEU A 38 -4.57 -5.68 -14.04
N GLY A 39 -4.55 -4.70 -13.14
CA GLY A 39 -3.37 -4.50 -12.30
C GLY A 39 -3.52 -3.30 -11.39
N TYR A 40 -2.47 -3.02 -10.61
CA TYR A 40 -2.49 -1.89 -9.69
C TYR A 40 -1.07 -1.50 -9.28
N ARG A 41 -0.88 -0.23 -8.95
CA ARG A 41 0.42 0.27 -8.54
C ARG A 41 0.46 0.53 -7.04
N LEU A 42 1.61 0.27 -6.42
CA LEU A 42 1.77 0.49 -4.99
C LEU A 42 2.77 1.61 -4.71
N GLN A 43 2.40 2.51 -3.81
CA GLN A 43 3.25 3.63 -3.45
C GLN A 43 3.33 3.81 -1.94
N TYR A 44 4.52 3.60 -1.38
CA TYR A 44 4.72 3.73 0.06
C TYR A 44 6.10 4.31 0.36
N CYS A 45 6.15 5.26 1.30
CA CYS A 45 7.40 5.88 1.68
C CYS A 45 7.33 6.39 3.12
N ARG A 46 8.44 6.95 3.60
CA ARG A 46 8.52 7.47 4.95
C ARG A 46 7.53 8.62 5.15
N ALA A 47 7.26 8.97 6.39
CA ALA A 47 6.34 10.06 6.71
C ALA A 47 7.02 11.41 6.56
N ASP A 48 8.28 11.40 6.11
CA ASP A 48 9.04 12.62 5.92
C ASP A 48 9.60 12.69 4.50
N GLU A 49 9.13 11.80 3.63
CA GLU A 49 9.58 11.77 2.25
C GLU A 49 8.73 12.69 1.38
N ALA A 50 9.23 12.98 0.18
CA ALA A 50 8.52 13.85 -0.75
C ALA A 50 8.01 13.05 -1.95
N ARG A 51 8.73 11.98 -2.29
CA ARG A 51 8.36 11.14 -3.42
C ARG A 51 8.19 9.69 -2.98
N PRO A 52 6.97 9.16 -3.16
CA PRO A 52 6.66 7.77 -2.79
C PRO A 52 7.34 6.76 -3.71
N ASN A 53 7.54 5.55 -3.19
CA ASN A 53 8.19 4.50 -3.96
C ASN A 53 7.18 3.80 -4.87
N THR A 54 7.25 4.09 -6.16
CA THR A 54 6.35 3.49 -7.14
C THR A 54 6.68 2.02 -7.37
N ILE A 55 5.64 1.20 -7.44
CA ILE A 55 5.83 -0.24 -7.64
C ILE A 55 4.68 -0.82 -8.46
N ASP A 56 5.01 -1.72 -9.37
CA ASP A 56 4.01 -2.36 -10.22
C ASP A 56 3.57 -3.69 -9.63
N PHE A 57 2.28 -3.98 -9.73
CA PHE A 57 1.72 -5.23 -9.21
C PHE A 57 0.65 -5.78 -10.13
N GLY A 58 0.69 -7.09 -10.37
CA GLY A 58 -0.29 -7.72 -11.23
C GLY A 58 -1.60 -8.01 -10.52
N LYS A 59 -2.67 -8.10 -11.29
CA LYS A 59 -3.99 -8.38 -10.73
C LYS A 59 -3.92 -9.52 -9.73
N ASP A 60 -2.98 -10.44 -9.93
CA ASP A 60 -2.81 -11.58 -9.05
C ASP A 60 -2.20 -11.15 -7.72
N ASP A 61 -1.23 -10.24 -7.79
CA ASP A 61 -0.55 -9.74 -6.60
C ASP A 61 -1.54 -9.03 -5.67
N GLN A 62 -2.14 -9.78 -4.76
CA GLN A 62 -3.10 -9.23 -3.82
C GLN A 62 -2.43 -8.88 -2.49
N HIS A 63 -1.17 -9.25 -2.36
CA HIS A 63 -0.41 -8.99 -1.14
C HIS A 63 1.09 -8.89 -1.44
N PHE A 64 1.82 -8.21 -0.56
CA PHE A 64 3.26 -8.04 -0.73
C PHE A 64 3.98 -8.17 0.61
N THR A 65 5.14 -8.83 0.58
CA THR A 65 5.93 -9.04 1.79
C THR A 65 7.09 -8.05 1.86
N VAL A 66 6.96 -7.04 2.73
CA VAL A 66 8.00 -6.04 2.89
C VAL A 66 8.79 -6.27 4.17
N THR A 67 10.11 -6.36 4.03
CA THR A 67 10.99 -6.58 5.17
C THR A 67 12.15 -5.59 5.17
N GLY A 68 12.65 -5.28 6.36
CA GLY A 68 13.76 -4.35 6.48
C GLY A 68 13.30 -2.94 6.82
N LEU A 69 12.08 -2.83 7.34
CA LEU A 69 11.53 -1.54 7.70
C LEU A 69 12.14 -1.02 9.00
N HIS A 70 12.40 0.28 9.05
CA HIS A 70 12.99 0.90 10.24
C HIS A 70 11.95 1.01 11.36
N LYS A 71 12.19 0.27 12.44
CA LYS A 71 11.28 0.28 13.59
C LYS A 71 11.13 1.70 14.14
N GLY A 72 10.02 1.93 14.85
CA GLY A 72 9.78 3.24 15.43
C GLY A 72 9.67 4.33 14.37
N THR A 73 9.13 3.96 13.22
CA THR A 73 8.97 4.92 12.11
C THR A 73 7.61 4.76 11.45
N THR A 74 6.96 5.89 11.19
CA THR A 74 5.64 5.87 10.55
C THR A 74 5.77 5.87 9.04
N TYR A 75 4.97 5.02 8.38
CA TYR A 75 5.00 4.93 6.92
C TYR A 75 3.63 5.25 6.34
N ILE A 76 3.61 5.54 5.04
CA ILE A 76 2.37 5.87 4.35
C ILE A 76 2.21 5.05 3.07
N PHE A 77 1.38 4.02 3.13
CA PHE A 77 1.15 3.16 1.97
C PHE A 77 -0.04 3.67 1.15
N ARG A 78 0.11 3.61 -0.17
CA ARG A 78 -0.96 4.06 -1.06
C ARG A 78 -1.12 3.10 -2.23
N LEU A 79 -2.35 2.60 -2.42
CA LEU A 79 -2.64 1.68 -3.50
C LEU A 79 -3.72 2.23 -4.41
N ALA A 80 -3.79 1.70 -5.64
CA ALA A 80 -4.79 2.14 -6.60
C ALA A 80 -5.12 1.03 -7.59
N ALA A 81 -6.38 0.97 -8.01
CA ALA A 81 -6.83 -0.04 -8.95
C ALA A 81 -6.66 0.44 -10.39
N LYS A 82 -6.34 -0.49 -11.29
CA LYS A 82 -6.16 -0.16 -12.70
C LYS A 82 -7.05 -1.03 -13.58
N ASN A 83 -7.91 -0.39 -14.37
CA ASN A 83 -8.81 -1.11 -15.26
C ASN A 83 -8.54 -0.75 -16.71
N ARG A 84 -9.36 -1.28 -17.61
CA ARG A 84 -9.20 -1.02 -19.04
C ARG A 84 -9.03 0.47 -19.30
N ALA A 85 -9.70 1.30 -18.50
CA ALA A 85 -9.62 2.74 -18.65
C ALA A 85 -8.31 3.28 -18.06
N GLY A 86 -7.87 2.67 -16.96
CA GLY A 86 -6.64 3.09 -16.33
C GLY A 86 -6.75 3.13 -14.82
N LEU A 87 -5.76 3.73 -14.16
CA LEU A 87 -5.74 3.82 -12.71
C LEU A 87 -6.88 4.70 -12.21
N GLY A 88 -7.38 4.40 -11.01
CA GLY A 88 -8.46 5.18 -10.44
C GLY A 88 -8.09 5.82 -9.11
N GLU A 89 -9.06 5.92 -8.21
CA GLU A 89 -8.83 6.52 -6.91
C GLU A 89 -7.60 5.89 -6.24
N GLU A 90 -7.21 6.46 -5.10
CA GLU A 90 -6.05 5.96 -4.36
C GLU A 90 -6.36 5.87 -2.86
N PHE A 91 -6.03 4.74 -2.27
CA PHE A 91 -6.26 4.52 -0.84
C PHE A 91 -5.07 5.00 -0.01
N GLU A 92 -5.36 5.57 1.16
CA GLU A 92 -4.31 6.06 2.04
C GLU A 92 -4.37 5.37 3.40
N LYS A 93 -3.22 4.88 3.86
CA LYS A 93 -3.14 4.20 5.14
C LYS A 93 -1.86 4.57 5.88
N GLU A 94 -1.99 4.99 7.12
CA GLU A 94 -0.84 5.38 7.94
C GLU A 94 -0.60 4.37 9.06
N ILE A 95 0.61 3.82 9.09
CA ILE A 95 0.98 2.84 10.11
C ILE A 95 2.26 3.24 10.81
N ARG A 96 2.58 2.53 11.89
CA ARG A 96 3.80 2.80 12.66
C ARG A 96 4.38 1.52 13.23
N THR A 97 5.60 1.19 12.83
CA THR A 97 6.27 -0.02 13.30
C THR A 97 6.55 0.07 14.79
N PRO A 98 6.06 -0.94 15.55
CA PRO A 98 6.26 -0.99 17.00
C PRO A 98 7.70 -1.28 17.38
N GLU A 99 8.36 -0.29 17.97
CA GLU A 99 9.75 -0.45 18.39
C GLU A 99 9.94 -1.72 19.22
N ASP A 100 11.19 -2.01 19.56
CA ASP A 100 11.50 -3.20 20.35
C ASP A 100 12.28 -2.82 21.61
N LEU A 101 13.35 -2.05 21.42
CA LEU A 101 14.19 -1.62 22.54
C LEU A 101 13.32 -1.12 23.70
N SER A 102 13.65 -1.57 24.90
CA SER A 102 12.91 -1.17 26.09
C SER A 102 13.74 -1.40 27.35
N GLY A 103 13.59 -0.52 28.33
CA GLY A 103 14.33 -0.64 29.57
C GLY A 103 15.77 -0.19 29.43
N PRO A 104 16.22 0.67 30.37
CA PRO A 104 17.58 1.19 30.37
C PRO A 104 18.61 0.12 30.71
N SER A 105 19.89 0.48 30.63
CA SER A 105 20.97 -0.45 30.93
C SER A 105 20.91 -1.66 30.01
N SER A 106 20.67 -1.42 28.73
CA SER A 106 20.58 -2.50 27.75
C SER A 106 21.23 -2.09 26.43
N GLY A 107 21.30 -3.03 25.49
CA GLY A 107 21.90 -2.75 24.20
C GLY A 107 22.41 -4.00 23.52
#